data_3OJE
# 
_entry.id   3OJE 
# 
_audit_conform.dict_name       mmcif_pdbx.dic 
_audit_conform.dict_version    5.388 
_audit_conform.dict_location   http://mmcif.pdb.org/dictionaries/ascii/mmcif_pdbx.dic 
# 
loop_
_database_2.database_id 
_database_2.database_code 
_database_2.pdbx_database_accession 
_database_2.pdbx_DOI 
PDB   3OJE         pdb_00003oje 10.2210/pdb3oje/pdb 
RCSB  RCSB061190   ?            ?                   
WWPDB D_1000061190 ?            ?                   
# 
loop_
_pdbx_audit_revision_history.ordinal 
_pdbx_audit_revision_history.data_content_type 
_pdbx_audit_revision_history.major_revision 
_pdbx_audit_revision_history.minor_revision 
_pdbx_audit_revision_history.revision_date 
1 'Structure model' 1 0 2010-09-08 
2 'Structure model' 1 1 2011-07-13 
3 'Structure model' 1 2 2024-03-20 
# 
_pdbx_audit_revision_details.ordinal             1 
_pdbx_audit_revision_details.revision_ordinal    1 
_pdbx_audit_revision_details.data_content_type   'Structure model' 
_pdbx_audit_revision_details.provider            repository 
_pdbx_audit_revision_details.type                'Initial release' 
_pdbx_audit_revision_details.description         ? 
_pdbx_audit_revision_details.details             ? 
# 
loop_
_pdbx_audit_revision_group.ordinal 
_pdbx_audit_revision_group.revision_ordinal 
_pdbx_audit_revision_group.data_content_type 
_pdbx_audit_revision_group.group 
1 2 'Structure model' 'Version format compliance' 
2 3 'Structure model' 'Data collection'           
3 3 'Structure model' 'Database references'       
# 
loop_
_pdbx_audit_revision_category.ordinal 
_pdbx_audit_revision_category.revision_ordinal 
_pdbx_audit_revision_category.data_content_type 
_pdbx_audit_revision_category.category 
1 3 'Structure model' chem_comp_atom 
2 3 'Structure model' chem_comp_bond 
3 3 'Structure model' database_2     
# 
loop_
_pdbx_audit_revision_item.ordinal 
_pdbx_audit_revision_item.revision_ordinal 
_pdbx_audit_revision_item.data_content_type 
_pdbx_audit_revision_item.item 
1 3 'Structure model' '_database_2.pdbx_DOI'                
2 3 'Structure model' '_database_2.pdbx_database_accession' 
# 
_pdbx_database_status.status_code                     REL 
_pdbx_database_status.entry_id                        3OJE 
_pdbx_database_status.recvd_initial_deposition_date   2010-08-22 
_pdbx_database_status.deposit_site                    RCSB 
_pdbx_database_status.process_site                    PDBJ 
_pdbx_database_status.status_code_sf                  REL 
_pdbx_database_status.status_code_mr                  ? 
_pdbx_database_status.SG_entry                        ? 
_pdbx_database_status.pdb_format_compatible           Y 
_pdbx_database_status.status_code_cs                  ? 
_pdbx_database_status.status_code_nmr_data            ? 
_pdbx_database_status.methods_development_category    ? 
# 
_pdbx_database_related.db_name        PDB 
_pdbx_database_related.db_id          3OJF 
_pdbx_database_related.details        
'the Bacillus cereus Enoyl-Acyl Carrier Protein Reductase with NADP+ and indole naphthyridinone (Complex form)' 
_pdbx_database_related.content_type   unspecified 
# 
loop_
_audit_author.name 
_audit_author.pdbx_ordinal 
'Kim, S.J.'  1 
'Ha, B.H.'   2 
'Kim, K.H.'  3 
'Hong, S.K.' 4 
'Suh, S.W.'  5 
'Kim, E.E.'  6 
# 
_citation.id                        primary 
_citation.title                     'Dimeric and tetrameric forms of enoyl-acyl carrier protein reductase from Bacillus cereus' 
_citation.journal_abbrev            Biochem.Biophys.Res.Commun. 
_citation.journal_volume            400 
_citation.page_first                517 
_citation.page_last                 522 
_citation.year                      2010 
_citation.journal_id_ASTM           BBRCA9 
_citation.country                   US 
_citation.journal_id_ISSN           0006-291X 
_citation.journal_id_CSD            0146 
_citation.book_publisher            ? 
_citation.pdbx_database_id_PubMed   20800575 
_citation.pdbx_database_id_DOI      10.1016/j.bbrc.2010.08.083 
# 
loop_
_citation_author.citation_id 
_citation_author.name 
_citation_author.ordinal 
_citation_author.identifier_ORCID 
primary 'Kim, S.J.'  1 ? 
primary 'Ha, B.H.'   2 ? 
primary 'Kim, K.H.'  3 ? 
primary 'Hong, S.K.' 4 ? 
primary 'Shin, K.J.' 5 ? 
primary 'Suh, S.W.'  6 ? 
primary 'Kim, E.E.'  7 ? 
# 
loop_
_entity.id 
_entity.type 
_entity.src_method 
_entity.pdbx_description 
_entity.formula_weight 
_entity.pdbx_number_of_molecules 
_entity.pdbx_ec 
_entity.pdbx_mutation 
_entity.pdbx_fragment 
_entity.details 
1 polymer man 'Enoyl-[acyl-carrier-protein] reductase (FabL) (NADPH)' 27772.426 1 1.3.1.9 ? ? ? 
2 water   nat water                                                   18.015    9 ?       ? ? ? 
# 
_entity_name_com.entity_id   1 
_entity_name_com.name        'Enoyl-ACP Reductase' 
# 
_entity_poly.entity_id                      1 
_entity_poly.type                           'polypeptide(L)' 
_entity_poly.nstd_linkage                   no 
_entity_poly.nstd_monomer                   no 
_entity_poly.pdbx_seq_one_letter_code       
;MELLQGKTFVVMGVANQRSIAWGIARSLHNAGAKLIFTYAGERLERNVRELADTLEGQESLVLPCDVTNDEELTACFETI
KQEVGTIHGVAHCIAFANRDDLKGEFVDTSRDGFLLAQNISAFSLTAVAREAKKVMTEGGNILTLTYLGGERVVKNYNVM
GVAKASLEASVKYLANDLGQHGIRVNAISAGPIRTLSAKGVGDFNSILREIEERAPLRRTTTQEEVGDTAVFLFSDLARG
VTGENIHVDSGYHILG
;
_entity_poly.pdbx_seq_one_letter_code_can   
;MELLQGKTFVVMGVANQRSIAWGIARSLHNAGAKLIFTYAGERLERNVRELADTLEGQESLVLPCDVTNDEELTACFETI
KQEVGTIHGVAHCIAFANRDDLKGEFVDTSRDGFLLAQNISAFSLTAVAREAKKVMTEGGNILTLTYLGGERVVKNYNVM
GVAKASLEASVKYLANDLGQHGIRVNAISAGPIRTLSAKGVGDFNSILREIEERAPLRRTTTQEEVGDTAVFLFSDLARG
VTGENIHVDSGYHILG
;
_entity_poly.pdbx_strand_id                 A 
_entity_poly.pdbx_target_identifier         ? 
# 
_pdbx_entity_nonpoly.entity_id   2 
_pdbx_entity_nonpoly.name        water 
_pdbx_entity_nonpoly.comp_id     HOH 
# 
loop_
_entity_poly_seq.entity_id 
_entity_poly_seq.num 
_entity_poly_seq.mon_id 
_entity_poly_seq.hetero 
1 1   MET n 
1 2   GLU n 
1 3   LEU n 
1 4   LEU n 
1 5   GLN n 
1 6   GLY n 
1 7   LYS n 
1 8   THR n 
1 9   PHE n 
1 10  VAL n 
1 11  VAL n 
1 12  MET n 
1 13  GLY n 
1 14  VAL n 
1 15  ALA n 
1 16  ASN n 
1 17  GLN n 
1 18  ARG n 
1 19  SER n 
1 20  ILE n 
1 21  ALA n 
1 22  TRP n 
1 23  GLY n 
1 24  ILE n 
1 25  ALA n 
1 26  ARG n 
1 27  SER n 
1 28  LEU n 
1 29  HIS n 
1 30  ASN n 
1 31  ALA n 
1 32  GLY n 
1 33  ALA n 
1 34  LYS n 
1 35  LEU n 
1 36  ILE n 
1 37  PHE n 
1 38  THR n 
1 39  TYR n 
1 40  ALA n 
1 41  GLY n 
1 42  GLU n 
1 43  ARG n 
1 44  LEU n 
1 45  GLU n 
1 46  ARG n 
1 47  ASN n 
1 48  VAL n 
1 49  ARG n 
1 50  GLU n 
1 51  LEU n 
1 52  ALA n 
1 53  ASP n 
1 54  THR n 
1 55  LEU n 
1 56  GLU n 
1 57  GLY n 
1 58  GLN n 
1 59  GLU n 
1 60  SER n 
1 61  LEU n 
1 62  VAL n 
1 63  LEU n 
1 64  PRO n 
1 65  CYS n 
1 66  ASP n 
1 67  VAL n 
1 68  THR n 
1 69  ASN n 
1 70  ASP n 
1 71  GLU n 
1 72  GLU n 
1 73  LEU n 
1 74  THR n 
1 75  ALA n 
1 76  CYS n 
1 77  PHE n 
1 78  GLU n 
1 79  THR n 
1 80  ILE n 
1 81  LYS n 
1 82  GLN n 
1 83  GLU n 
1 84  VAL n 
1 85  GLY n 
1 86  THR n 
1 87  ILE n 
1 88  HIS n 
1 89  GLY n 
1 90  VAL n 
1 91  ALA n 
1 92  HIS n 
1 93  CYS n 
1 94  ILE n 
1 95  ALA n 
1 96  PHE n 
1 97  ALA n 
1 98  ASN n 
1 99  ARG n 
1 100 ASP n 
1 101 ASP n 
1 102 LEU n 
1 103 LYS n 
1 104 GLY n 
1 105 GLU n 
1 106 PHE n 
1 107 VAL n 
1 108 ASP n 
1 109 THR n 
1 110 SER n 
1 111 ARG n 
1 112 ASP n 
1 113 GLY n 
1 114 PHE n 
1 115 LEU n 
1 116 LEU n 
1 117 ALA n 
1 118 GLN n 
1 119 ASN n 
1 120 ILE n 
1 121 SER n 
1 122 ALA n 
1 123 PHE n 
1 124 SER n 
1 125 LEU n 
1 126 THR n 
1 127 ALA n 
1 128 VAL n 
1 129 ALA n 
1 130 ARG n 
1 131 GLU n 
1 132 ALA n 
1 133 LYS n 
1 134 LYS n 
1 135 VAL n 
1 136 MET n 
1 137 THR n 
1 138 GLU n 
1 139 GLY n 
1 140 GLY n 
1 141 ASN n 
1 142 ILE n 
1 143 LEU n 
1 144 THR n 
1 145 LEU n 
1 146 THR n 
1 147 TYR n 
1 148 LEU n 
1 149 GLY n 
1 150 GLY n 
1 151 GLU n 
1 152 ARG n 
1 153 VAL n 
1 154 VAL n 
1 155 LYS n 
1 156 ASN n 
1 157 TYR n 
1 158 ASN n 
1 159 VAL n 
1 160 MET n 
1 161 GLY n 
1 162 VAL n 
1 163 ALA n 
1 164 LYS n 
1 165 ALA n 
1 166 SER n 
1 167 LEU n 
1 168 GLU n 
1 169 ALA n 
1 170 SER n 
1 171 VAL n 
1 172 LYS n 
1 173 TYR n 
1 174 LEU n 
1 175 ALA n 
1 176 ASN n 
1 177 ASP n 
1 178 LEU n 
1 179 GLY n 
1 180 GLN n 
1 181 HIS n 
1 182 GLY n 
1 183 ILE n 
1 184 ARG n 
1 185 VAL n 
1 186 ASN n 
1 187 ALA n 
1 188 ILE n 
1 189 SER n 
1 190 ALA n 
1 191 GLY n 
1 192 PRO n 
1 193 ILE n 
1 194 ARG n 
1 195 THR n 
1 196 LEU n 
1 197 SER n 
1 198 ALA n 
1 199 LYS n 
1 200 GLY n 
1 201 VAL n 
1 202 GLY n 
1 203 ASP n 
1 204 PHE n 
1 205 ASN n 
1 206 SER n 
1 207 ILE n 
1 208 LEU n 
1 209 ARG n 
1 210 GLU n 
1 211 ILE n 
1 212 GLU n 
1 213 GLU n 
1 214 ARG n 
1 215 ALA n 
1 216 PRO n 
1 217 LEU n 
1 218 ARG n 
1 219 ARG n 
1 220 THR n 
1 221 THR n 
1 222 THR n 
1 223 GLN n 
1 224 GLU n 
1 225 GLU n 
1 226 VAL n 
1 227 GLY n 
1 228 ASP n 
1 229 THR n 
1 230 ALA n 
1 231 VAL n 
1 232 PHE n 
1 233 LEU n 
1 234 PHE n 
1 235 SER n 
1 236 ASP n 
1 237 LEU n 
1 238 ALA n 
1 239 ARG n 
1 240 GLY n 
1 241 VAL n 
1 242 THR n 
1 243 GLY n 
1 244 GLU n 
1 245 ASN n 
1 246 ILE n 
1 247 HIS n 
1 248 VAL n 
1 249 ASP n 
1 250 SER n 
1 251 GLY n 
1 252 TYR n 
1 253 HIS n 
1 254 ILE n 
1 255 LEU n 
1 256 GLY n 
# 
_entity_src_gen.entity_id                          1 
_entity_src_gen.pdbx_src_id                        1 
_entity_src_gen.pdbx_alt_source_flag               sample 
_entity_src_gen.pdbx_seq_type                      ? 
_entity_src_gen.pdbx_beg_seq_num                   ? 
_entity_src_gen.pdbx_end_seq_num                   ? 
_entity_src_gen.gene_src_common_name               ? 
_entity_src_gen.gene_src_genus                     ? 
_entity_src_gen.pdbx_gene_src_gene                 BC_1216 
_entity_src_gen.gene_src_species                   ? 
_entity_src_gen.gene_src_strain                    'ATCC 14579/DSM31' 
_entity_src_gen.gene_src_tissue                    ? 
_entity_src_gen.gene_src_tissue_fraction           ? 
_entity_src_gen.gene_src_details                   ? 
_entity_src_gen.pdbx_gene_src_fragment             ? 
_entity_src_gen.pdbx_gene_src_scientific_name      'Bacillus cereus' 
_entity_src_gen.pdbx_gene_src_ncbi_taxonomy_id     226900 
_entity_src_gen.pdbx_gene_src_variant              ? 
_entity_src_gen.pdbx_gene_src_cell_line            ? 
_entity_src_gen.pdbx_gene_src_atcc                 ? 
_entity_src_gen.pdbx_gene_src_organ                ? 
_entity_src_gen.pdbx_gene_src_organelle            ? 
_entity_src_gen.pdbx_gene_src_cell                 ? 
_entity_src_gen.pdbx_gene_src_cellular_location    ? 
_entity_src_gen.host_org_common_name               ? 
_entity_src_gen.pdbx_host_org_scientific_name      'Escherichia coli' 
_entity_src_gen.pdbx_host_org_ncbi_taxonomy_id     469008 
_entity_src_gen.host_org_genus                     ? 
_entity_src_gen.pdbx_host_org_gene                 ? 
_entity_src_gen.pdbx_host_org_organ                ? 
_entity_src_gen.host_org_species                   ? 
_entity_src_gen.pdbx_host_org_tissue               ? 
_entity_src_gen.pdbx_host_org_tissue_fraction      ? 
_entity_src_gen.pdbx_host_org_strain               'BL21 (DE3)' 
_entity_src_gen.pdbx_host_org_variant              ? 
_entity_src_gen.pdbx_host_org_cell_line            ? 
_entity_src_gen.pdbx_host_org_atcc                 ? 
_entity_src_gen.pdbx_host_org_culture_collection   ? 
_entity_src_gen.pdbx_host_org_cell                 ? 
_entity_src_gen.pdbx_host_org_organelle            ? 
_entity_src_gen.pdbx_host_org_cellular_location    ? 
_entity_src_gen.pdbx_host_org_vector_type          plasmid 
_entity_src_gen.pdbx_host_org_vector               ? 
_entity_src_gen.host_org_details                   ? 
_entity_src_gen.expression_system_id               ? 
_entity_src_gen.plasmid_name                       pET28a 
_entity_src_gen.plasmid_details                    ? 
_entity_src_gen.pdbx_description                   ? 
# 
loop_
_chem_comp.id 
_chem_comp.type 
_chem_comp.mon_nstd_flag 
_chem_comp.name 
_chem_comp.pdbx_synonyms 
_chem_comp.formula 
_chem_comp.formula_weight 
ALA 'L-peptide linking' y ALANINE         ? 'C3 H7 N O2'     89.093  
ARG 'L-peptide linking' y ARGININE        ? 'C6 H15 N4 O2 1' 175.209 
ASN 'L-peptide linking' y ASPARAGINE      ? 'C4 H8 N2 O3'    132.118 
ASP 'L-peptide linking' y 'ASPARTIC ACID' ? 'C4 H7 N O4'     133.103 
CYS 'L-peptide linking' y CYSTEINE        ? 'C3 H7 N O2 S'   121.158 
GLN 'L-peptide linking' y GLUTAMINE       ? 'C5 H10 N2 O3'   146.144 
GLU 'L-peptide linking' y 'GLUTAMIC ACID' ? 'C5 H9 N O4'     147.129 
GLY 'peptide linking'   y GLYCINE         ? 'C2 H5 N O2'     75.067  
HIS 'L-peptide linking' y HISTIDINE       ? 'C6 H10 N3 O2 1' 156.162 
HOH non-polymer         . WATER           ? 'H2 O'           18.015  
ILE 'L-peptide linking' y ISOLEUCINE      ? 'C6 H13 N O2'    131.173 
LEU 'L-peptide linking' y LEUCINE         ? 'C6 H13 N O2'    131.173 
LYS 'L-peptide linking' y LYSINE          ? 'C6 H15 N2 O2 1' 147.195 
MET 'L-peptide linking' y METHIONINE      ? 'C5 H11 N O2 S'  149.211 
PHE 'L-peptide linking' y PHENYLALANINE   ? 'C9 H11 N O2'    165.189 
PRO 'L-peptide linking' y PROLINE         ? 'C5 H9 N O2'     115.130 
SER 'L-peptide linking' y SERINE          ? 'C3 H7 N O3'     105.093 
THR 'L-peptide linking' y THREONINE       ? 'C4 H9 N O3'     119.119 
TRP 'L-peptide linking' y TRYPTOPHAN      ? 'C11 H12 N2 O2'  204.225 
TYR 'L-peptide linking' y TYROSINE        ? 'C9 H11 N O3'    181.189 
VAL 'L-peptide linking' y VALINE          ? 'C5 H11 N O2'    117.146 
# 
loop_
_pdbx_poly_seq_scheme.asym_id 
_pdbx_poly_seq_scheme.entity_id 
_pdbx_poly_seq_scheme.seq_id 
_pdbx_poly_seq_scheme.mon_id 
_pdbx_poly_seq_scheme.ndb_seq_num 
_pdbx_poly_seq_scheme.pdb_seq_num 
_pdbx_poly_seq_scheme.auth_seq_num 
_pdbx_poly_seq_scheme.pdb_mon_id 
_pdbx_poly_seq_scheme.auth_mon_id 
_pdbx_poly_seq_scheme.pdb_strand_id 
_pdbx_poly_seq_scheme.pdb_ins_code 
_pdbx_poly_seq_scheme.hetero 
A 1 1   MET 1   1   1   MET MET A . n 
A 1 2   GLU 2   2   2   GLU GLU A . n 
A 1 3   LEU 3   3   3   LEU LEU A . n 
A 1 4   LEU 4   4   4   LEU LEU A . n 
A 1 5   GLN 5   5   5   GLN GLN A . n 
A 1 6   GLY 6   6   6   GLY GLY A . n 
A 1 7   LYS 7   7   7   LYS LYS A . n 
A 1 8   THR 8   8   8   THR THR A . n 
A 1 9   PHE 9   9   9   PHE PHE A . n 
A 1 10  VAL 10  10  10  VAL VAL A . n 
A 1 11  VAL 11  11  11  VAL VAL A . n 
A 1 12  MET 12  12  12  MET MET A . n 
A 1 13  GLY 13  13  13  GLY GLY A . n 
A 1 14  VAL 14  14  14  VAL VAL A . n 
A 1 15  ALA 15  15  15  ALA ALA A . n 
A 1 16  ASN 16  16  16  ASN ASN A . n 
A 1 17  GLN 17  17  17  GLN GLN A . n 
A 1 18  ARG 18  18  18  ARG ARG A . n 
A 1 19  SER 19  19  19  SER SER A . n 
A 1 20  ILE 20  20  20  ILE ILE A . n 
A 1 21  ALA 21  21  21  ALA ALA A . n 
A 1 22  TRP 22  22  22  TRP TRP A . n 
A 1 23  GLY 23  23  23  GLY GLY A . n 
A 1 24  ILE 24  24  24  ILE ILE A . n 
A 1 25  ALA 25  25  25  ALA ALA A . n 
A 1 26  ARG 26  26  26  ARG ARG A . n 
A 1 27  SER 27  27  27  SER SER A . n 
A 1 28  LEU 28  28  28  LEU LEU A . n 
A 1 29  HIS 29  29  29  HIS HIS A . n 
A 1 30  ASN 30  30  30  ASN ASN A . n 
A 1 31  ALA 31  31  31  ALA ALA A . n 
A 1 32  GLY 32  32  32  GLY GLY A . n 
A 1 33  ALA 33  33  33  ALA ALA A . n 
A 1 34  LYS 34  34  34  LYS LYS A . n 
A 1 35  LEU 35  35  35  LEU LEU A . n 
A 1 36  ILE 36  36  36  ILE ILE A . n 
A 1 37  PHE 37  37  37  PHE PHE A . n 
A 1 38  THR 38  38  38  THR THR A . n 
A 1 39  TYR 39  39  39  TYR TYR A . n 
A 1 40  ALA 40  40  40  ALA ALA A . n 
A 1 41  GLY 41  41  41  GLY GLY A . n 
A 1 42  GLU 42  42  42  GLU GLU A . n 
A 1 43  ARG 43  43  43  ARG ARG A . n 
A 1 44  LEU 44  44  44  LEU LEU A . n 
A 1 45  GLU 45  45  45  GLU GLU A . n 
A 1 46  ARG 46  46  46  ARG ARG A . n 
A 1 47  ASN 47  47  47  ASN ASN A . n 
A 1 48  VAL 48  48  48  VAL VAL A . n 
A 1 49  ARG 49  49  49  ARG ARG A . n 
A 1 50  GLU 50  50  50  GLU GLU A . n 
A 1 51  LEU 51  51  51  LEU LEU A . n 
A 1 52  ALA 52  52  52  ALA ALA A . n 
A 1 53  ASP 53  53  53  ASP ASP A . n 
A 1 54  THR 54  54  54  THR THR A . n 
A 1 55  LEU 55  55  55  LEU LEU A . n 
A 1 56  GLU 56  56  56  GLU GLU A . n 
A 1 57  GLY 57  57  57  GLY GLY A . n 
A 1 58  GLN 58  58  58  GLN GLN A . n 
A 1 59  GLU 59  59  59  GLU GLU A . n 
A 1 60  SER 60  60  60  SER SER A . n 
A 1 61  LEU 61  61  61  LEU LEU A . n 
A 1 62  VAL 62  62  62  VAL VAL A . n 
A 1 63  LEU 63  63  63  LEU LEU A . n 
A 1 64  PRO 64  64  64  PRO PRO A . n 
A 1 65  CYS 65  65  65  CYS CYS A . n 
A 1 66  ASP 66  66  66  ASP ASP A . n 
A 1 67  VAL 67  67  67  VAL VAL A . n 
A 1 68  THR 68  68  68  THR THR A . n 
A 1 69  ASN 69  69  69  ASN ASN A . n 
A 1 70  ASP 70  70  70  ASP ASP A . n 
A 1 71  GLU 71  71  71  GLU GLU A . n 
A 1 72  GLU 72  72  72  GLU GLU A . n 
A 1 73  LEU 73  73  73  LEU LEU A . n 
A 1 74  THR 74  74  74  THR THR A . n 
A 1 75  ALA 75  75  75  ALA ALA A . n 
A 1 76  CYS 76  76  76  CYS CYS A . n 
A 1 77  PHE 77  77  77  PHE PHE A . n 
A 1 78  GLU 78  78  78  GLU GLU A . n 
A 1 79  THR 79  79  79  THR THR A . n 
A 1 80  ILE 80  80  80  ILE ILE A . n 
A 1 81  LYS 81  81  81  LYS LYS A . n 
A 1 82  GLN 82  82  82  GLN GLN A . n 
A 1 83  GLU 83  83  83  GLU GLU A . n 
A 1 84  VAL 84  84  84  VAL VAL A . n 
A 1 85  GLY 85  85  85  GLY GLY A . n 
A 1 86  THR 86  86  86  THR THR A . n 
A 1 87  ILE 87  87  87  ILE ILE A . n 
A 1 88  HIS 88  88  88  HIS HIS A . n 
A 1 89  GLY 89  89  89  GLY GLY A . n 
A 1 90  VAL 90  90  90  VAL VAL A . n 
A 1 91  ALA 91  91  91  ALA ALA A . n 
A 1 92  HIS 92  92  92  HIS HIS A . n 
A 1 93  CYS 93  93  93  CYS CYS A . n 
A 1 94  ILE 94  94  94  ILE ILE A . n 
A 1 95  ALA 95  95  95  ALA ALA A . n 
A 1 96  PHE 96  96  96  PHE PHE A . n 
A 1 97  ALA 97  97  97  ALA ALA A . n 
A 1 98  ASN 98  98  98  ASN ASN A . n 
A 1 99  ARG 99  99  99  ARG ARG A . n 
A 1 100 ASP 100 100 100 ASP ASP A . n 
A 1 101 ASP 101 101 101 ASP ASP A . n 
A 1 102 LEU 102 102 ?   ?   ?   A . n 
A 1 103 LYS 103 103 ?   ?   ?   A . n 
A 1 104 GLY 104 104 ?   ?   ?   A . n 
A 1 105 GLU 105 105 ?   ?   ?   A . n 
A 1 106 PHE 106 106 ?   ?   ?   A . n 
A 1 107 VAL 107 107 ?   ?   ?   A . n 
A 1 108 ASP 108 108 ?   ?   ?   A . n 
A 1 109 THR 109 109 ?   ?   ?   A . n 
A 1 110 SER 110 110 ?   ?   ?   A . n 
A 1 111 ARG 111 111 ?   ?   ?   A . n 
A 1 112 ASP 112 112 ?   ?   ?   A . n 
A 1 113 GLY 113 113 ?   ?   ?   A . n 
A 1 114 PHE 114 114 ?   ?   ?   A . n 
A 1 115 LEU 115 115 ?   ?   ?   A . n 
A 1 116 LEU 116 116 ?   ?   ?   A . n 
A 1 117 ALA 117 117 ?   ?   ?   A . n 
A 1 118 GLN 118 118 118 GLN GLN A . n 
A 1 119 ASN 119 119 119 ASN ASN A . n 
A 1 120 ILE 120 120 120 ILE ILE A . n 
A 1 121 SER 121 121 121 SER SER A . n 
A 1 122 ALA 122 122 122 ALA ALA A . n 
A 1 123 PHE 123 123 123 PHE PHE A . n 
A 1 124 SER 124 124 124 SER SER A . n 
A 1 125 LEU 125 125 125 LEU LEU A . n 
A 1 126 THR 126 126 126 THR THR A . n 
A 1 127 ALA 127 127 127 ALA ALA A . n 
A 1 128 VAL 128 128 128 VAL VAL A . n 
A 1 129 ALA 129 129 129 ALA ALA A . n 
A 1 130 ARG 130 130 130 ARG ARG A . n 
A 1 131 GLU 131 131 131 GLU GLU A . n 
A 1 132 ALA 132 132 132 ALA ALA A . n 
A 1 133 LYS 133 133 133 LYS LYS A . n 
A 1 134 LYS 134 134 134 LYS LYS A . n 
A 1 135 VAL 135 135 135 VAL VAL A . n 
A 1 136 MET 136 136 136 MET MET A . n 
A 1 137 THR 137 137 137 THR THR A . n 
A 1 138 GLU 138 138 138 GLU GLU A . n 
A 1 139 GLY 139 139 139 GLY GLY A . n 
A 1 140 GLY 140 140 140 GLY GLY A . n 
A 1 141 ASN 141 141 141 ASN ASN A . n 
A 1 142 ILE 142 142 142 ILE ILE A . n 
A 1 143 LEU 143 143 143 LEU LEU A . n 
A 1 144 THR 144 144 144 THR THR A . n 
A 1 145 LEU 145 145 145 LEU LEU A . n 
A 1 146 THR 146 146 146 THR THR A . n 
A 1 147 TYR 147 147 147 TYR TYR A . n 
A 1 148 LEU 148 148 148 LEU LEU A . n 
A 1 149 GLY 149 149 ?   ?   ?   A . n 
A 1 150 GLY 150 150 ?   ?   ?   A . n 
A 1 151 GLU 151 151 ?   ?   ?   A . n 
A 1 152 ARG 152 152 ?   ?   ?   A . n 
A 1 153 VAL 153 153 ?   ?   ?   A . n 
A 1 154 VAL 154 154 ?   ?   ?   A . n 
A 1 155 LYS 155 155 ?   ?   ?   A . n 
A 1 156 ASN 156 156 ?   ?   ?   A . n 
A 1 157 TYR 157 157 ?   ?   ?   A . n 
A 1 158 ASN 158 158 ?   ?   ?   A . n 
A 1 159 VAL 159 159 ?   ?   ?   A . n 
A 1 160 MET 160 160 ?   ?   ?   A . n 
A 1 161 GLY 161 161 161 GLY GLY A . n 
A 1 162 VAL 162 162 162 VAL VAL A . n 
A 1 163 ALA 163 163 163 ALA ALA A . n 
A 1 164 LYS 164 164 164 LYS LYS A . n 
A 1 165 ALA 165 165 165 ALA ALA A . n 
A 1 166 SER 166 166 166 SER SER A . n 
A 1 167 LEU 167 167 167 LEU LEU A . n 
A 1 168 GLU 168 168 168 GLU GLU A . n 
A 1 169 ALA 169 169 169 ALA ALA A . n 
A 1 170 SER 170 170 170 SER SER A . n 
A 1 171 VAL 171 171 171 VAL VAL A . n 
A 1 172 LYS 172 172 172 LYS LYS A . n 
A 1 173 TYR 173 173 173 TYR TYR A . n 
A 1 174 LEU 174 174 174 LEU LEU A . n 
A 1 175 ALA 175 175 175 ALA ALA A . n 
A 1 176 ASN 176 176 176 ASN ASN A . n 
A 1 177 ASP 177 177 177 ASP ASP A . n 
A 1 178 LEU 178 178 178 LEU LEU A . n 
A 1 179 GLY 179 179 179 GLY GLY A . n 
A 1 180 GLN 180 180 180 GLN GLN A . n 
A 1 181 HIS 181 181 181 HIS HIS A . n 
A 1 182 GLY 182 182 182 GLY GLY A . n 
A 1 183 ILE 183 183 183 ILE ILE A . n 
A 1 184 ARG 184 184 184 ARG ARG A . n 
A 1 185 VAL 185 185 185 VAL VAL A . n 
A 1 186 ASN 186 186 186 ASN ASN A . n 
A 1 187 ALA 187 187 187 ALA ALA A . n 
A 1 188 ILE 188 188 188 ILE ILE A . n 
A 1 189 SER 189 189 189 SER SER A . n 
A 1 190 ALA 190 190 190 ALA ALA A . n 
A 1 191 GLY 191 191 191 GLY GLY A . n 
A 1 192 PRO 192 192 192 PRO PRO A . n 
A 1 193 ILE 193 193 193 ILE ILE A . n 
A 1 194 ARG 194 194 194 ARG ARG A . n 
A 1 195 THR 195 195 195 THR THR A . n 
A 1 196 LEU 196 196 196 LEU LEU A . n 
A 1 197 SER 197 197 ?   ?   ?   A . n 
A 1 198 ALA 198 198 ?   ?   ?   A . n 
A 1 199 LYS 199 199 ?   ?   ?   A . n 
A 1 200 GLY 200 200 ?   ?   ?   A . n 
A 1 201 VAL 201 201 ?   ?   ?   A . n 
A 1 202 GLY 202 202 ?   ?   ?   A . n 
A 1 203 ASP 203 203 203 ASP ASP A . n 
A 1 204 PHE 204 204 204 PHE PHE A . n 
A 1 205 ASN 205 205 205 ASN ASN A . n 
A 1 206 SER 206 206 206 SER SER A . n 
A 1 207 ILE 207 207 207 ILE ILE A . n 
A 1 208 LEU 208 208 208 LEU LEU A . n 
A 1 209 ARG 209 209 209 ARG ARG A . n 
A 1 210 GLU 210 210 210 GLU GLU A . n 
A 1 211 ILE 211 211 211 ILE ILE A . n 
A 1 212 GLU 212 212 212 GLU GLU A . n 
A 1 213 GLU 213 213 213 GLU GLU A . n 
A 1 214 ARG 214 214 214 ARG ARG A . n 
A 1 215 ALA 215 215 215 ALA ALA A . n 
A 1 216 PRO 216 216 216 PRO PRO A . n 
A 1 217 LEU 217 217 217 LEU LEU A . n 
A 1 218 ARG 218 218 218 ARG ARG A . n 
A 1 219 ARG 219 219 219 ARG ARG A . n 
A 1 220 THR 220 220 220 THR THR A . n 
A 1 221 THR 221 221 221 THR THR A . n 
A 1 222 THR 222 222 222 THR THR A . n 
A 1 223 GLN 223 223 223 GLN GLN A . n 
A 1 224 GLU 224 224 224 GLU GLU A . n 
A 1 225 GLU 225 225 225 GLU GLU A . n 
A 1 226 VAL 226 226 226 VAL VAL A . n 
A 1 227 GLY 227 227 227 GLY GLY A . n 
A 1 228 ASP 228 228 228 ASP ASP A . n 
A 1 229 THR 229 229 229 THR THR A . n 
A 1 230 ALA 230 230 230 ALA ALA A . n 
A 1 231 VAL 231 231 231 VAL VAL A . n 
A 1 232 PHE 232 232 232 PHE PHE A . n 
A 1 233 LEU 233 233 233 LEU LEU A . n 
A 1 234 PHE 234 234 234 PHE PHE A . n 
A 1 235 SER 235 235 235 SER SER A . n 
A 1 236 ASP 236 236 236 ASP ASP A . n 
A 1 237 LEU 237 237 237 LEU LEU A . n 
A 1 238 ALA 238 238 238 ALA ALA A . n 
A 1 239 ARG 239 239 239 ARG ARG A . n 
A 1 240 GLY 240 240 240 GLY GLY A . n 
A 1 241 VAL 241 241 241 VAL VAL A . n 
A 1 242 THR 242 242 242 THR THR A . n 
A 1 243 GLY 243 243 243 GLY GLY A . n 
A 1 244 GLU 244 244 244 GLU GLU A . n 
A 1 245 ASN 245 245 245 ASN ASN A . n 
A 1 246 ILE 246 246 246 ILE ILE A . n 
A 1 247 HIS 247 247 247 HIS HIS A . n 
A 1 248 VAL 248 248 248 VAL VAL A . n 
A 1 249 ASP 249 249 249 ASP ASP A . n 
A 1 250 SER 250 250 250 SER SER A . n 
A 1 251 GLY 251 251 251 GLY GLY A . n 
A 1 252 TYR 252 252 252 TYR TYR A . n 
A 1 253 HIS 253 253 253 HIS HIS A . n 
A 1 254 ILE 254 254 254 ILE ILE A . n 
A 1 255 LEU 255 255 255 LEU LEU A . n 
A 1 256 GLY 256 256 256 GLY GLY A . n 
# 
loop_
_pdbx_nonpoly_scheme.asym_id 
_pdbx_nonpoly_scheme.entity_id 
_pdbx_nonpoly_scheme.mon_id 
_pdbx_nonpoly_scheme.ndb_seq_num 
_pdbx_nonpoly_scheme.pdb_seq_num 
_pdbx_nonpoly_scheme.auth_seq_num 
_pdbx_nonpoly_scheme.pdb_mon_id 
_pdbx_nonpoly_scheme.auth_mon_id 
_pdbx_nonpoly_scheme.pdb_strand_id 
_pdbx_nonpoly_scheme.pdb_ins_code 
B 2 HOH 1 258 258 HOH HOH A . 
B 2 HOH 2 259 259 HOH HOH A . 
B 2 HOH 3 260 260 HOH HOH A . 
B 2 HOH 4 261 261 HOH HOH A . 
B 2 HOH 5 262 262 HOH HOH A . 
B 2 HOH 6 263 263 HOH HOH A . 
B 2 HOH 7 264 264 HOH HOH A . 
B 2 HOH 8 265 265 HOH HOH A . 
B 2 HOH 9 266 266 HOH HOH A . 
# 
loop_
_software.name 
_software.classification 
_software.version 
_software.citation_id 
_software.pdbx_ordinal 
HKL-2000 'data collection' . ? 1 
CNS      refinement        . ? 2 
HKL-2000 'data reduction'  . ? 3 
HKL-2000 'data scaling'    . ? 4 
CNS      phasing           . ? 5 
# 
_cell.entry_id           3OJE 
_cell.length_a           83.148 
_cell.length_b           95.528 
_cell.length_c           67.109 
_cell.angle_alpha        90.00 
_cell.angle_beta         90.00 
_cell.angle_gamma        90.00 
_cell.Z_PDB              8 
_cell.pdbx_unique_axis   ? 
_cell.length_a_esd       ? 
_cell.length_b_esd       ? 
_cell.length_c_esd       ? 
_cell.angle_alpha_esd    ? 
_cell.angle_beta_esd     ? 
_cell.angle_gamma_esd    ? 
# 
_symmetry.entry_id                         3OJE 
_symmetry.space_group_name_H-M             'C 2 2 21' 
_symmetry.pdbx_full_space_group_name_H-M   ? 
_symmetry.cell_setting                     ? 
_symmetry.Int_Tables_number                20 
_symmetry.space_group_name_Hall            ? 
# 
_exptl.entry_id          3OJE 
_exptl.method            'X-RAY DIFFRACTION' 
_exptl.crystals_number   1 
# 
_exptl_crystal.id                    1 
_exptl_crystal.density_meas          ? 
_exptl_crystal.density_Matthews      2.40 
_exptl_crystal.density_percent_sol   48.73 
_exptl_crystal.description           ? 
_exptl_crystal.F_000                 ? 
_exptl_crystal.preparation           ? 
# 
_exptl_crystal_grow.crystal_id      1 
_exptl_crystal_grow.method          'VAPOR DIFFUSION, HANGING DROP' 
_exptl_crystal_grow.temp            295.0 
_exptl_crystal_grow.temp_details    ? 
_exptl_crystal_grow.pH              5.6 
_exptl_crystal_grow.pdbx_details    
'0.1M sodium citrate, 8% PEG 10000, 0.4M magnesium acetate, pH 5.6, VAPOR DIFFUSION, HANGING DROP, temperature 295.0K' 
_exptl_crystal_grow.pdbx_pH_range   . 
# 
_diffrn.id                     1 
_diffrn.ambient_temp           100 
_diffrn.ambient_temp_details   ? 
_diffrn.crystal_id             1 
# 
_diffrn_detector.diffrn_id              1 
_diffrn_detector.detector               CCD 
_diffrn_detector.type                   'ADSC QUANTUM 210' 
_diffrn_detector.pdbx_collection_date   2006-10-21 
_diffrn_detector.details                ? 
# 
_diffrn_radiation.diffrn_id                        1 
_diffrn_radiation.wavelength_id                    1 
_diffrn_radiation.pdbx_monochromatic_or_laue_m_l   M 
_diffrn_radiation.monochromator                    GRAPHITE 
_diffrn_radiation.pdbx_diffrn_protocol             'SINGLE WAVELENGTH' 
_diffrn_radiation.pdbx_scattering_type             x-ray 
# 
_diffrn_radiation_wavelength.id           1 
_diffrn_radiation_wavelength.wavelength   1.12174 
_diffrn_radiation_wavelength.wt           1.0 
# 
_diffrn_source.diffrn_id                   1 
_diffrn_source.source                      SYNCHROTRON 
_diffrn_source.type                        'PAL/PLS BEAMLINE 6B' 
_diffrn_source.pdbx_synchrotron_site       PAL/PLS 
_diffrn_source.pdbx_synchrotron_beamline   6B 
_diffrn_source.pdbx_wavelength             ? 
_diffrn_source.pdbx_wavelength_list        1.12174 
# 
_reflns.entry_id                     3OJE 
_reflns.observed_criterion_sigma_I   ? 
_reflns.observed_criterion_sigma_F   ? 
_reflns.d_resolution_low             30.0 
_reflns.d_resolution_high            3.0 
_reflns.number_obs                   5485 
_reflns.number_all                   ? 
_reflns.pdbx_number_measured_all     74044 
_reflns.percent_possible_obs         92.2 
_reflns.pdbx_Rmerge_I_obs            0.042 
_reflns.pdbx_Rsym_value              ? 
_reflns.pdbx_netI_over_sigmaI        30.7 
_reflns.B_iso_Wilson_estimate        36.6 
_reflns.pdbx_redundancy              3.8 
_reflns.R_free_details               ? 
_reflns.limit_h_max                  ? 
_reflns.limit_h_min                  ? 
_reflns.limit_k_max                  ? 
_reflns.limit_k_min                  ? 
_reflns.limit_l_max                  ? 
_reflns.limit_l_min                  ? 
_reflns.observed_criterion_F_max     ? 
_reflns.observed_criterion_F_min     ? 
_reflns.pdbx_chi_squared             ? 
_reflns.pdbx_scaling_rejects         ? 
_reflns.pdbx_diffrn_id               1 
_reflns.pdbx_ordinal                 1 
# 
_reflns_shell.d_res_high                  3.00 
_reflns_shell.d_res_low                   3.11 
_reflns_shell.percent_possible_all        77.1 
_reflns_shell.Rmerge_I_obs                0.106 
_reflns_shell.pdbx_Rsym_value             ? 
_reflns_shell.meanI_over_sigI_obs         6.1 
_reflns_shell.pdbx_redundancy             3.1 
_reflns_shell.percent_possible_obs        ? 
_reflns_shell.number_unique_all           ? 
_reflns_shell.number_measured_all         ? 
_reflns_shell.number_measured_obs         ? 
_reflns_shell.number_unique_obs           ? 
_reflns_shell.pdbx_chi_squared            ? 
_reflns_shell.pdbx_rejects                ? 
_reflns_shell.pdbx_netI_over_sigmaI_obs   ? 
_reflns_shell.number_possible             ? 
_reflns_shell.Rmerge_F_all                ? 
_reflns_shell.Rmerge_F_obs                ? 
_reflns_shell.Rmerge_I_all                ? 
_reflns_shell.meanI_over_sigI_all         ? 
_reflns_shell.pdbx_Rrim_I_all             ? 
_reflns_shell.pdbx_Rpim_I_all             ? 
_reflns_shell.pdbx_diffrn_id              ? 
_reflns_shell.pdbx_ordinal                1 
# 
_refine.entry_id                                 3OJE 
_refine.ls_number_reflns_obs                     4524 
_refine.ls_number_reflns_all                     5046 
_refine.pdbx_ls_sigma_I                          ? 
_refine.pdbx_ls_sigma_F                          0.0 
_refine.pdbx_data_cutoff_high_absF               ? 
_refine.pdbx_data_cutoff_low_absF                ? 
_refine.pdbx_data_cutoff_high_rms_absF           ? 
_refine.ls_d_res_low                             24.74 
_refine.ls_d_res_high                            3.02 
_refine.ls_percent_reflns_obs                    80.7 
_refine.ls_R_factor_obs                          ? 
_refine.ls_R_factor_all                          ? 
_refine.ls_R_factor_R_work                       0.2687 
_refine.ls_R_factor_R_free                       0.2705 
_refine.ls_R_factor_R_free_error                 ? 
_refine.ls_R_factor_R_free_error_details         ? 
_refine.ls_percent_reflns_R_free                 9.3000 
_refine.ls_number_reflns_R_free                  522 
_refine.ls_number_parameters                     ? 
_refine.ls_number_restraints                     ? 
_refine.correlation_coeff_Fo_to_Fc               ? 
_refine.correlation_coeff_Fo_to_Fc_free          ? 
_refine.B_iso_mean                               76.3706 
_refine.aniso_B[1][1]                            -9.1240 
_refine.aniso_B[2][2]                            40.3890 
_refine.aniso_B[3][3]                            -31.2650 
_refine.aniso_B[1][2]                            0.0000 
_refine.aniso_B[1][3]                            0.0000 
_refine.aniso_B[2][3]                            0.0000 
_refine.solvent_model_details                    ? 
_refine.solvent_model_param_ksol                 ? 
_refine.solvent_model_param_bsol                 36.6309 
_refine.pdbx_solvent_vdw_probe_radii             ? 
_refine.pdbx_solvent_ion_probe_radii             ? 
_refine.pdbx_solvent_shrinkage_radii             ? 
_refine.pdbx_ls_cross_valid_method               THROUGHOUT 
_refine.details                                  ? 
_refine.pdbx_starting_model                      ? 
_refine.pdbx_method_to_determine_struct          'MOLECULAR REPLACEMENT' 
_refine.pdbx_isotropic_thermal_model             ? 
_refine.pdbx_stereochemistry_target_values       ? 
_refine.pdbx_stereochem_target_val_spec_case     ? 
_refine.pdbx_R_Free_selection_details            RANDOM 
_refine.pdbx_overall_ESU_R_Free                  ? 
_refine.overall_SU_ML                            ? 
_refine.overall_SU_B                             ? 
_refine.overall_SU_R_Cruickshank_DPI             ? 
_refine.ls_redundancy_reflns_obs                 ? 
_refine.B_iso_max                                131.430 
_refine.B_iso_min                                38.950 
_refine.occupancy_max                            1.000 
_refine.occupancy_min                            1.000 
_refine.overall_SU_R_free                        ? 
_refine.ls_wR_factor_R_free                      ? 
_refine.ls_wR_factor_R_work                      ? 
_refine.overall_FOM_free_R_set                   ? 
_refine.overall_FOM_work_R_set                   ? 
_refine.pdbx_refine_id                           'X-RAY DIFFRACTION' 
_refine.pdbx_overall_phase_error                 ? 
_refine.pdbx_overall_ESU_R                       ? 
_refine.pdbx_diffrn_id                           1 
_refine.pdbx_TLS_residual_ADP_flag               ? 
_refine.pdbx_overall_SU_R_free_Cruickshank_DPI   ? 
_refine.pdbx_overall_SU_R_Blow_DPI               ? 
_refine.pdbx_overall_SU_R_free_Blow_DPI          ? 
# 
_refine_hist.pdbx_refine_id                   'X-RAY DIFFRACTION' 
_refine_hist.cycle_id                         LAST 
_refine_hist.pdbx_number_atoms_protein        1697 
_refine_hist.pdbx_number_atoms_nucleic_acid   0 
_refine_hist.pdbx_number_atoms_ligand         0 
_refine_hist.number_atoms_solvent             9 
_refine_hist.number_atoms_total               1706 
_refine_hist.d_res_high                       3.02 
_refine_hist.d_res_low                        24.74 
# 
loop_
_refine_ls_restr.type 
_refine_ls_restr.dev_ideal 
_refine_ls_restr.dev_ideal_target 
_refine_ls_restr.weight 
_refine_ls_restr.number 
_refine_ls_restr.pdbx_refine_id 
_refine_ls_restr.pdbx_restraint_function 
c_angle_deg  1.553 ?     ? ? 'X-RAY DIFFRACTION' ? 
c_bond_d     0.013 ?     ? ? 'X-RAY DIFFRACTION' ? 
c_mcbond_it  1.490 1.500 ? ? 'X-RAY DIFFRACTION' ? 
c_scbond_it  1.299 2.000 ? ? 'X-RAY DIFFRACTION' ? 
c_mcangle_it 2.739 2.000 ? ? 'X-RAY DIFFRACTION' ? 
c_scangle_it 2.277 2.500 ? ? 'X-RAY DIFFRACTION' ? 
# 
_refine_ls_shell.pdbx_refine_id                   'X-RAY DIFFRACTION' 
_refine_ls_shell.pdbx_total_number_of_bins_used   ? 
_refine_ls_shell.d_res_high                       3.018 
_refine_ls_shell.d_res_low                        3.096 
_refine_ls_shell.number_reflns_R_work             ? 
_refine_ls_shell.R_factor_R_work                  0.412 
_refine_ls_shell.percent_reflns_obs               ? 
_refine_ls_shell.R_factor_R_free                  0.421 
_refine_ls_shell.R_factor_R_free_error            ? 
_refine_ls_shell.percent_reflns_R_free            ? 
_refine_ls_shell.number_reflns_R_free             ? 
_refine_ls_shell.number_reflns_all                ? 
_refine_ls_shell.R_factor_all                     ? 
_refine_ls_shell.number_reflns_obs                ? 
_refine_ls_shell.redundancy_reflns_obs            ? 
# 
loop_
_pdbx_xplor_file.pdbx_refine_id 
_pdbx_xplor_file.serial_no 
_pdbx_xplor_file.param_file 
_pdbx_xplor_file.topol_file 
'X-RAY DIFFRACTION' 1 CNS_TOPPAR:protein_rep.param ? 
'X-RAY DIFFRACTION' 2 CNS_TOPPAR:water_rep.param   ? 
'X-RAY DIFFRACTION' 3 CNS_TOPPAR:ion.param         ? 
# 
_struct.entry_id                  3OJE 
_struct.title                     'Crystal Structure of the Bacillus cereus Enoyl-Acyl Carrier Protein Reductase (Apo form)' 
_struct.pdbx_model_details        ? 
_struct.pdbx_CASP_flag            ? 
_struct.pdbx_model_type_details   ? 
# 
_struct_keywords.entry_id        3OJE 
_struct_keywords.pdbx_keywords   OXIDOREDUCTASE 
_struct_keywords.text            'Enoyl-ACP reductase, Apo form, Rossmann fold, NAD binding, Oxidoreductase' 
# 
loop_
_struct_asym.id 
_struct_asym.pdbx_blank_PDB_chainid_flag 
_struct_asym.pdbx_modified 
_struct_asym.entity_id 
_struct_asym.details 
A N N 1 ? 
B N N 2 ? 
# 
_struct_ref.id                         1 
_struct_ref.db_name                    UNP 
_struct_ref.db_code                    Q81GI3_BACCR 
_struct_ref.pdbx_db_accession          Q81GI3 
_struct_ref.entity_id                  1 
_struct_ref.pdbx_seq_one_letter_code   
;MELLQGKTFVVMGVANQRSIAWGIARSLHNAGAKLIFTYAGERLERNVRELADTLEGQESLVLPCDVTNDEELTACFETI
KQEVGTIHGVAHCIAFANRDDLKGEFVDTSRDGFLLAQNISAFSLTAVAREAKKVMTEGGNILTLTYLGGERVVKNYNVM
GVAKASLEASVKYLANDLGQHGIRVNAISAGPIRTLSAKGVGDFNSILREIEERAPLRRTTTQEEVGDTAVFLFSDLARG
VTGENIHVDSGYHILG
;
_struct_ref.pdbx_align_begin           1 
_struct_ref.pdbx_db_isoform            ? 
# 
_struct_ref_seq.align_id                      1 
_struct_ref_seq.ref_id                        1 
_struct_ref_seq.pdbx_PDB_id_code              3OJE 
_struct_ref_seq.pdbx_strand_id                A 
_struct_ref_seq.seq_align_beg                 1 
_struct_ref_seq.pdbx_seq_align_beg_ins_code   ? 
_struct_ref_seq.seq_align_end                 256 
_struct_ref_seq.pdbx_seq_align_end_ins_code   ? 
_struct_ref_seq.pdbx_db_accession             Q81GI3 
_struct_ref_seq.db_align_beg                  1 
_struct_ref_seq.pdbx_db_align_beg_ins_code    ? 
_struct_ref_seq.db_align_end                  256 
_struct_ref_seq.pdbx_db_align_end_ins_code    ? 
_struct_ref_seq.pdbx_auth_seq_align_beg       1 
_struct_ref_seq.pdbx_auth_seq_align_end       256 
# 
_pdbx_struct_assembly.id                   1 
_pdbx_struct_assembly.details              author_and_software_defined_assembly 
_pdbx_struct_assembly.method_details       PISA 
_pdbx_struct_assembly.oligomeric_details   dimeric 
_pdbx_struct_assembly.oligomeric_count     2 
# 
loop_
_pdbx_struct_assembly_prop.biol_id 
_pdbx_struct_assembly_prop.type 
_pdbx_struct_assembly_prop.value 
_pdbx_struct_assembly_prop.details 
1 'ABSA (A^2)' 2800  ? 
1 MORE         -14   ? 
1 'SSA (A^2)'  19410 ? 
# 
_pdbx_struct_assembly_gen.assembly_id       1 
_pdbx_struct_assembly_gen.oper_expression   1,2 
_pdbx_struct_assembly_gen.asym_id_list      A,B 
# 
loop_
_pdbx_struct_oper_list.id 
_pdbx_struct_oper_list.type 
_pdbx_struct_oper_list.name 
_pdbx_struct_oper_list.symmetry_operation 
_pdbx_struct_oper_list.matrix[1][1] 
_pdbx_struct_oper_list.matrix[1][2] 
_pdbx_struct_oper_list.matrix[1][3] 
_pdbx_struct_oper_list.vector[1] 
_pdbx_struct_oper_list.matrix[2][1] 
_pdbx_struct_oper_list.matrix[2][2] 
_pdbx_struct_oper_list.matrix[2][3] 
_pdbx_struct_oper_list.vector[2] 
_pdbx_struct_oper_list.matrix[3][1] 
_pdbx_struct_oper_list.matrix[3][2] 
_pdbx_struct_oper_list.matrix[3][3] 
_pdbx_struct_oper_list.vector[3] 
1 'identity operation'         1_555 x,y,z     1.0000000000 0.0000000000  0.0000000000  0.0000000000  0.0000000000  1.0000000000  0.0000000000 0.0000000000  0.0000000000  0.0000000000 1.0000000000  0.0000000000  
2 'crystal symmetry operation' 4_554 x,-y,-z-1 0.0202410903 -0.5630954523 -0.8261439401 10.9162027732 -0.5630954523 -0.6892141559 0.4559685942 26.6601330022 -0.8261439401 0.4559685942 -0.3310269344 -4.6905155924 
# 
_struct_biol.id        1 
_struct_biol.details   ? 
# 
loop_
_struct_conf.conf_type_id 
_struct_conf.id 
_struct_conf.pdbx_PDB_helix_id 
_struct_conf.beg_label_comp_id 
_struct_conf.beg_label_asym_id 
_struct_conf.beg_label_seq_id 
_struct_conf.pdbx_beg_PDB_ins_code 
_struct_conf.end_label_comp_id 
_struct_conf.end_label_asym_id 
_struct_conf.end_label_seq_id 
_struct_conf.pdbx_end_PDB_ins_code 
_struct_conf.beg_auth_comp_id 
_struct_conf.beg_auth_asym_id 
_struct_conf.beg_auth_seq_id 
_struct_conf.end_auth_comp_id 
_struct_conf.end_auth_asym_id 
_struct_conf.end_auth_seq_id 
_struct_conf.pdbx_PDB_helix_class 
_struct_conf.details 
_struct_conf.pdbx_PDB_helix_length 
HELX_P HELX_P1 1 SER A 19  ? ASN A 30  ? SER A 19  ASN A 30  1 ? 12 
HELX_P HELX_P2 2 GLU A 42  ? ASP A 53  ? GLU A 42  ASP A 53  1 ? 12 
HELX_P HELX_P3 3 ASN A 69  ? VAL A 84  ? ASN A 69  VAL A 84  1 ? 16 
HELX_P HELX_P4 4 SER A 124 ? LYS A 133 ? SER A 124 LYS A 133 1 ? 10 
HELX_P HELX_P5 5 GLY A 161 ? LEU A 178 ? GLY A 161 LEU A 178 1 ? 18 
HELX_P HELX_P6 6 PHE A 204 ? ALA A 215 ? PHE A 204 ALA A 215 1 ? 12 
HELX_P HELX_P7 7 THR A 222 ? SER A 235 ? THR A 222 SER A 235 1 ? 14 
HELX_P HELX_P8 8 GLY A 251 ? LEU A 255 ? GLY A 251 LEU A 255 5 ? 5  
# 
_struct_conf_type.id          HELX_P 
_struct_conf_type.criteria    ? 
_struct_conf_type.reference   ? 
# 
_struct_mon_prot_cis.pdbx_id                1 
_struct_mon_prot_cis.label_comp_id          GLN 
_struct_mon_prot_cis.label_seq_id           118 
_struct_mon_prot_cis.label_asym_id          A 
_struct_mon_prot_cis.label_alt_id           . 
_struct_mon_prot_cis.pdbx_PDB_ins_code      ? 
_struct_mon_prot_cis.auth_comp_id           GLN 
_struct_mon_prot_cis.auth_seq_id            118 
_struct_mon_prot_cis.auth_asym_id           A 
_struct_mon_prot_cis.pdbx_label_comp_id_2   ASN 
_struct_mon_prot_cis.pdbx_label_seq_id_2    119 
_struct_mon_prot_cis.pdbx_label_asym_id_2   A 
_struct_mon_prot_cis.pdbx_PDB_ins_code_2    ? 
_struct_mon_prot_cis.pdbx_auth_comp_id_2    ASN 
_struct_mon_prot_cis.pdbx_auth_seq_id_2     119 
_struct_mon_prot_cis.pdbx_auth_asym_id_2    A 
_struct_mon_prot_cis.pdbx_PDB_model_num     1 
_struct_mon_prot_cis.pdbx_omega_angle       0.01 
# 
_struct_sheet.id               A 
_struct_sheet.type             ? 
_struct_sheet.number_strands   6 
_struct_sheet.details          ? 
# 
loop_
_struct_sheet_order.sheet_id 
_struct_sheet_order.range_id_1 
_struct_sheet_order.range_id_2 
_struct_sheet_order.offset 
_struct_sheet_order.sense 
A 1 2 ? parallel 
A 2 3 ? parallel 
A 3 4 ? parallel 
A 4 5 ? parallel 
A 5 6 ? parallel 
# 
loop_
_struct_sheet_range.sheet_id 
_struct_sheet_range.id 
_struct_sheet_range.beg_label_comp_id 
_struct_sheet_range.beg_label_asym_id 
_struct_sheet_range.beg_label_seq_id 
_struct_sheet_range.pdbx_beg_PDB_ins_code 
_struct_sheet_range.end_label_comp_id 
_struct_sheet_range.end_label_asym_id 
_struct_sheet_range.end_label_seq_id 
_struct_sheet_range.pdbx_end_PDB_ins_code 
_struct_sheet_range.beg_auth_comp_id 
_struct_sheet_range.beg_auth_asym_id 
_struct_sheet_range.beg_auth_seq_id 
_struct_sheet_range.end_auth_comp_id 
_struct_sheet_range.end_auth_asym_id 
_struct_sheet_range.end_auth_seq_id 
A 1 LYS A 34  ? PHE A 37  ? LYS A 34  PHE A 37  
A 2 THR A 8   ? VAL A 11  ? THR A 8   VAL A 11  
A 3 GLY A 89  ? HIS A 92  ? GLY A 89  HIS A 92  
A 4 GLY A 140 ? TYR A 147 ? GLY A 140 TYR A 147 
A 5 ILE A 183 ? ALA A 190 ? ILE A 183 ALA A 190 
A 6 ASN A 245 ? VAL A 248 ? ASN A 245 VAL A 248 
# 
loop_
_pdbx_struct_sheet_hbond.sheet_id 
_pdbx_struct_sheet_hbond.range_id_1 
_pdbx_struct_sheet_hbond.range_id_2 
_pdbx_struct_sheet_hbond.range_1_label_atom_id 
_pdbx_struct_sheet_hbond.range_1_label_comp_id 
_pdbx_struct_sheet_hbond.range_1_label_asym_id 
_pdbx_struct_sheet_hbond.range_1_label_seq_id 
_pdbx_struct_sheet_hbond.range_1_PDB_ins_code 
_pdbx_struct_sheet_hbond.range_1_auth_atom_id 
_pdbx_struct_sheet_hbond.range_1_auth_comp_id 
_pdbx_struct_sheet_hbond.range_1_auth_asym_id 
_pdbx_struct_sheet_hbond.range_1_auth_seq_id 
_pdbx_struct_sheet_hbond.range_2_label_atom_id 
_pdbx_struct_sheet_hbond.range_2_label_comp_id 
_pdbx_struct_sheet_hbond.range_2_label_asym_id 
_pdbx_struct_sheet_hbond.range_2_label_seq_id 
_pdbx_struct_sheet_hbond.range_2_PDB_ins_code 
_pdbx_struct_sheet_hbond.range_2_auth_atom_id 
_pdbx_struct_sheet_hbond.range_2_auth_comp_id 
_pdbx_struct_sheet_hbond.range_2_auth_asym_id 
_pdbx_struct_sheet_hbond.range_2_auth_seq_id 
A 1 2 O LYS A 34  ? O LYS A 34  N PHE A 9   ? N PHE A 9   
A 2 3 N VAL A 10  ? N VAL A 10  O ALA A 91  ? O ALA A 91  
A 3 4 N VAL A 90  ? N VAL A 90  O LEU A 143 ? O LEU A 143 
A 4 5 N GLY A 140 ? N GLY A 140 O ARG A 184 ? O ARG A 184 
A 5 6 N SER A 189 ? N SER A 189 O VAL A 248 ? O VAL A 248 
# 
loop_
_pdbx_validate_torsion.id 
_pdbx_validate_torsion.PDB_model_num 
_pdbx_validate_torsion.auth_comp_id 
_pdbx_validate_torsion.auth_asym_id 
_pdbx_validate_torsion.auth_seq_id 
_pdbx_validate_torsion.PDB_ins_code 
_pdbx_validate_torsion.label_alt_id 
_pdbx_validate_torsion.phi 
_pdbx_validate_torsion.psi 
1  1 GLU A 2   ? ? 63.70   155.56  
2  1 LEU A 3   ? ? 85.01   -59.78  
3  1 LEU A 4   ? ? -102.05 64.27   
4  1 ALA A 15  ? ? -161.98 110.53  
5  1 ASN A 16  ? ? 71.92   109.84  
6  1 GLN A 17  ? ? -15.38  -62.84  
7  1 ARG A 18  ? ? -34.37  -32.41  
8  1 GLU A 56  ? ? -73.34  -167.03 
9  1 HIS A 92  ? ? -52.34  103.75  
10 1 ALA A 95  ? ? -144.54 49.95   
11 1 ALA A 97  ? ? 58.96   102.97  
12 1 ILE A 120 ? ? -171.83 -173.78 
13 1 SER A 121 ? ? 74.53   -42.64  
14 1 ARG A 194 ? ? -29.78  142.31  
15 1 THR A 195 ? ? -19.50  93.20   
16 1 PHE A 204 ? ? 68.64   -55.86  
17 1 ARG A 218 ? ? 36.23   55.70   
18 1 ARG A 219 ? ? 177.94  152.21  
19 1 GLN A 223 ? ? -39.82  -29.82  
20 1 SER A 235 ? ? -72.18  -168.43 
21 1 ALA A 238 ? ? -97.22  32.78   
22 1 VAL A 248 ? ? -104.33 74.86   
# 
loop_
_pdbx_unobs_or_zero_occ_residues.id 
_pdbx_unobs_or_zero_occ_residues.PDB_model_num 
_pdbx_unobs_or_zero_occ_residues.polymer_flag 
_pdbx_unobs_or_zero_occ_residues.occupancy_flag 
_pdbx_unobs_or_zero_occ_residues.auth_asym_id 
_pdbx_unobs_or_zero_occ_residues.auth_comp_id 
_pdbx_unobs_or_zero_occ_residues.auth_seq_id 
_pdbx_unobs_or_zero_occ_residues.PDB_ins_code 
_pdbx_unobs_or_zero_occ_residues.label_asym_id 
_pdbx_unobs_or_zero_occ_residues.label_comp_id 
_pdbx_unobs_or_zero_occ_residues.label_seq_id 
1  1 Y 1 A LEU 102 ? A LEU 102 
2  1 Y 1 A LYS 103 ? A LYS 103 
3  1 Y 1 A GLY 104 ? A GLY 104 
4  1 Y 1 A GLU 105 ? A GLU 105 
5  1 Y 1 A PHE 106 ? A PHE 106 
6  1 Y 1 A VAL 107 ? A VAL 107 
7  1 Y 1 A ASP 108 ? A ASP 108 
8  1 Y 1 A THR 109 ? A THR 109 
9  1 Y 1 A SER 110 ? A SER 110 
10 1 Y 1 A ARG 111 ? A ARG 111 
11 1 Y 1 A ASP 112 ? A ASP 112 
12 1 Y 1 A GLY 113 ? A GLY 113 
13 1 Y 1 A PHE 114 ? A PHE 114 
14 1 Y 1 A LEU 115 ? A LEU 115 
15 1 Y 1 A LEU 116 ? A LEU 116 
16 1 Y 1 A ALA 117 ? A ALA 117 
17 1 Y 1 A GLY 149 ? A GLY 149 
18 1 Y 1 A GLY 150 ? A GLY 150 
19 1 Y 1 A GLU 151 ? A GLU 151 
20 1 Y 1 A ARG 152 ? A ARG 152 
21 1 Y 1 A VAL 153 ? A VAL 153 
22 1 Y 1 A VAL 154 ? A VAL 154 
23 1 Y 1 A LYS 155 ? A LYS 155 
24 1 Y 1 A ASN 156 ? A ASN 156 
25 1 Y 1 A TYR 157 ? A TYR 157 
26 1 Y 1 A ASN 158 ? A ASN 158 
27 1 Y 1 A VAL 159 ? A VAL 159 
28 1 Y 1 A MET 160 ? A MET 160 
29 1 Y 1 A SER 197 ? A SER 197 
30 1 Y 1 A ALA 198 ? A ALA 198 
31 1 Y 1 A LYS 199 ? A LYS 199 
32 1 Y 1 A GLY 200 ? A GLY 200 
33 1 Y 1 A VAL 201 ? A VAL 201 
34 1 Y 1 A GLY 202 ? A GLY 202 
# 
loop_
_chem_comp_atom.comp_id 
_chem_comp_atom.atom_id 
_chem_comp_atom.type_symbol 
_chem_comp_atom.pdbx_aromatic_flag 
_chem_comp_atom.pdbx_stereo_config 
_chem_comp_atom.pdbx_ordinal 
ALA N    N N N 1   
ALA CA   C N S 2   
ALA C    C N N 3   
ALA O    O N N 4   
ALA CB   C N N 5   
ALA OXT  O N N 6   
ALA H    H N N 7   
ALA H2   H N N 8   
ALA HA   H N N 9   
ALA HB1  H N N 10  
ALA HB2  H N N 11  
ALA HB3  H N N 12  
ALA HXT  H N N 13  
ARG N    N N N 14  
ARG CA   C N S 15  
ARG C    C N N 16  
ARG O    O N N 17  
ARG CB   C N N 18  
ARG CG   C N N 19  
ARG CD   C N N 20  
ARG NE   N N N 21  
ARG CZ   C N N 22  
ARG NH1  N N N 23  
ARG NH2  N N N 24  
ARG OXT  O N N 25  
ARG H    H N N 26  
ARG H2   H N N 27  
ARG HA   H N N 28  
ARG HB2  H N N 29  
ARG HB3  H N N 30  
ARG HG2  H N N 31  
ARG HG3  H N N 32  
ARG HD2  H N N 33  
ARG HD3  H N N 34  
ARG HE   H N N 35  
ARG HH11 H N N 36  
ARG HH12 H N N 37  
ARG HH21 H N N 38  
ARG HH22 H N N 39  
ARG HXT  H N N 40  
ASN N    N N N 41  
ASN CA   C N S 42  
ASN C    C N N 43  
ASN O    O N N 44  
ASN CB   C N N 45  
ASN CG   C N N 46  
ASN OD1  O N N 47  
ASN ND2  N N N 48  
ASN OXT  O N N 49  
ASN H    H N N 50  
ASN H2   H N N 51  
ASN HA   H N N 52  
ASN HB2  H N N 53  
ASN HB3  H N N 54  
ASN HD21 H N N 55  
ASN HD22 H N N 56  
ASN HXT  H N N 57  
ASP N    N N N 58  
ASP CA   C N S 59  
ASP C    C N N 60  
ASP O    O N N 61  
ASP CB   C N N 62  
ASP CG   C N N 63  
ASP OD1  O N N 64  
ASP OD2  O N N 65  
ASP OXT  O N N 66  
ASP H    H N N 67  
ASP H2   H N N 68  
ASP HA   H N N 69  
ASP HB2  H N N 70  
ASP HB3  H N N 71  
ASP HD2  H N N 72  
ASP HXT  H N N 73  
CYS N    N N N 74  
CYS CA   C N R 75  
CYS C    C N N 76  
CYS O    O N N 77  
CYS CB   C N N 78  
CYS SG   S N N 79  
CYS OXT  O N N 80  
CYS H    H N N 81  
CYS H2   H N N 82  
CYS HA   H N N 83  
CYS HB2  H N N 84  
CYS HB3  H N N 85  
CYS HG   H N N 86  
CYS HXT  H N N 87  
GLN N    N N N 88  
GLN CA   C N S 89  
GLN C    C N N 90  
GLN O    O N N 91  
GLN CB   C N N 92  
GLN CG   C N N 93  
GLN CD   C N N 94  
GLN OE1  O N N 95  
GLN NE2  N N N 96  
GLN OXT  O N N 97  
GLN H    H N N 98  
GLN H2   H N N 99  
GLN HA   H N N 100 
GLN HB2  H N N 101 
GLN HB3  H N N 102 
GLN HG2  H N N 103 
GLN HG3  H N N 104 
GLN HE21 H N N 105 
GLN HE22 H N N 106 
GLN HXT  H N N 107 
GLU N    N N N 108 
GLU CA   C N S 109 
GLU C    C N N 110 
GLU O    O N N 111 
GLU CB   C N N 112 
GLU CG   C N N 113 
GLU CD   C N N 114 
GLU OE1  O N N 115 
GLU OE2  O N N 116 
GLU OXT  O N N 117 
GLU H    H N N 118 
GLU H2   H N N 119 
GLU HA   H N N 120 
GLU HB2  H N N 121 
GLU HB3  H N N 122 
GLU HG2  H N N 123 
GLU HG3  H N N 124 
GLU HE2  H N N 125 
GLU HXT  H N N 126 
GLY N    N N N 127 
GLY CA   C N N 128 
GLY C    C N N 129 
GLY O    O N N 130 
GLY OXT  O N N 131 
GLY H    H N N 132 
GLY H2   H N N 133 
GLY HA2  H N N 134 
GLY HA3  H N N 135 
GLY HXT  H N N 136 
HIS N    N N N 137 
HIS CA   C N S 138 
HIS C    C N N 139 
HIS O    O N N 140 
HIS CB   C N N 141 
HIS CG   C Y N 142 
HIS ND1  N Y N 143 
HIS CD2  C Y N 144 
HIS CE1  C Y N 145 
HIS NE2  N Y N 146 
HIS OXT  O N N 147 
HIS H    H N N 148 
HIS H2   H N N 149 
HIS HA   H N N 150 
HIS HB2  H N N 151 
HIS HB3  H N N 152 
HIS HD1  H N N 153 
HIS HD2  H N N 154 
HIS HE1  H N N 155 
HIS HE2  H N N 156 
HIS HXT  H N N 157 
HOH O    O N N 158 
HOH H1   H N N 159 
HOH H2   H N N 160 
ILE N    N N N 161 
ILE CA   C N S 162 
ILE C    C N N 163 
ILE O    O N N 164 
ILE CB   C N S 165 
ILE CG1  C N N 166 
ILE CG2  C N N 167 
ILE CD1  C N N 168 
ILE OXT  O N N 169 
ILE H    H N N 170 
ILE H2   H N N 171 
ILE HA   H N N 172 
ILE HB   H N N 173 
ILE HG12 H N N 174 
ILE HG13 H N N 175 
ILE HG21 H N N 176 
ILE HG22 H N N 177 
ILE HG23 H N N 178 
ILE HD11 H N N 179 
ILE HD12 H N N 180 
ILE HD13 H N N 181 
ILE HXT  H N N 182 
LEU N    N N N 183 
LEU CA   C N S 184 
LEU C    C N N 185 
LEU O    O N N 186 
LEU CB   C N N 187 
LEU CG   C N N 188 
LEU CD1  C N N 189 
LEU CD2  C N N 190 
LEU OXT  O N N 191 
LEU H    H N N 192 
LEU H2   H N N 193 
LEU HA   H N N 194 
LEU HB2  H N N 195 
LEU HB3  H N N 196 
LEU HG   H N N 197 
LEU HD11 H N N 198 
LEU HD12 H N N 199 
LEU HD13 H N N 200 
LEU HD21 H N N 201 
LEU HD22 H N N 202 
LEU HD23 H N N 203 
LEU HXT  H N N 204 
LYS N    N N N 205 
LYS CA   C N S 206 
LYS C    C N N 207 
LYS O    O N N 208 
LYS CB   C N N 209 
LYS CG   C N N 210 
LYS CD   C N N 211 
LYS CE   C N N 212 
LYS NZ   N N N 213 
LYS OXT  O N N 214 
LYS H    H N N 215 
LYS H2   H N N 216 
LYS HA   H N N 217 
LYS HB2  H N N 218 
LYS HB3  H N N 219 
LYS HG2  H N N 220 
LYS HG3  H N N 221 
LYS HD2  H N N 222 
LYS HD3  H N N 223 
LYS HE2  H N N 224 
LYS HE3  H N N 225 
LYS HZ1  H N N 226 
LYS HZ2  H N N 227 
LYS HZ3  H N N 228 
LYS HXT  H N N 229 
MET N    N N N 230 
MET CA   C N S 231 
MET C    C N N 232 
MET O    O N N 233 
MET CB   C N N 234 
MET CG   C N N 235 
MET SD   S N N 236 
MET CE   C N N 237 
MET OXT  O N N 238 
MET H    H N N 239 
MET H2   H N N 240 
MET HA   H N N 241 
MET HB2  H N N 242 
MET HB3  H N N 243 
MET HG2  H N N 244 
MET HG3  H N N 245 
MET HE1  H N N 246 
MET HE2  H N N 247 
MET HE3  H N N 248 
MET HXT  H N N 249 
PHE N    N N N 250 
PHE CA   C N S 251 
PHE C    C N N 252 
PHE O    O N N 253 
PHE CB   C N N 254 
PHE CG   C Y N 255 
PHE CD1  C Y N 256 
PHE CD2  C Y N 257 
PHE CE1  C Y N 258 
PHE CE2  C Y N 259 
PHE CZ   C Y N 260 
PHE OXT  O N N 261 
PHE H    H N N 262 
PHE H2   H N N 263 
PHE HA   H N N 264 
PHE HB2  H N N 265 
PHE HB3  H N N 266 
PHE HD1  H N N 267 
PHE HD2  H N N 268 
PHE HE1  H N N 269 
PHE HE2  H N N 270 
PHE HZ   H N N 271 
PHE HXT  H N N 272 
PRO N    N N N 273 
PRO CA   C N S 274 
PRO C    C N N 275 
PRO O    O N N 276 
PRO CB   C N N 277 
PRO CG   C N N 278 
PRO CD   C N N 279 
PRO OXT  O N N 280 
PRO H    H N N 281 
PRO HA   H N N 282 
PRO HB2  H N N 283 
PRO HB3  H N N 284 
PRO HG2  H N N 285 
PRO HG3  H N N 286 
PRO HD2  H N N 287 
PRO HD3  H N N 288 
PRO HXT  H N N 289 
SER N    N N N 290 
SER CA   C N S 291 
SER C    C N N 292 
SER O    O N N 293 
SER CB   C N N 294 
SER OG   O N N 295 
SER OXT  O N N 296 
SER H    H N N 297 
SER H2   H N N 298 
SER HA   H N N 299 
SER HB2  H N N 300 
SER HB3  H N N 301 
SER HG   H N N 302 
SER HXT  H N N 303 
THR N    N N N 304 
THR CA   C N S 305 
THR C    C N N 306 
THR O    O N N 307 
THR CB   C N R 308 
THR OG1  O N N 309 
THR CG2  C N N 310 
THR OXT  O N N 311 
THR H    H N N 312 
THR H2   H N N 313 
THR HA   H N N 314 
THR HB   H N N 315 
THR HG1  H N N 316 
THR HG21 H N N 317 
THR HG22 H N N 318 
THR HG23 H N N 319 
THR HXT  H N N 320 
TRP N    N N N 321 
TRP CA   C N S 322 
TRP C    C N N 323 
TRP O    O N N 324 
TRP CB   C N N 325 
TRP CG   C Y N 326 
TRP CD1  C Y N 327 
TRP CD2  C Y N 328 
TRP NE1  N Y N 329 
TRP CE2  C Y N 330 
TRP CE3  C Y N 331 
TRP CZ2  C Y N 332 
TRP CZ3  C Y N 333 
TRP CH2  C Y N 334 
TRP OXT  O N N 335 
TRP H    H N N 336 
TRP H2   H N N 337 
TRP HA   H N N 338 
TRP HB2  H N N 339 
TRP HB3  H N N 340 
TRP HD1  H N N 341 
TRP HE1  H N N 342 
TRP HE3  H N N 343 
TRP HZ2  H N N 344 
TRP HZ3  H N N 345 
TRP HH2  H N N 346 
TRP HXT  H N N 347 
TYR N    N N N 348 
TYR CA   C N S 349 
TYR C    C N N 350 
TYR O    O N N 351 
TYR CB   C N N 352 
TYR CG   C Y N 353 
TYR CD1  C Y N 354 
TYR CD2  C Y N 355 
TYR CE1  C Y N 356 
TYR CE2  C Y N 357 
TYR CZ   C Y N 358 
TYR OH   O N N 359 
TYR OXT  O N N 360 
TYR H    H N N 361 
TYR H2   H N N 362 
TYR HA   H N N 363 
TYR HB2  H N N 364 
TYR HB3  H N N 365 
TYR HD1  H N N 366 
TYR HD2  H N N 367 
TYR HE1  H N N 368 
TYR HE2  H N N 369 
TYR HH   H N N 370 
TYR HXT  H N N 371 
VAL N    N N N 372 
VAL CA   C N S 373 
VAL C    C N N 374 
VAL O    O N N 375 
VAL CB   C N N 376 
VAL CG1  C N N 377 
VAL CG2  C N N 378 
VAL OXT  O N N 379 
VAL H    H N N 380 
VAL H2   H N N 381 
VAL HA   H N N 382 
VAL HB   H N N 383 
VAL HG11 H N N 384 
VAL HG12 H N N 385 
VAL HG13 H N N 386 
VAL HG21 H N N 387 
VAL HG22 H N N 388 
VAL HG23 H N N 389 
VAL HXT  H N N 390 
# 
loop_
_chem_comp_bond.comp_id 
_chem_comp_bond.atom_id_1 
_chem_comp_bond.atom_id_2 
_chem_comp_bond.value_order 
_chem_comp_bond.pdbx_aromatic_flag 
_chem_comp_bond.pdbx_stereo_config 
_chem_comp_bond.pdbx_ordinal 
ALA N   CA   sing N N 1   
ALA N   H    sing N N 2   
ALA N   H2   sing N N 3   
ALA CA  C    sing N N 4   
ALA CA  CB   sing N N 5   
ALA CA  HA   sing N N 6   
ALA C   O    doub N N 7   
ALA C   OXT  sing N N 8   
ALA CB  HB1  sing N N 9   
ALA CB  HB2  sing N N 10  
ALA CB  HB3  sing N N 11  
ALA OXT HXT  sing N N 12  
ARG N   CA   sing N N 13  
ARG N   H    sing N N 14  
ARG N   H2   sing N N 15  
ARG CA  C    sing N N 16  
ARG CA  CB   sing N N 17  
ARG CA  HA   sing N N 18  
ARG C   O    doub N N 19  
ARG C   OXT  sing N N 20  
ARG CB  CG   sing N N 21  
ARG CB  HB2  sing N N 22  
ARG CB  HB3  sing N N 23  
ARG CG  CD   sing N N 24  
ARG CG  HG2  sing N N 25  
ARG CG  HG3  sing N N 26  
ARG CD  NE   sing N N 27  
ARG CD  HD2  sing N N 28  
ARG CD  HD3  sing N N 29  
ARG NE  CZ   sing N N 30  
ARG NE  HE   sing N N 31  
ARG CZ  NH1  sing N N 32  
ARG CZ  NH2  doub N N 33  
ARG NH1 HH11 sing N N 34  
ARG NH1 HH12 sing N N 35  
ARG NH2 HH21 sing N N 36  
ARG NH2 HH22 sing N N 37  
ARG OXT HXT  sing N N 38  
ASN N   CA   sing N N 39  
ASN N   H    sing N N 40  
ASN N   H2   sing N N 41  
ASN CA  C    sing N N 42  
ASN CA  CB   sing N N 43  
ASN CA  HA   sing N N 44  
ASN C   O    doub N N 45  
ASN C   OXT  sing N N 46  
ASN CB  CG   sing N N 47  
ASN CB  HB2  sing N N 48  
ASN CB  HB3  sing N N 49  
ASN CG  OD1  doub N N 50  
ASN CG  ND2  sing N N 51  
ASN ND2 HD21 sing N N 52  
ASN ND2 HD22 sing N N 53  
ASN OXT HXT  sing N N 54  
ASP N   CA   sing N N 55  
ASP N   H    sing N N 56  
ASP N   H2   sing N N 57  
ASP CA  C    sing N N 58  
ASP CA  CB   sing N N 59  
ASP CA  HA   sing N N 60  
ASP C   O    doub N N 61  
ASP C   OXT  sing N N 62  
ASP CB  CG   sing N N 63  
ASP CB  HB2  sing N N 64  
ASP CB  HB3  sing N N 65  
ASP CG  OD1  doub N N 66  
ASP CG  OD2  sing N N 67  
ASP OD2 HD2  sing N N 68  
ASP OXT HXT  sing N N 69  
CYS N   CA   sing N N 70  
CYS N   H    sing N N 71  
CYS N   H2   sing N N 72  
CYS CA  C    sing N N 73  
CYS CA  CB   sing N N 74  
CYS CA  HA   sing N N 75  
CYS C   O    doub N N 76  
CYS C   OXT  sing N N 77  
CYS CB  SG   sing N N 78  
CYS CB  HB2  sing N N 79  
CYS CB  HB3  sing N N 80  
CYS SG  HG   sing N N 81  
CYS OXT HXT  sing N N 82  
GLN N   CA   sing N N 83  
GLN N   H    sing N N 84  
GLN N   H2   sing N N 85  
GLN CA  C    sing N N 86  
GLN CA  CB   sing N N 87  
GLN CA  HA   sing N N 88  
GLN C   O    doub N N 89  
GLN C   OXT  sing N N 90  
GLN CB  CG   sing N N 91  
GLN CB  HB2  sing N N 92  
GLN CB  HB3  sing N N 93  
GLN CG  CD   sing N N 94  
GLN CG  HG2  sing N N 95  
GLN CG  HG3  sing N N 96  
GLN CD  OE1  doub N N 97  
GLN CD  NE2  sing N N 98  
GLN NE2 HE21 sing N N 99  
GLN NE2 HE22 sing N N 100 
GLN OXT HXT  sing N N 101 
GLU N   CA   sing N N 102 
GLU N   H    sing N N 103 
GLU N   H2   sing N N 104 
GLU CA  C    sing N N 105 
GLU CA  CB   sing N N 106 
GLU CA  HA   sing N N 107 
GLU C   O    doub N N 108 
GLU C   OXT  sing N N 109 
GLU CB  CG   sing N N 110 
GLU CB  HB2  sing N N 111 
GLU CB  HB3  sing N N 112 
GLU CG  CD   sing N N 113 
GLU CG  HG2  sing N N 114 
GLU CG  HG3  sing N N 115 
GLU CD  OE1  doub N N 116 
GLU CD  OE2  sing N N 117 
GLU OE2 HE2  sing N N 118 
GLU OXT HXT  sing N N 119 
GLY N   CA   sing N N 120 
GLY N   H    sing N N 121 
GLY N   H2   sing N N 122 
GLY CA  C    sing N N 123 
GLY CA  HA2  sing N N 124 
GLY CA  HA3  sing N N 125 
GLY C   O    doub N N 126 
GLY C   OXT  sing N N 127 
GLY OXT HXT  sing N N 128 
HIS N   CA   sing N N 129 
HIS N   H    sing N N 130 
HIS N   H2   sing N N 131 
HIS CA  C    sing N N 132 
HIS CA  CB   sing N N 133 
HIS CA  HA   sing N N 134 
HIS C   O    doub N N 135 
HIS C   OXT  sing N N 136 
HIS CB  CG   sing N N 137 
HIS CB  HB2  sing N N 138 
HIS CB  HB3  sing N N 139 
HIS CG  ND1  sing Y N 140 
HIS CG  CD2  doub Y N 141 
HIS ND1 CE1  doub Y N 142 
HIS ND1 HD1  sing N N 143 
HIS CD2 NE2  sing Y N 144 
HIS CD2 HD2  sing N N 145 
HIS CE1 NE2  sing Y N 146 
HIS CE1 HE1  sing N N 147 
HIS NE2 HE2  sing N N 148 
HIS OXT HXT  sing N N 149 
HOH O   H1   sing N N 150 
HOH O   H2   sing N N 151 
ILE N   CA   sing N N 152 
ILE N   H    sing N N 153 
ILE N   H2   sing N N 154 
ILE CA  C    sing N N 155 
ILE CA  CB   sing N N 156 
ILE CA  HA   sing N N 157 
ILE C   O    doub N N 158 
ILE C   OXT  sing N N 159 
ILE CB  CG1  sing N N 160 
ILE CB  CG2  sing N N 161 
ILE CB  HB   sing N N 162 
ILE CG1 CD1  sing N N 163 
ILE CG1 HG12 sing N N 164 
ILE CG1 HG13 sing N N 165 
ILE CG2 HG21 sing N N 166 
ILE CG2 HG22 sing N N 167 
ILE CG2 HG23 sing N N 168 
ILE CD1 HD11 sing N N 169 
ILE CD1 HD12 sing N N 170 
ILE CD1 HD13 sing N N 171 
ILE OXT HXT  sing N N 172 
LEU N   CA   sing N N 173 
LEU N   H    sing N N 174 
LEU N   H2   sing N N 175 
LEU CA  C    sing N N 176 
LEU CA  CB   sing N N 177 
LEU CA  HA   sing N N 178 
LEU C   O    doub N N 179 
LEU C   OXT  sing N N 180 
LEU CB  CG   sing N N 181 
LEU CB  HB2  sing N N 182 
LEU CB  HB3  sing N N 183 
LEU CG  CD1  sing N N 184 
LEU CG  CD2  sing N N 185 
LEU CG  HG   sing N N 186 
LEU CD1 HD11 sing N N 187 
LEU CD1 HD12 sing N N 188 
LEU CD1 HD13 sing N N 189 
LEU CD2 HD21 sing N N 190 
LEU CD2 HD22 sing N N 191 
LEU CD2 HD23 sing N N 192 
LEU OXT HXT  sing N N 193 
LYS N   CA   sing N N 194 
LYS N   H    sing N N 195 
LYS N   H2   sing N N 196 
LYS CA  C    sing N N 197 
LYS CA  CB   sing N N 198 
LYS CA  HA   sing N N 199 
LYS C   O    doub N N 200 
LYS C   OXT  sing N N 201 
LYS CB  CG   sing N N 202 
LYS CB  HB2  sing N N 203 
LYS CB  HB3  sing N N 204 
LYS CG  CD   sing N N 205 
LYS CG  HG2  sing N N 206 
LYS CG  HG3  sing N N 207 
LYS CD  CE   sing N N 208 
LYS CD  HD2  sing N N 209 
LYS CD  HD3  sing N N 210 
LYS CE  NZ   sing N N 211 
LYS CE  HE2  sing N N 212 
LYS CE  HE3  sing N N 213 
LYS NZ  HZ1  sing N N 214 
LYS NZ  HZ2  sing N N 215 
LYS NZ  HZ3  sing N N 216 
LYS OXT HXT  sing N N 217 
MET N   CA   sing N N 218 
MET N   H    sing N N 219 
MET N   H2   sing N N 220 
MET CA  C    sing N N 221 
MET CA  CB   sing N N 222 
MET CA  HA   sing N N 223 
MET C   O    doub N N 224 
MET C   OXT  sing N N 225 
MET CB  CG   sing N N 226 
MET CB  HB2  sing N N 227 
MET CB  HB3  sing N N 228 
MET CG  SD   sing N N 229 
MET CG  HG2  sing N N 230 
MET CG  HG3  sing N N 231 
MET SD  CE   sing N N 232 
MET CE  HE1  sing N N 233 
MET CE  HE2  sing N N 234 
MET CE  HE3  sing N N 235 
MET OXT HXT  sing N N 236 
PHE N   CA   sing N N 237 
PHE N   H    sing N N 238 
PHE N   H2   sing N N 239 
PHE CA  C    sing N N 240 
PHE CA  CB   sing N N 241 
PHE CA  HA   sing N N 242 
PHE C   O    doub N N 243 
PHE C   OXT  sing N N 244 
PHE CB  CG   sing N N 245 
PHE CB  HB2  sing N N 246 
PHE CB  HB3  sing N N 247 
PHE CG  CD1  doub Y N 248 
PHE CG  CD2  sing Y N 249 
PHE CD1 CE1  sing Y N 250 
PHE CD1 HD1  sing N N 251 
PHE CD2 CE2  doub Y N 252 
PHE CD2 HD2  sing N N 253 
PHE CE1 CZ   doub Y N 254 
PHE CE1 HE1  sing N N 255 
PHE CE2 CZ   sing Y N 256 
PHE CE2 HE2  sing N N 257 
PHE CZ  HZ   sing N N 258 
PHE OXT HXT  sing N N 259 
PRO N   CA   sing N N 260 
PRO N   CD   sing N N 261 
PRO N   H    sing N N 262 
PRO CA  C    sing N N 263 
PRO CA  CB   sing N N 264 
PRO CA  HA   sing N N 265 
PRO C   O    doub N N 266 
PRO C   OXT  sing N N 267 
PRO CB  CG   sing N N 268 
PRO CB  HB2  sing N N 269 
PRO CB  HB3  sing N N 270 
PRO CG  CD   sing N N 271 
PRO CG  HG2  sing N N 272 
PRO CG  HG3  sing N N 273 
PRO CD  HD2  sing N N 274 
PRO CD  HD3  sing N N 275 
PRO OXT HXT  sing N N 276 
SER N   CA   sing N N 277 
SER N   H    sing N N 278 
SER N   H2   sing N N 279 
SER CA  C    sing N N 280 
SER CA  CB   sing N N 281 
SER CA  HA   sing N N 282 
SER C   O    doub N N 283 
SER C   OXT  sing N N 284 
SER CB  OG   sing N N 285 
SER CB  HB2  sing N N 286 
SER CB  HB3  sing N N 287 
SER OG  HG   sing N N 288 
SER OXT HXT  sing N N 289 
THR N   CA   sing N N 290 
THR N   H    sing N N 291 
THR N   H2   sing N N 292 
THR CA  C    sing N N 293 
THR CA  CB   sing N N 294 
THR CA  HA   sing N N 295 
THR C   O    doub N N 296 
THR C   OXT  sing N N 297 
THR CB  OG1  sing N N 298 
THR CB  CG2  sing N N 299 
THR CB  HB   sing N N 300 
THR OG1 HG1  sing N N 301 
THR CG2 HG21 sing N N 302 
THR CG2 HG22 sing N N 303 
THR CG2 HG23 sing N N 304 
THR OXT HXT  sing N N 305 
TRP N   CA   sing N N 306 
TRP N   H    sing N N 307 
TRP N   H2   sing N N 308 
TRP CA  C    sing N N 309 
TRP CA  CB   sing N N 310 
TRP CA  HA   sing N N 311 
TRP C   O    doub N N 312 
TRP C   OXT  sing N N 313 
TRP CB  CG   sing N N 314 
TRP CB  HB2  sing N N 315 
TRP CB  HB3  sing N N 316 
TRP CG  CD1  doub Y N 317 
TRP CG  CD2  sing Y N 318 
TRP CD1 NE1  sing Y N 319 
TRP CD1 HD1  sing N N 320 
TRP CD2 CE2  doub Y N 321 
TRP CD2 CE3  sing Y N 322 
TRP NE1 CE2  sing Y N 323 
TRP NE1 HE1  sing N N 324 
TRP CE2 CZ2  sing Y N 325 
TRP CE3 CZ3  doub Y N 326 
TRP CE3 HE3  sing N N 327 
TRP CZ2 CH2  doub Y N 328 
TRP CZ2 HZ2  sing N N 329 
TRP CZ3 CH2  sing Y N 330 
TRP CZ3 HZ3  sing N N 331 
TRP CH2 HH2  sing N N 332 
TRP OXT HXT  sing N N 333 
TYR N   CA   sing N N 334 
TYR N   H    sing N N 335 
TYR N   H2   sing N N 336 
TYR CA  C    sing N N 337 
TYR CA  CB   sing N N 338 
TYR CA  HA   sing N N 339 
TYR C   O    doub N N 340 
TYR C   OXT  sing N N 341 
TYR CB  CG   sing N N 342 
TYR CB  HB2  sing N N 343 
TYR CB  HB3  sing N N 344 
TYR CG  CD1  doub Y N 345 
TYR CG  CD2  sing Y N 346 
TYR CD1 CE1  sing Y N 347 
TYR CD1 HD1  sing N N 348 
TYR CD2 CE2  doub Y N 349 
TYR CD2 HD2  sing N N 350 
TYR CE1 CZ   doub Y N 351 
TYR CE1 HE1  sing N N 352 
TYR CE2 CZ   sing Y N 353 
TYR CE2 HE2  sing N N 354 
TYR CZ  OH   sing N N 355 
TYR OH  HH   sing N N 356 
TYR OXT HXT  sing N N 357 
VAL N   CA   sing N N 358 
VAL N   H    sing N N 359 
VAL N   H2   sing N N 360 
VAL CA  C    sing N N 361 
VAL CA  CB   sing N N 362 
VAL CA  HA   sing N N 363 
VAL C   O    doub N N 364 
VAL C   OXT  sing N N 365 
VAL CB  CG1  sing N N 366 
VAL CB  CG2  sing N N 367 
VAL CB  HB   sing N N 368 
VAL CG1 HG11 sing N N 369 
VAL CG1 HG12 sing N N 370 
VAL CG1 HG13 sing N N 371 
VAL CG2 HG21 sing N N 372 
VAL CG2 HG22 sing N N 373 
VAL CG2 HG23 sing N N 374 
VAL OXT HXT  sing N N 375 
# 
_atom_sites.entry_id                    3OJE 
_atom_sites.fract_transf_matrix[1][1]   0.00859001 
_atom_sites.fract_transf_matrix[1][2]   -0.00474103 
_atom_sites.fract_transf_matrix[1][3]   -0.00695579 
_atom_sites.fract_transf_matrix[2][1]   -0.00100614 
_atom_sites.fract_transf_matrix[2][2]   0.00798964 
_atom_sites.fract_transf_matrix[2][3]   -0.00668823 
_atom_sites.fract_transf_matrix[3][1]   0.01033061 
_atom_sites.fract_transf_matrix[3][2]   0.00762817 
_atom_sites.fract_transf_matrix[3][3]   0.00755840 
_atom_sites.fract_transf_vector[1]      -1.184138 
_atom_sites.fract_transf_vector[2]      -0.116696 
_atom_sites.fract_transf_vector[3]      -0.640339 
# 
loop_
_atom_type.symbol 
C 
N 
O 
S 
# 
loop_
_atom_site.group_PDB 
_atom_site.id 
_atom_site.type_symbol 
_atom_site.label_atom_id 
_atom_site.label_alt_id 
_atom_site.label_comp_id 
_atom_site.label_asym_id 
_atom_site.label_entity_id 
_atom_site.label_seq_id 
_atom_site.pdbx_PDB_ins_code 
_atom_site.Cartn_x 
_atom_site.Cartn_y 
_atom_site.Cartn_z 
_atom_site.occupancy 
_atom_site.B_iso_or_equiv 
_atom_site.pdbx_formal_charge 
_atom_site.auth_seq_id 
_atom_site.auth_comp_id 
_atom_site.auth_asym_id 
_atom_site.auth_atom_id 
_atom_site.pdbx_PDB_model_num 
ATOM   1    N N   . MET A 1 1   ? -10.211 15.571  10.387  1.00 98.08  ? 1   MET A N   1 
ATOM   2    C CA  . MET A 1 1   ? -10.441 14.805  9.127   1.00 98.24  ? 1   MET A CA  1 
ATOM   3    C C   . MET A 1 1   ? -9.544  15.364  8.022   1.00 96.93  ? 1   MET A C   1 
ATOM   4    O O   . MET A 1 1   ? -8.317  15.385  8.165   1.00 97.35  ? 1   MET A O   1 
ATOM   5    C CB  . MET A 1 1   ? -11.921 14.872  8.715   1.00 99.85  ? 1   MET A CB  1 
ATOM   6    C CG  . MET A 1 1   ? -12.925 14.305  9.726   1.00 104.12 ? 1   MET A CG  1 
ATOM   7    S SD  . MET A 1 1   ? -13.076 12.500  9.712   1.00 104.72 ? 1   MET A SD  1 
ATOM   8    C CE  . MET A 1 1   ? -11.935 12.003  11.012  1.00 104.92 ? 1   MET A CE  1 
ATOM   9    N N   . GLU A 1 2   ? -10.177 15.787  6.924   1.00 95.54  ? 2   GLU A N   1 
ATOM   10   C CA  . GLU A 1 2   ? -9.568  16.570  5.823   1.00 93.49  ? 2   GLU A CA  1 
ATOM   11   C C   . GLU A 1 2   ? -8.447  15.909  5.007   1.00 90.98  ? 2   GLU A C   1 
ATOM   12   O O   . GLU A 1 2   ? -7.748  15.003  5.481   1.00 90.85  ? 2   GLU A O   1 
ATOM   13   C CB  . GLU A 1 2   ? -9.137  17.966  6.311   1.00 95.05  ? 2   GLU A CB  1 
ATOM   14   C CG  . GLU A 1 2   ? -10.289 18.855  6.782   1.00 98.16  ? 2   GLU A CG  1 
ATOM   15   C CD  . GLU A 1 2   ? -11.056 19.487  5.633   1.00 99.76  ? 2   GLU A CD  1 
ATOM   16   O OE1 . GLU A 1 2   ? -10.546 20.464  5.044   1.00 100.43 ? 2   GLU A OE1 1 
ATOM   17   O OE2 . GLU A 1 2   ? -12.172 19.015  5.331   1.00 101.89 ? 2   GLU A OE2 1 
ATOM   18   N N   . LEU A 1 3   ? -8.294  16.395  3.775   1.00 88.29  ? 3   LEU A N   1 
ATOM   19   C CA  . LEU A 1 3   ? -7.284  15.932  2.809   1.00 85.35  ? 3   LEU A CA  1 
ATOM   20   C C   . LEU A 1 3   ? -7.795  14.715  2.048   1.00 84.52  ? 3   LEU A C   1 
ATOM   21   O O   . LEU A 1 3   ? -7.895  14.735  0.820   1.00 84.74  ? 3   LEU A O   1 
ATOM   22   C CB  . LEU A 1 3   ? -5.918  15.631  3.468   1.00 82.12  ? 3   LEU A CB  1 
ATOM   23   C CG  . LEU A 1 3   ? -4.650  16.304  2.915   1.00 78.43  ? 3   LEU A CG  1 
ATOM   24   C CD1 . LEU A 1 3   ? -3.414  15.496  3.327   1.00 77.30  ? 3   LEU A CD1 1 
ATOM   25   C CD2 . LEU A 1 3   ? -4.708  16.534  1.390   1.00 76.33  ? 3   LEU A CD2 1 
ATOM   26   N N   . LEU A 1 4   ? -8.101  13.656  2.786   1.00 83.36  ? 4   LEU A N   1 
ATOM   27   C CA  . LEU A 1 4   ? -8.792  12.513  2.225   1.00 82.61  ? 4   LEU A CA  1 
ATOM   28   C C   . LEU A 1 4   ? -10.262 12.597  2.647   1.00 83.32  ? 4   LEU A C   1 
ATOM   29   O O   . LEU A 1 4   ? -10.778 11.751  3.382   1.00 83.06  ? 4   LEU A O   1 
ATOM   30   C CB  . LEU A 1 4   ? -8.129  11.205  2.671   1.00 80.90  ? 4   LEU A CB  1 
ATOM   31   C CG  . LEU A 1 4   ? -6.686  10.951  2.221   1.00 78.31  ? 4   LEU A CG  1 
ATOM   32   C CD1 . LEU A 1 4   ? -6.228  9.546   2.629   1.00 77.87  ? 4   LEU A CD1 1 
ATOM   33   C CD2 . LEU A 1 4   ? -6.540  11.130  0.721   1.00 78.06  ? 4   LEU A CD2 1 
ATOM   34   N N   . GLN A 1 5   ? -10.928 13.643  2.170   1.00 83.96  ? 5   GLN A N   1 
ATOM   35   C CA  . GLN A 1 5   ? -12.278 13.944  2.615   1.00 84.39  ? 5   GLN A CA  1 
ATOM   36   C C   . GLN A 1 5   ? -13.353 13.315  1.728   1.00 84.60  ? 5   GLN A C   1 
ATOM   37   O O   . GLN A 1 5   ? -13.492 13.661  0.541   1.00 83.63  ? 5   GLN A O   1 
ATOM   38   C CB  . GLN A 1 5   ? -12.492 15.457  2.787   1.00 85.58  ? 5   GLN A CB  1 
ATOM   39   C CG  . GLN A 1 5   ? -13.776 15.831  3.545   1.00 87.44  ? 5   GLN A CG  1 
ATOM   40   C CD  . GLN A 1 5   ? -13.916 15.136  4.908   1.00 88.24  ? 5   GLN A CD  1 
ATOM   41   O OE1 . GLN A 1 5   ? -13.837 13.903  5.017   1.00 87.43  ? 5   GLN A OE1 1 
ATOM   42   N NE2 . GLN A 1 5   ? -14.147 15.935  5.952   1.00 89.42  ? 5   GLN A NE2 1 
ATOM   43   N N   . GLY A 1 6   ? -14.106 12.395  2.340   1.00 84.40  ? 6   GLY A N   1 
ATOM   44   C CA  . GLY A 1 6   ? -15.151 11.613  1.669   1.00 83.52  ? 6   GLY A CA  1 
ATOM   45   C C   . GLY A 1 6   ? -14.587 10.580  0.708   1.00 82.64  ? 6   GLY A C   1 
ATOM   46   O O   . GLY A 1 6   ? -15.218 10.257  -0.299  1.00 81.33  ? 6   GLY A O   1 
ATOM   47   N N   . LYS A 1 7   ? -13.398 10.068  1.027   1.00 82.43  ? 7   LYS A N   1 
ATOM   48   C CA  . LYS A 1 7   ? -12.646 9.187   0.136   1.00 82.28  ? 7   LYS A CA  1 
ATOM   49   C C   . LYS A 1 7   ? -12.409 7.828   0.776   1.00 81.14  ? 7   LYS A C   1 
ATOM   50   O O   . LYS A 1 7   ? -12.267 7.722   1.998   1.00 82.33  ? 7   LYS A O   1 
ATOM   51   C CB  . LYS A 1 7   ? -11.302 9.819   -0.234  1.00 82.95  ? 7   LYS A CB  1 
ATOM   52   C CG  . LYS A 1 7   ? -11.375 10.916  -1.285  1.00 84.74  ? 7   LYS A CG  1 
ATOM   53   C CD  . LYS A 1 7   ? -9.990  11.182  -1.841  1.00 85.87  ? 7   LYS A CD  1 
ATOM   54   C CE  . LYS A 1 7   ? -10.043 12.042  -3.099  1.00 86.43  ? 7   LYS A CE  1 
ATOM   55   N NZ  . LYS A 1 7   ? -8.799  11.916  -3.953  1.00 87.08  ? 7   LYS A NZ  1 
ATOM   56   N N   . THR A 1 8   ? -12.355 6.793   -0.060  1.00 78.02  ? 8   THR A N   1 
ATOM   57   C CA  . THR A 1 8   ? -12.211 5.418   0.429   1.00 74.93  ? 8   THR A CA  1 
ATOM   58   C C   . THR A 1 8   ? -11.331 4.481   -0.432  1.00 73.58  ? 8   THR A C   1 
ATOM   59   O O   . THR A 1 8   ? -11.377 4.531   -1.673  1.00 73.23  ? 8   THR A O   1 
ATOM   60   C CB  . THR A 1 8   ? -13.589 4.774   0.717   1.00 75.12  ? 8   THR A CB  1 
ATOM   61   O OG1 . THR A 1 8   ? -13.449 3.343   0.761   1.00 74.23  ? 8   THR A OG1 1 
ATOM   62   C CG2 . THR A 1 8   ? -14.644 5.204   -0.324  1.00 75.10  ? 8   THR A CG2 1 
ATOM   63   N N   . PHE A 1 9   ? -10.568 3.618   0.253   1.00 71.36  ? 9   PHE A N   1 
ATOM   64   C CA  . PHE A 1 9   ? -9.445  2.881   -0.339  1.00 69.07  ? 9   PHE A CA  1 
ATOM   65   C C   . PHE A 1 9   ? -9.360  1.419   0.142   1.00 67.95  ? 9   PHE A C   1 
ATOM   66   O O   . PHE A 1 9   ? -9.841  1.084   1.226   1.00 67.63  ? 9   PHE A O   1 
ATOM   67   C CB  . PHE A 1 9   ? -8.116  3.575   0.028   1.00 67.44  ? 9   PHE A CB  1 
ATOM   68   C CG  . PHE A 1 9   ? -8.101  5.073   -0.217  1.00 65.29  ? 9   PHE A CG  1 
ATOM   69   C CD1 . PHE A 1 9   ? -8.320  5.968   0.829   1.00 64.89  ? 9   PHE A CD1 1 
ATOM   70   C CD2 . PHE A 1 9   ? -7.855  5.589   -1.484  1.00 64.12  ? 9   PHE A CD2 1 
ATOM   71   C CE1 . PHE A 1 9   ? -8.302  7.369   0.617   1.00 63.93  ? 9   PHE A CE1 1 
ATOM   72   C CE2 . PHE A 1 9   ? -7.844  6.990   -1.706  1.00 64.67  ? 9   PHE A CE2 1 
ATOM   73   C CZ  . PHE A 1 9   ? -8.070  7.880   -0.651  1.00 64.05  ? 9   PHE A CZ  1 
ATOM   74   N N   . VAL A 1 10  ? -8.723  0.549   -0.640  1.00 66.54  ? 10  VAL A N   1 
ATOM   75   C CA  . VAL A 1 10  ? -8.469  -0.816  -0.171  1.00 64.86  ? 10  VAL A CA  1 
ATOM   76   C C   . VAL A 1 10  ? -7.053  -0.902  0.386   1.00 64.33  ? 10  VAL A C   1 
ATOM   77   O O   . VAL A 1 10  ? -6.119  -0.364  -0.203  1.00 64.85  ? 10  VAL A O   1 
ATOM   78   C CB  . VAL A 1 10  ? -8.695  -1.873  -1.294  1.00 65.55  ? 10  VAL A CB  1 
ATOM   79   C CG1 . VAL A 1 10  ? -8.277  -3.284  -0.835  1.00 65.72  ? 10  VAL A CG1 1 
ATOM   80   C CG2 . VAL A 1 10  ? -10.146 -1.878  -1.722  1.00 63.72  ? 10  VAL A CG2 1 
ATOM   81   N N   . VAL A 1 11  ? -6.895  -1.565  1.523   1.00 63.73  ? 11  VAL A N   1 
ATOM   82   C CA  . VAL A 1 11  ? -5.576  -1.739  2.117   1.00 63.04  ? 11  VAL A CA  1 
ATOM   83   C C   . VAL A 1 11  ? -5.268  -3.218  2.267   1.00 63.18  ? 11  VAL A C   1 
ATOM   84   O O   . VAL A 1 11  ? -5.843  -3.917  3.102   1.00 62.64  ? 11  VAL A O   1 
ATOM   85   C CB  . VAL A 1 11  ? -5.446  -1.061  3.515   1.00 62.41  ? 11  VAL A CB  1 
ATOM   86   C CG1 . VAL A 1 11  ? -3.943  -1.066  4.024   1.00 61.32  ? 11  VAL A CG1 1 
ATOM   87   C CG2 . VAL A 1 11  ? -6.070  0.359   3.519   1.00 61.01  ? 11  VAL A CG2 1 
ATOM   88   N N   . MET A 1 12  ? -4.330  -3.684  1.464   1.00 63.42  ? 12  MET A N   1 
ATOM   89   C CA  . MET A 1 12  ? -3.998  -5.081  1.450   1.00 63.29  ? 12  MET A CA  1 
ATOM   90   C C   . MET A 1 12  ? -2.652  -5.233  2.108   1.00 65.12  ? 12  MET A C   1 
ATOM   91   O O   . MET A 1 12  ? -1.897  -4.257  2.190   1.00 65.03  ? 12  MET A O   1 
ATOM   92   C CB  . MET A 1 12  ? -3.900  -5.544  0.011   1.00 61.27  ? 12  MET A CB  1 
ATOM   93   C CG  . MET A 1 12  ? -4.757  -4.749  -0.970  1.00 57.54  ? 12  MET A CG  1 
ATOM   94   S SD  . MET A 1 12  ? -4.417  -5.391  -2.612  1.00 54.61  ? 12  MET A SD  1 
ATOM   95   C CE  . MET A 1 12  ? -6.055  -5.341  -3.311  1.00 54.44  ? 12  MET A CE  1 
ATOM   96   N N   . GLY A 1 13  ? -2.352  -6.451  2.566   1.00 67.20  ? 13  GLY A N   1 
ATOM   97   C CA  . GLY A 1 13  ? -1.025  -6.797  3.095   1.00 70.23  ? 13  GLY A CA  1 
ATOM   98   C C   . GLY A 1 13  ? -0.857  -6.576  4.593   1.00 72.49  ? 13  GLY A C   1 
ATOM   99   O O   . GLY A 1 13  ? 0.233   -6.777  5.166   1.00 71.95  ? 13  GLY A O   1 
ATOM   100  N N   . VAL A 1 14  ? -1.954  -6.158  5.216   1.00 74.47  ? 14  VAL A N   1 
ATOM   101  C CA  . VAL A 1 14  ? -2.008  -5.893  6.640   1.00 76.28  ? 14  VAL A CA  1 
ATOM   102  C C   . VAL A 1 14  ? -2.154  -7.194  7.412   1.00 79.39  ? 14  VAL A C   1 
ATOM   103  O O   . VAL A 1 14  ? -3.020  -8.014  7.113   1.00 80.38  ? 14  VAL A O   1 
ATOM   104  C CB  . VAL A 1 14  ? -3.152  -4.899  6.959   1.00 74.36  ? 14  VAL A CB  1 
ATOM   105  C CG1 . VAL A 1 14  ? -4.329  -5.130  6.037   1.00 72.20  ? 14  VAL A CG1 1 
ATOM   106  C CG2 . VAL A 1 14  ? -3.567  -4.944  8.426   1.00 72.67  ? 14  VAL A CG2 1 
ATOM   107  N N   . ALA A 1 15  ? -1.271  -7.376  8.387   1.00 82.96  ? 15  ALA A N   1 
ATOM   108  C CA  . ALA A 1 15  ? -1.286  -8.525  9.289   1.00 85.84  ? 15  ALA A CA  1 
ATOM   109  C C   . ALA A 1 15  ? -0.450  -8.210  10.531  1.00 87.61  ? 15  ALA A C   1 
ATOM   110  O O   . ALA A 1 15  ? 0.781   -8.106  10.462  1.00 88.69  ? 15  ALA A O   1 
ATOM   111  C CB  . ALA A 1 15  ? -0.771  -9.777  8.585   1.00 85.03  ? 15  ALA A CB  1 
ATOM   112  N N   . ASN A 1 16  ? -1.125  -8.059  11.665  1.00 88.92  ? 16  ASN A N   1 
ATOM   113  C CA  . ASN A 1 16  ? -0.452  -7.757  12.923  1.00 91.40  ? 16  ASN A CA  1 
ATOM   114  C C   . ASN A 1 16  ? 0.076   -6.327  12.966  1.00 91.55  ? 16  ASN A C   1 
ATOM   115  O O   . ASN A 1 16  ? 1.029   -5.985  12.265  1.00 92.06  ? 16  ASN A O   1 
ATOM   116  C CB  . ASN A 1 16  ? 0.689   -8.746  13.172  1.00 93.30  ? 16  ASN A CB  1 
ATOM   117  C CG  . ASN A 1 16  ? 0.208   -10.048 13.781  1.00 96.21  ? 16  ASN A CG  1 
ATOM   118  O OD1 . ASN A 1 16  ? -0.553  -10.793 13.164  1.00 96.93  ? 16  ASN A OD1 1 
ATOM   119  N ND2 . ASN A 1 16  ? 0.652   -10.330 15.001  1.00 96.82  ? 16  ASN A ND2 1 
ATOM   120  N N   . GLN A 1 17  ? -0.550  -5.495  13.792  1.00 91.43  ? 17  GLN A N   1 
ATOM   121  C CA  . GLN A 1 17  ? -0.145  -4.100  13.927  1.00 91.78  ? 17  GLN A CA  1 
ATOM   122  C C   . GLN A 1 17  ? 1.240   -3.868  13.332  1.00 91.29  ? 17  GLN A C   1 
ATOM   123  O O   . GLN A 1 17  ? 1.394   -3.111  12.373  1.00 90.74  ? 17  GLN A O   1 
ATOM   124  C CB  . GLN A 1 17  ? -0.162  -3.678  15.398  1.00 93.60  ? 17  GLN A CB  1 
ATOM   125  C CG  . GLN A 1 17  ? 0.570   -4.633  16.327  1.00 96.16  ? 17  GLN A CG  1 
ATOM   126  C CD  . GLN A 1 17  ? 0.359   -4.298  17.790  1.00 97.75  ? 17  GLN A CD  1 
ATOM   127  O OE1 . GLN A 1 17  ? 1.221   -4.561  18.629  1.00 99.55  ? 17  GLN A OE1 1 
ATOM   128  N NE2 . GLN A 1 17  ? -0.790  -3.713  18.104  1.00 97.96  ? 17  GLN A NE2 1 
ATOM   129  N N   . ARG A 1 18  ? 2.243   -4.524  13.906  1.00 91.38  ? 18  ARG A N   1 
ATOM   130  C CA  . ARG A 1 18  ? 3.611   -4.390  13.435  1.00 91.58  ? 18  ARG A CA  1 
ATOM   131  C C   . ARG A 1 18  ? 3.667   -4.204  11.909  1.00 90.36  ? 18  ARG A C   1 
ATOM   132  O O   . ARG A 1 18  ? 4.544   -3.509  11.403  1.00 90.03  ? 18  ARG A O   1 
ATOM   133  C CB  . ARG A 1 18  ? 4.408   -5.623  13.857  1.00 93.15  ? 18  ARG A CB  1 
ATOM   134  C CG  . ARG A 1 18  ? 3.603   -6.894  13.692  1.00 95.08  ? 18  ARG A CG  1 
ATOM   135  C CD  . ARG A 1 18  ? 4.453   -8.122  13.551  1.00 96.80  ? 18  ARG A CD  1 
ATOM   136  N NE  . ARG A 1 18  ? 3.830   -9.058  12.614  1.00 97.92  ? 18  ARG A NE  1 
ATOM   137  C CZ  . ARG A 1 18  ? 3.794   -10.383 12.768  1.00 97.71  ? 18  ARG A CZ  1 
ATOM   138  N NH1 . ARG A 1 18  ? 4.333   -10.961 13.841  1.00 97.45  ? 18  ARG A NH1 1 
ATOM   139  N NH2 . ARG A 1 18  ? 3.206   -11.136 11.847  1.00 97.64  ? 18  ARG A NH2 1 
ATOM   140  N N   . SER A 1 19  ? 2.723   -4.815  11.194  1.00 88.40  ? 19  SER A N   1 
ATOM   141  C CA  . SER A 1 19  ? 2.653   -4.735  9.732   1.00 85.69  ? 19  SER A CA  1 
ATOM   142  C C   . SER A 1 19  ? 2.711   -3.314  9.208   1.00 83.58  ? 19  SER A C   1 
ATOM   143  O O   . SER A 1 19  ? 2.111   -2.394  9.762   1.00 83.81  ? 19  SER A O   1 
ATOM   144  C CB  . SER A 1 19  ? 1.366   -5.362  9.218   1.00 85.60  ? 19  SER A CB  1 
ATOM   145  O OG  . SER A 1 19  ? 0.262   -4.545  9.572   1.00 85.45  ? 19  SER A OG  1 
ATOM   146  N N   . ILE A 1 20  ? 3.419   -3.176  8.100   1.00 81.21  ? 20  ILE A N   1 
ATOM   147  C CA  . ILE A 1 20  ? 3.619   -1.912  7.417   1.00 78.65  ? 20  ILE A CA  1 
ATOM   148  C C   . ILE A 1 20  ? 2.306   -1.265  6.946   1.00 76.87  ? 20  ILE A C   1 
ATOM   149  O O   . ILE A 1 20  ? 2.202   -0.030  6.863   1.00 75.59  ? 20  ILE A O   1 
ATOM   150  C CB  . ILE A 1 20  ? 4.542   -2.136  6.199   1.00 79.33  ? 20  ILE A CB  1 
ATOM   151  C CG1 . ILE A 1 20  ? 4.734   -0.839  5.403   1.00 78.71  ? 20  ILE A CG1 1 
ATOM   152  C CG2 . ILE A 1 20  ? 4.014   -3.306  5.326   1.00 78.81  ? 20  ILE A CG2 1 
ATOM   153  C CD1 . ILE A 1 20  ? 5.395   0.281   6.188   1.00 78.91  ? 20  ILE A CD1 1 
ATOM   154  N N   . ALA A 1 21  ? 1.314   -2.111  6.648   1.00 74.63  ? 21  ALA A N   1 
ATOM   155  C CA  . ALA A 1 21  ? 0.079   -1.672  6.034   1.00 72.23  ? 21  ALA A CA  1 
ATOM   156  C C   . ALA A 1 21  ? -0.916  -1.208  7.056   1.00 71.47  ? 21  ALA A C   1 
ATOM   157  O O   . ALA A 1 21  ? -1.806  -0.431  6.709   1.00 70.29  ? 21  ALA A O   1 
ATOM   158  C CB  . ALA A 1 21  ? -0.502  -2.756  5.189   1.00 70.67  ? 21  ALA A CB  1 
ATOM   159  N N   . TRP A 1 22  ? -0.790  -1.650  8.309   1.00 72.24  ? 22  TRP A N   1 
ATOM   160  C CA  . TRP A 1 22  ? -1.614  -1.032  9.349   1.00 72.49  ? 22  TRP A CA  1 
ATOM   161  C C   . TRP A 1 22  ? -1.117  0.385   9.575   1.00 71.50  ? 22  TRP A C   1 
ATOM   162  O O   . TRP A 1 22  ? -1.907  1.322   9.724   1.00 71.65  ? 22  TRP A O   1 
ATOM   163  C CB  . TRP A 1 22  ? -1.697  -1.826  10.660  1.00 74.17  ? 22  TRP A CB  1 
ATOM   164  C CG  . TRP A 1 22  ? -2.937  -1.411  11.441  1.00 76.61  ? 22  TRP A CG  1 
ATOM   165  C CD1 . TRP A 1 22  ? -4.232  -1.440  10.992  1.00 77.07  ? 22  TRP A CD1 1 
ATOM   166  C CD2 . TRP A 1 22  ? -2.995  -0.882  12.778  1.00 77.72  ? 22  TRP A CD2 1 
ATOM   167  N NE1 . TRP A 1 22  ? -5.087  -0.971  11.960  1.00 77.37  ? 22  TRP A NE1 1 
ATOM   168  C CE2 . TRP A 1 22  ? -4.359  -0.622  13.065  1.00 77.85  ? 22  TRP A CE2 1 
ATOM   169  C CE3 . TRP A 1 22  ? -2.032  -0.607  13.761  1.00 78.74  ? 22  TRP A CE3 1 
ATOM   170  C CZ2 . TRP A 1 22  ? -4.784  -0.101  14.294  1.00 78.26  ? 22  TRP A CZ2 1 
ATOM   171  C CZ3 . TRP A 1 22  ? -2.457  -0.089  14.993  1.00 79.12  ? 22  TRP A CZ3 1 
ATOM   172  C CH2 . TRP A 1 22  ? -3.822  0.159   15.244  1.00 79.21  ? 22  TRP A CH2 1 
ATOM   173  N N   . GLY A 1 23  ? 0.203   0.533   9.560   1.00 69.42  ? 23  GLY A N   1 
ATOM   174  C CA  . GLY A 1 23  ? 0.846   1.851   9.530   1.00 67.11  ? 23  GLY A CA  1 
ATOM   175  C C   . GLY A 1 23  ? 0.235   2.783   8.499   1.00 65.68  ? 23  GLY A C   1 
ATOM   176  O O   . GLY A 1 23  ? -0.178  3.901   8.811   1.00 64.97  ? 23  GLY A O   1 
ATOM   177  N N   . ILE A 1 24  ? 0.166   2.315   7.260   1.00 65.57  ? 24  ILE A N   1 
ATOM   178  C CA  . ILE A 1 24  ? -0.405  3.112   6.195   1.00 64.91  ? 24  ILE A CA  1 
ATOM   179  C C   . ILE A 1 24  ? -1.856  3.334   6.541   1.00 64.87  ? 24  ILE A C   1 
ATOM   180  O O   . ILE A 1 24  ? -2.361  4.457   6.394   1.00 64.29  ? 24  ILE A O   1 
ATOM   181  C CB  . ILE A 1 24  ? -0.255  2.428   4.824   1.00 64.83  ? 24  ILE A CB  1 
ATOM   182  C CG1 . ILE A 1 24  ? 1.226   2.135   4.552   1.00 64.93  ? 24  ILE A CG1 1 
ATOM   183  C CG2 . ILE A 1 24  ? -0.810  3.319   3.725   1.00 62.74  ? 24  ILE A CG2 1 
ATOM   184  C CD1 . ILE A 1 24  ? 1.515   0.994   3.594   1.00 65.23  ? 24  ILE A CD1 1 
ATOM   185  N N   . ALA A 1 25  ? -2.496  2.272   7.046   1.00 64.61  ? 25  ALA A N   1 
ATOM   186  C CA  . ALA A 1 25  ? -3.930  2.277   7.320   1.00 65.47  ? 25  ALA A CA  1 
ATOM   187  C C   . ALA A 1 25  ? -4.329  3.425   8.244   1.00 65.61  ? 25  ALA A C   1 
ATOM   188  O O   . ALA A 1 25  ? -5.133  4.283   7.856   1.00 65.32  ? 25  ALA A O   1 
ATOM   189  C CB  . ALA A 1 25  ? -4.380  0.950   7.884   1.00 66.62  ? 25  ALA A CB  1 
ATOM   190  N N   . ARG A 1 26  ? -3.751  3.450   9.446   1.00 66.13  ? 26  ARG A N   1 
ATOM   191  C CA  . ARG A 1 26  ? -4.007  4.527   10.400  1.00 68.28  ? 26  ARG A CA  1 
ATOM   192  C C   . ARG A 1 26  ? -3.806  5.899   9.767   1.00 68.62  ? 26  ARG A C   1 
ATOM   193  O O   . ARG A 1 26  ? -4.677  6.782   9.874   1.00 69.26  ? 26  ARG A O   1 
ATOM   194  C CB  . ARG A 1 26  ? -3.083  4.416   11.598  1.00 69.17  ? 26  ARG A CB  1 
ATOM   195  C CG  . ARG A 1 26  ? -3.346  3.233   12.477  1.00 70.86  ? 26  ARG A CG  1 
ATOM   196  C CD  . ARG A 1 26  ? -2.439  3.291   13.692  1.00 71.57  ? 26  ARG A CD  1 
ATOM   197  N NE  . ARG A 1 26  ? -1.039  3.416   13.283  1.00 71.88  ? 26  ARG A NE  1 
ATOM   198  C CZ  . ARG A 1 26  ? -0.019  2.834   13.904  1.00 71.78  ? 26  ARG A CZ  1 
ATOM   199  N NH1 . ARG A 1 26  ? -0.230  2.068   14.972  1.00 73.37  ? 26  ARG A NH1 1 
ATOM   200  N NH2 . ARG A 1 26  ? 1.211   3.005   13.440  1.00 69.43  ? 26  ARG A NH2 1 
ATOM   201  N N   . SER A 1 27  ? -2.664  6.059   9.097   1.00 68.85  ? 27  SER A N   1 
ATOM   202  C CA  . SER A 1 27  ? -2.299  7.305   8.454   1.00 69.17  ? 27  SER A CA  1 
ATOM   203  C C   . SER A 1 27  ? -3.349  7.783   7.447   1.00 70.34  ? 27  SER A C   1 
ATOM   204  O O   . SER A 1 27  ? -3.513  8.984   7.249   1.00 69.49  ? 27  SER A O   1 
ATOM   205  C CB  . SER A 1 27  ? -0.929  7.170   7.815   1.00 68.94  ? 27  SER A CB  1 
ATOM   206  O OG  . SER A 1 27  ? 0.038   6.827   8.795   1.00 66.82  ? 27  SER A OG  1 
ATOM   207  N N   . LEU A 1 28  ? -4.089  6.854   6.840   1.00 72.14  ? 28  LEU A N   1 
ATOM   208  C CA  . LEU A 1 28  ? -5.188  7.227   5.930   1.00 73.39  ? 28  LEU A CA  1 
ATOM   209  C C   . LEU A 1 28  ? -6.483  7.523   6.674   1.00 74.37  ? 28  LEU A C   1 
ATOM   210  O O   . LEU A 1 28  ? -7.194  8.474   6.328   1.00 74.62  ? 28  LEU A O   1 
ATOM   211  C CB  . LEU A 1 28  ? -5.424  6.153   4.860   1.00 72.46  ? 28  LEU A CB  1 
ATOM   212  C CG  . LEU A 1 28  ? -4.237  5.855   3.945   1.00 71.77  ? 28  LEU A CG  1 
ATOM   213  C CD1 . LEU A 1 28  ? -4.370  4.479   3.361   1.00 71.42  ? 28  LEU A CD1 1 
ATOM   214  C CD2 . LEU A 1 28  ? -4.100  6.891   2.851   1.00 71.27  ? 28  LEU A CD2 1 
ATOM   215  N N   . HIS A 1 29  ? -6.788  6.707   7.686   1.00 74.92  ? 29  HIS A N   1 
ATOM   216  C CA  . HIS A 1 29  ? -7.983  6.907   8.491   1.00 75.37  ? 29  HIS A CA  1 
ATOM   217  C C   . HIS A 1 29  ? -7.970  8.297   9.125   1.00 74.99  ? 29  HIS A C   1 
ATOM   218  O O   . HIS A 1 29  ? -8.954  9.038   9.030   1.00 74.56  ? 29  HIS A O   1 
ATOM   219  C CB  . HIS A 1 29  ? -8.094  5.851   9.583   1.00 76.88  ? 29  HIS A CB  1 
ATOM   220  C CG  . HIS A 1 29  ? -9.210  6.108   10.547  1.00 77.77  ? 29  HIS A CG  1 
ATOM   221  N ND1 . HIS A 1 29  ? -9.139  7.078   11.524  1.00 77.83  ? 29  HIS A ND1 1 
ATOM   222  C CD2 . HIS A 1 29  ? -10.428 5.530   10.678  1.00 77.82  ? 29  HIS A CD2 1 
ATOM   223  C CE1 . HIS A 1 29  ? -10.265 7.087   12.216  1.00 78.30  ? 29  HIS A CE1 1 
ATOM   224  N NE2 . HIS A 1 29  ? -11.063 6.156   11.725  1.00 78.57  ? 29  HIS A NE2 1 
ATOM   225  N N   . ASN A 1 30  ? -6.848  8.644   9.764   1.00 74.31  ? 30  ASN A N   1 
ATOM   226  C CA  . ASN A 1 30  ? -6.679  9.972   10.366  1.00 74.35  ? 30  ASN A CA  1 
ATOM   227  C C   . ASN A 1 30  ? -6.807  11.123  9.346   1.00 74.51  ? 30  ASN A C   1 
ATOM   228  O O   . ASN A 1 30  ? -7.082  12.272  9.720   1.00 74.57  ? 30  ASN A O   1 
ATOM   229  C CB  . ASN A 1 30  ? -5.363  10.073  11.168  1.00 74.36  ? 30  ASN A CB  1 
ATOM   230  C CG  . ASN A 1 30  ? -5.307  9.100   12.370  1.00 75.25  ? 30  ASN A CG  1 
ATOM   231  O OD1 . ASN A 1 30  ? -6.335  8.799   12.998  1.00 75.85  ? 30  ASN A OD1 1 
ATOM   232  N ND2 . ASN A 1 30  ? -4.099  8.610   12.692  1.00 74.21  ? 30  ASN A ND2 1 
ATOM   233  N N   . ALA A 1 31  ? -6.613  10.826  8.066   1.00 74.96  ? 31  ALA A N   1 
ATOM   234  C CA  . ALA A 1 31  ? -6.852  11.827  7.038   1.00 75.67  ? 31  ALA A CA  1 
ATOM   235  C C   . ALA A 1 31  ? -8.332  11.845  6.667   1.00 76.57  ? 31  ALA A C   1 
ATOM   236  O O   . ALA A 1 31  ? -8.732  12.485  5.692   1.00 77.12  ? 31  ALA A O   1 
ATOM   237  C CB  . ALA A 1 31  ? -5.993  11.557  5.828   1.00 74.78  ? 31  ALA A CB  1 
ATOM   238  N N   . GLY A 1 32  ? -9.139  11.128  7.448   1.00 77.63  ? 32  GLY A N   1 
ATOM   239  C CA  . GLY A 1 32  ? -10.593 11.117  7.290   1.00 77.81  ? 32  GLY A CA  1 
ATOM   240  C C   . GLY A 1 32  ? -11.106 10.239  6.165   1.00 77.25  ? 32  GLY A C   1 
ATOM   241  O O   . GLY A 1 32  ? -12.142 10.528  5.561   1.00 77.24  ? 32  GLY A O   1 
ATOM   242  N N   . ALA A 1 33  ? -10.391 9.155   5.892   1.00 76.80  ? 33  ALA A N   1 
ATOM   243  C CA  . ALA A 1 33  ? -10.729 8.299   4.766   1.00 75.82  ? 33  ALA A CA  1 
ATOM   244  C C   . ALA A 1 33  ? -11.358 6.994   5.222   1.00 74.91  ? 33  ALA A C   1 
ATOM   245  O O   . ALA A 1 33  ? -10.994 6.456   6.287   1.00 74.67  ? 33  ALA A O   1 
ATOM   246  C CB  . ALA A 1 33  ? -9.499  8.018   3.935   1.00 76.93  ? 33  ALA A CB  1 
ATOM   247  N N   . LYS A 1 34  ? -12.300 6.498   4.414   1.00 73.82  ? 34  LYS A N   1 
ATOM   248  C CA  . LYS A 1 34  ? -12.901 5.166   4.610   1.00 73.84  ? 34  LYS A CA  1 
ATOM   249  C C   . LYS A 1 34  ? -12.040 4.078   3.974   1.00 73.63  ? 34  LYS A C   1 
ATOM   250  O O   . LYS A 1 34  ? -11.392 4.302   2.952   1.00 73.74  ? 34  LYS A O   1 
ATOM   251  C CB  . LYS A 1 34  ? -14.335 5.102   4.064   1.00 74.30  ? 34  LYS A CB  1 
ATOM   252  C CG  . LYS A 1 34  ? -15.398 5.659   5.000   1.00 76.92  ? 34  LYS A CG  1 
ATOM   253  C CD  . LYS A 1 34  ? -16.755 5.048   4.691   1.00 79.06  ? 34  LYS A CD  1 
ATOM   254  C CE  . LYS A 1 34  ? -16.784 3.541   5.014   1.00 81.03  ? 34  LYS A CE  1 
ATOM   255  N NZ  . LYS A 1 34  ? -16.375 3.246   6.425   1.00 80.81  ? 34  LYS A NZ  1 
ATOM   256  N N   . LEU A 1 35  ? -12.018 2.898   4.582   1.00 73.05  ? 35  LEU A N   1 
ATOM   257  C CA  . LEU A 1 35  ? -11.129 1.863   4.081   1.00 71.85  ? 35  LEU A CA  1 
ATOM   258  C C   . LEU A 1 35  ? -11.560 0.420   4.306   1.00 70.89  ? 35  LEU A C   1 
ATOM   259  O O   . LEU A 1 35  ? -11.750 -0.026  5.438   1.00 70.88  ? 35  LEU A O   1 
ATOM   260  C CB  . LEU A 1 35  ? -9.676  2.094   4.538   1.00 71.14  ? 35  LEU A CB  1 
ATOM   261  C CG  . LEU A 1 35  ? -9.301  2.457   5.973   1.00 69.72  ? 35  LEU A CG  1 
ATOM   262  C CD1 . LEU A 1 35  ? -7.797  2.335   6.111   1.00 70.38  ? 35  LEU A CD1 1 
ATOM   263  C CD2 . LEU A 1 35  ? -9.748  3.862   6.371   1.00 70.99  ? 35  LEU A CD2 1 
ATOM   264  N N   . ILE A 1 36  ? -11.713 -0.278  3.182   1.00 69.59  ? 36  ILE A N   1 
ATOM   265  C CA  . ILE A 1 36  ? -11.836 -1.735  3.103   1.00 69.12  ? 36  ILE A CA  1 
ATOM   266  C C   . ILE A 1 36  ? -10.485 -2.376  3.422   1.00 70.41  ? 36  ILE A C   1 
ATOM   267  O O   . ILE A 1 36  ? -9.450  -1.814  3.062   1.00 71.37  ? 36  ILE A O   1 
ATOM   268  C CB  . ILE A 1 36  ? -12.192 -2.158  1.654   1.00 67.51  ? 36  ILE A CB  1 
ATOM   269  C CG1 . ILE A 1 36  ? -13.406 -1.377  1.109   1.00 66.17  ? 36  ILE A CG1 1 
ATOM   270  C CG2 . ILE A 1 36  ? -12.407 -3.658  1.563   1.00 66.28  ? 36  ILE A CG2 1 
ATOM   271  C CD1 . ILE A 1 36  ? -13.099 0.018   0.537   1.00 64.64  ? 36  ILE A CD1 1 
ATOM   272  N N   . PHE A 1 37  ? -10.494 -3.536  4.079   1.00 71.62  ? 37  PHE A N   1 
ATOM   273  C CA  . PHE A 1 37  ? -9.278  -4.312  4.344   1.00 73.12  ? 37  PHE A CA  1 
ATOM   274  C C   . PHE A 1 37  ? -9.445  -5.724  3.808   1.00 75.09  ? 37  PHE A C   1 
ATOM   275  O O   . PHE A 1 37  ? -10.561 -6.231  3.746   1.00 75.86  ? 37  PHE A O   1 
ATOM   276  C CB  . PHE A 1 37  ? -9.037  -4.444  5.841   1.00 71.37  ? 37  PHE A CB  1 
ATOM   277  C CG  . PHE A 1 37  ? -8.506  -3.209  6.503   1.00 71.20  ? 37  PHE A CG  1 
ATOM   278  C CD1 . PHE A 1 37  ? -9.289  -2.066  6.630   1.00 70.44  ? 37  PHE A CD1 1 
ATOM   279  C CD2 . PHE A 1 37  ? -7.235  -3.213  7.075   1.00 71.25  ? 37  PHE A CD2 1 
ATOM   280  C CE1 . PHE A 1 37  ? -8.803  -0.923  7.281   1.00 70.05  ? 37  PHE A CE1 1 
ATOM   281  C CE2 . PHE A 1 37  ? -6.731  -2.079  7.733   1.00 71.68  ? 37  PHE A CE2 1 
ATOM   282  C CZ  . PHE A 1 37  ? -7.525  -0.929  7.834   1.00 71.13  ? 37  PHE A CZ  1 
ATOM   283  N N   . THR A 1 38  ? -8.335  -6.379  3.472   1.00 76.98  ? 38  THR A N   1 
ATOM   284  C CA  . THR A 1 38  ? -8.350  -7.745  2.932   1.00 78.21  ? 38  THR A CA  1 
ATOM   285  C C   . THR A 1 38  ? -7.450  -8.662  3.754   1.00 80.06  ? 38  THR A C   1 
ATOM   286  O O   . THR A 1 38  ? -6.560  -8.188  4.457   1.00 81.07  ? 38  THR A O   1 
ATOM   287  C CB  . THR A 1 38  ? -7.844  -7.746  1.493   1.00 76.90  ? 38  THR A CB  1 
ATOM   288  O OG1 . THR A 1 38  ? -6.534  -7.160  1.459   1.00 76.47  ? 38  THR A OG1 1 
ATOM   289  C CG2 . THR A 1 38  ? -8.772  -6.933  0.600   1.00 75.16  ? 38  THR A CG2 1 
ATOM   290  N N   . TYR A 1 39  ? -7.653  -9.971  3.672   1.00 81.89  ? 39  TYR A N   1 
ATOM   291  C CA  . TYR A 1 39  ? -6.759  -10.879 4.401   1.00 84.60  ? 39  TYR A CA  1 
ATOM   292  C C   . TYR A 1 39  ? -6.336  -12.078 3.567   1.00 86.33  ? 39  TYR A C   1 
ATOM   293  O O   . TYR A 1 39  ? -7.130  -12.602 2.780   1.00 86.10  ? 39  TYR A O   1 
ATOM   294  C CB  . TYR A 1 39  ? -7.374  -11.329 5.732   1.00 84.27  ? 39  TYR A CB  1 
ATOM   295  C CG  . TYR A 1 39  ? -8.831  -11.748 5.656   1.00 84.59  ? 39  TYR A CG  1 
ATOM   296  C CD1 . TYR A 1 39  ? -9.851  -10.812 5.797   1.00 84.88  ? 39  TYR A CD1 1 
ATOM   297  C CD2 . TYR A 1 39  ? -9.190  -13.082 5.451   1.00 84.88  ? 39  TYR A CD2 1 
ATOM   298  C CE1 . TYR A 1 39  ? -11.192 -11.188 5.734   1.00 84.77  ? 39  TYR A CE1 1 
ATOM   299  C CE2 . TYR A 1 39  ? -10.539 -13.468 5.385   1.00 83.97  ? 39  TYR A CE2 1 
ATOM   300  C CZ  . TYR A 1 39  ? -11.533 -12.510 5.531   1.00 84.10  ? 39  TYR A CZ  1 
ATOM   301  O OH  . TYR A 1 39  ? -12.868 -12.859 5.473   1.00 83.83  ? 39  TYR A OH  1 
ATOM   302  N N   . ALA A 1 40  ? -5.093  -12.512 3.759   1.00 88.36  ? 40  ALA A N   1 
ATOM   303  C CA  . ALA A 1 40  ? -4.487  -13.563 2.938   1.00 89.99  ? 40  ALA A CA  1 
ATOM   304  C C   . ALA A 1 40  ? -5.082  -14.946 3.139   1.00 91.42  ? 40  ALA A C   1 
ATOM   305  O O   . ALA A 1 40  ? -5.056  -15.770 2.222   1.00 91.80  ? 40  ALA A O   1 
ATOM   306  C CB  . ALA A 1 40  ? -3.018  -13.622 3.193   1.00 89.42  ? 40  ALA A CB  1 
ATOM   307  N N   . GLY A 1 41  ? -5.588  -15.216 4.339   1.00 92.64  ? 41  GLY A N   1 
ATOM   308  C CA  . GLY A 1 41  ? -6.186  -16.520 4.614   1.00 94.75  ? 41  GLY A CA  1 
ATOM   309  C C   . GLY A 1 41  ? -6.897  -16.736 5.940   1.00 96.33  ? 41  GLY A C   1 
ATOM   310  O O   . GLY A 1 41  ? -7.517  -15.821 6.503   1.00 96.10  ? 41  GLY A O   1 
ATOM   311  N N   . GLU A 1 42  ? -6.805  -17.977 6.418   1.00 97.61  ? 42  GLU A N   1 
ATOM   312  C CA  . GLU A 1 42  ? -7.464  -18.418 7.633   1.00 99.43  ? 42  GLU A CA  1 
ATOM   313  C C   . GLU A 1 42  ? -6.990  -17.597 8.838   1.00 100.08 ? 42  GLU A C   1 
ATOM   314  O O   . GLU A 1 42  ? -7.776  -16.837 9.412   1.00 100.14 ? 42  GLU A O   1 
ATOM   315  C CB  . GLU A 1 42  ? -7.226  -19.927 7.854   1.00 100.67 ? 42  GLU A CB  1 
ATOM   316  C CG  . GLU A 1 42  ? -8.135  -20.591 8.917   1.00 100.88 ? 42  GLU A CG  1 
ATOM   317  C CD  . GLU A 1 42  ? -7.460  -21.758 9.664   1.00 101.02 ? 42  GLU A CD  1 
ATOM   318  O OE1 . GLU A 1 42  ? -7.531  -21.786 10.920  1.00 100.94 ? 42  GLU A OE1 1 
ATOM   319  O OE2 . GLU A 1 42  ? -6.862  -22.642 8.997   1.00 100.16 ? 42  GLU A OE2 1 
ATOM   320  N N   . ARG A 1 43  ? -5.710  -17.731 9.200   1.00 100.89 ? 43  ARG A N   1 
ATOM   321  C CA  . ARG A 1 43  ? -5.182  -17.112 10.433  1.00 102.35 ? 43  ARG A CA  1 
ATOM   322  C C   . ARG A 1 43  ? -5.110  -15.590 10.395  1.00 103.01 ? 43  ARG A C   1 
ATOM   323  O O   . ARG A 1 43  ? -5.158  -14.933 11.445  1.00 103.38 ? 43  ARG A O   1 
ATOM   324  C CB  . ARG A 1 43  ? -3.812  -17.694 10.824  1.00 102.13 ? 43  ARG A CB  1 
ATOM   325  C CG  . ARG A 1 43  ? -3.865  -19.045 11.557  1.00 102.25 ? 43  ARG A CG  1 
ATOM   326  C CD  . ARG A 1 43  ? -4.863  -19.064 12.737  1.00 101.57 ? 43  ARG A CD  1 
ATOM   327  N NE  . ARG A 1 43  ? -4.536  -20.102 13.719  1.00 100.77 ? 43  ARG A NE  1 
ATOM   328  C CZ  . ARG A 1 43  ? -4.841  -21.397 13.612  1.00 100.68 ? 43  ARG A CZ  1 
ATOM   329  N NH1 . ARG A 1 43  ? -4.487  -22.243 14.582  1.00 99.94  ? 43  ARG A NH1 1 
ATOM   330  N NH2 . ARG A 1 43  ? -5.495  -21.853 12.547  1.00 100.70 ? 43  ARG A NH2 1 
ATOM   331  N N   . LEU A 1 44  ? -5.014  -15.046 9.182   1.00 103.13 ? 44  LEU A N   1 
ATOM   332  C CA  . LEU A 1 44  ? -4.892  -13.603 8.960   1.00 103.04 ? 44  LEU A CA  1 
ATOM   333  C C   . LEU A 1 44  ? -6.249  -12.885 8.969   1.00 102.68 ? 44  LEU A C   1 
ATOM   334  O O   . LEU A 1 44  ? -6.300  -11.656 8.938   1.00 102.59 ? 44  LEU A O   1 
ATOM   335  C CB  . LEU A 1 44  ? -4.102  -13.327 7.667   1.00 103.24 ? 44  LEU A CB  1 
ATOM   336  C CG  . LEU A 1 44  ? -2.728  -14.025 7.603   1.00 103.26 ? 44  LEU A CG  1 
ATOM   337  C CD1 . LEU A 1 44  ? -2.213  -14.204 6.185   1.00 104.25 ? 44  LEU A CD1 1 
ATOM   338  C CD2 . LEU A 1 44  ? -1.683  -13.323 8.462   1.00 102.39 ? 44  LEU A CD2 1 
ATOM   339  N N   . GLU A 1 45  ? -7.335  -13.661 9.038   1.00 102.03 ? 45  GLU A N   1 
ATOM   340  C CA  . GLU A 1 45  ? -8.704  -13.128 9.110   1.00 101.10 ? 45  GLU A CA  1 
ATOM   341  C C   . GLU A 1 45  ? -9.000  -12.459 10.448  1.00 100.45 ? 45  GLU A C   1 
ATOM   342  O O   . GLU A 1 45  ? -9.429  -11.305 10.477  1.00 100.21 ? 45  GLU A O   1 
ATOM   343  C CB  . GLU A 1 45  ? -9.740  -14.234 8.836   1.00 101.15 ? 45  GLU A CB  1 
ATOM   344  C CG  . GLU A 1 45  ? -11.208 -13.773 8.923   1.00 100.72 ? 45  GLU A CG  1 
ATOM   345  C CD  . GLU A 1 45  ? -12.217 -14.862 8.560   1.00 100.21 ? 45  GLU A CD  1 
ATOM   346  O OE1 . GLU A 1 45  ? -11.946 -15.673 7.644   1.00 100.30 ? 45  GLU A OE1 1 
ATOM   347  O OE2 . GLU A 1 45  ? -13.294 -14.888 9.193   1.00 99.43  ? 45  GLU A OE2 1 
ATOM   348  N N   . ARG A 1 46  ? -8.776  -13.185 11.545  1.00 99.66  ? 46  ARG A N   1 
ATOM   349  C CA  . ARG A 1 46  ? -9.094  -12.685 12.886  1.00 98.73  ? 46  ARG A CA  1 
ATOM   350  C C   . ARG A 1 46  ? -8.286  -11.447 13.244  1.00 97.18  ? 46  ARG A C   1 
ATOM   351  O O   . ARG A 1 46  ? -8.838  -10.491 13.799  1.00 96.72  ? 46  ARG A O   1 
ATOM   352  C CB  . ARG A 1 46  ? -8.920  -13.774 13.952  1.00 99.96  ? 46  ARG A CB  1 
ATOM   353  C CG  . ARG A 1 46  ? -9.971  -14.879 13.881  1.00 101.69 ? 46  ARG A CG  1 
ATOM   354  C CD  . ARG A 1 46  ? -11.347 -14.437 14.429  1.00 103.19 ? 46  ARG A CD  1 
ATOM   355  N NE  . ARG A 1 46  ? -12.425 -14.625 13.432  1.00 104.78 ? 46  ARG A NE  1 
ATOM   356  C CZ  . ARG A 1 46  ? -12.896 -15.815 13.014  1.00 104.89 ? 46  ARG A CZ  1 
ATOM   357  N NH1 . ARG A 1 46  ? -12.395 -16.966 13.496  1.00 105.53 ? 46  ARG A NH1 1 
ATOM   358  N NH2 . ARG A 1 46  ? -13.835 -15.875 12.043  1.00 104.40 ? 46  ARG A NH2 1 
ATOM   359  N N   . ASN A 1 47  ? -6.993  -11.462 12.906  1.00 95.23  ? 47  ASN A N   1 
ATOM   360  C CA  . ASN A 1 47  ? -6.096  -10.320 13.148  1.00 93.40  ? 47  ASN A CA  1 
ATOM   361  C C   . ASN A 1 47  ? -6.577  -9.026  12.458  1.00 92.49  ? 47  ASN A C   1 
ATOM   362  O O   . ASN A 1 47  ? -6.659  -7.969  13.093  1.00 91.99  ? 47  ASN A O   1 
ATOM   363  C CB  . ASN A 1 47  ? -4.634  -10.662 12.779  1.00 92.92  ? 47  ASN A CB  1 
ATOM   364  C CG  . ASN A 1 47  ? -4.001  -11.731 13.712  1.00 91.86  ? 47  ASN A CG  1 
ATOM   365  O OD1 . ASN A 1 47  ? -3.603  -12.803 13.254  1.00 92.00  ? 47  ASN A OD1 1 
ATOM   366  N ND2 . ASN A 1 47  ? -3.894  -11.425 15.010  1.00 91.05  ? 47  ASN A ND2 1 
ATOM   367  N N   . VAL A 1 48  ? -6.929  -9.129  11.177  1.00 91.42  ? 48  VAL A N   1 
ATOM   368  C CA  . VAL A 1 48  ? -7.483  -8.001  10.429  1.00 90.75  ? 48  VAL A CA  1 
ATOM   369  C C   . VAL A 1 48  ? -8.864  -7.573  10.922  1.00 90.63  ? 48  VAL A C   1 
ATOM   370  O O   . VAL A 1 48  ? -9.211  -6.389  10.820  1.00 90.09  ? 48  VAL A O   1 
ATOM   371  C CB  . VAL A 1 48  ? -7.543  -8.285  8.901   1.00 91.02  ? 48  VAL A CB  1 
ATOM   372  C CG1 . VAL A 1 48  ? -8.147  -7.104  8.135   1.00 91.04  ? 48  VAL A CG1 1 
ATOM   373  C CG2 . VAL A 1 48  ? -6.154  -8.576  8.362   1.00 91.13  ? 48  VAL A CG2 1 
ATOM   374  N N   . ARG A 1 49  ? -9.658  -8.522  11.427  1.00 91.25  ? 49  ARG A N   1 
ATOM   375  C CA  . ARG A 1 49  ? -10.952 -8.196  12.052  1.00 91.61  ? 49  ARG A CA  1 
ATOM   376  C C   . ARG A 1 49  ? -10.720 -7.463  13.367  1.00 92.08  ? 49  ARG A C   1 
ATOM   377  O O   . ARG A 1 49  ? -11.429 -6.500  13.683  1.00 91.82  ? 49  ARG A O   1 
ATOM   378  C CB  . ARG A 1 49  ? -11.767 -9.450  12.355  1.00 90.84  ? 49  ARG A CB  1 
ATOM   379  C CG  . ARG A 1 49  ? -12.118 -10.297 11.169  1.00 90.10  ? 49  ARG A CG  1 
ATOM   380  C CD  . ARG A 1 49  ? -13.564 -10.166 10.717  1.00 89.44  ? 49  ARG A CD  1 
ATOM   381  N NE  . ARG A 1 49  ? -13.750 -11.115 9.622   1.00 88.42  ? 49  ARG A NE  1 
ATOM   382  C CZ  . ARG A 1 49  ? -14.641 -10.998 8.647   1.00 87.29  ? 49  ARG A CZ  1 
ATOM   383  N NH1 . ARG A 1 49  ? -15.476 -9.960  8.620   1.00 87.56  ? 49  ARG A NH1 1 
ATOM   384  N NH2 . ARG A 1 49  ? -14.676 -11.920 7.691   1.00 85.93  ? 49  ARG A NH2 1 
ATOM   385  N N   . GLU A 1 50  ? -9.732  -7.937  14.127  1.00 93.20  ? 50  GLU A N   1 
ATOM   386  C CA  . GLU A 1 50  ? -9.375  -7.348  15.415  1.00 94.41  ? 50  GLU A CA  1 
ATOM   387  C C   . GLU A 1 50  ? -8.936  -5.890  15.277  1.00 94.37  ? 50  GLU A C   1 
ATOM   388  O O   . GLU A 1 50  ? -9.346  -5.040  16.077  1.00 94.01  ? 50  GLU A O   1 
ATOM   389  C CB  . GLU A 1 50  ? -8.277  -8.166  16.114  1.00 95.46  ? 50  GLU A CB  1 
ATOM   390  C CG  . GLU A 1 50  ? -8.782  -9.343  16.965  1.00 95.89  ? 50  GLU A CG  1 
ATOM   391  C CD  . GLU A 1 50  ? -7.693  -9.955  17.861  1.00 96.89  ? 50  GLU A CD  1 
ATOM   392  O OE1 . GLU A 1 50  ? -7.169  -9.252  18.753  1.00 97.16  ? 50  GLU A OE1 1 
ATOM   393  O OE2 . GLU A 1 50  ? -7.366  -11.150 17.684  1.00 96.64  ? 50  GLU A OE2 1 
ATOM   394  N N   . LEU A 1 51  ? -8.129  -5.606  14.253  1.00 94.70  ? 51  LEU A N   1 
ATOM   395  C CA  . LEU A 1 51  ? -7.511  -4.284  14.098  1.00 94.33  ? 51  LEU A CA  1 
ATOM   396  C C   . LEU A 1 51  ? -8.438  -3.217  13.555  1.00 93.84  ? 51  LEU A C   1 
ATOM   397  O O   . LEU A 1 51  ? -8.360  -2.066  13.969  1.00 94.02  ? 51  LEU A O   1 
ATOM   398  C CB  . LEU A 1 51  ? -6.227  -4.362  13.273  1.00 94.17  ? 51  LEU A CB  1 
ATOM   399  C CG  . LEU A 1 51  ? -4.939  -4.547  14.093  1.00 94.48  ? 51  LEU A CG  1 
ATOM   400  C CD1 . LEU A 1 51  ? -4.990  -5.727  15.106  1.00 95.09  ? 51  LEU A CD1 1 
ATOM   401  C CD2 . LEU A 1 51  ? -3.732  -4.691  13.172  1.00 94.66  ? 51  LEU A CD2 1 
ATOM   402  N N   . ALA A 1 52  ? -9.325  -3.603  12.647  1.00 93.09  ? 52  ALA A N   1 
ATOM   403  C CA  . ALA A 1 52  ? -10.270 -2.663  12.031  1.00 92.48  ? 52  ALA A CA  1 
ATOM   404  C C   . ALA A 1 52  ? -11.234 -1.993  13.015  1.00 92.15  ? 52  ALA A C   1 
ATOM   405  O O   . ALA A 1 52  ? -11.811 -0.941  12.709  1.00 92.21  ? 52  ALA A O   1 
ATOM   406  C CB  . ALA A 1 52  ? -11.050 -3.356  10.917  1.00 92.69  ? 52  ALA A CB  1 
ATOM   407  N N   . ASP A 1 53  ? -11.406 -2.611  14.184  1.00 92.09  ? 53  ASP A N   1 
ATOM   408  C CA  . ASP A 1 53  ? -12.322 -2.118  15.219  1.00 90.98  ? 53  ASP A CA  1 
ATOM   409  C C   . ASP A 1 53  ? -11.603 -1.358  16.326  1.00 89.48  ? 53  ASP A C   1 
ATOM   410  O O   . ASP A 1 53  ? -12.251 -0.708  17.147  1.00 89.47  ? 53  ASP A O   1 
ATOM   411  C CB  . ASP A 1 53  ? -13.132 -3.269  15.827  1.00 91.16  ? 53  ASP A CB  1 
ATOM   412  C CG  . ASP A 1 53  ? -13.772 -4.165  14.772  1.00 91.82  ? 53  ASP A CG  1 
ATOM   413  O OD1 . ASP A 1 53  ? -14.073 -5.333  15.116  1.00 92.16  ? 53  ASP A OD1 1 
ATOM   414  O OD2 . ASP A 1 53  ? -13.968 -3.713  13.608  1.00 91.86  ? 53  ASP A OD2 1 
ATOM   415  N N   . THR A 1 54  ? -10.271 -1.444  16.359  1.00 88.02  ? 54  THR A N   1 
ATOM   416  C CA  . THR A 1 54  ? -9.490  -0.596  17.261  1.00 86.88  ? 54  THR A CA  1 
ATOM   417  C C   . THR A 1 54  ? -9.473  0.787   16.648  1.00 87.05  ? 54  THR A C   1 
ATOM   418  O O   . THR A 1 54  ? -8.961  1.729   17.247  1.00 86.46  ? 54  THR A O   1 
ATOM   419  C CB  . THR A 1 54  ? -8.022  -1.052  17.469  1.00 86.90  ? 54  THR A CB  1 
ATOM   420  O OG1 . THR A 1 54  ? -7.135  -0.232  16.685  1.00 87.80  ? 54  THR A OG1 1 
ATOM   421  C CG2 . THR A 1 54  ? -7.828  -2.544  17.144  1.00 86.38  ? 54  THR A CG2 1 
ATOM   422  N N   . LEU A 1 55  ? -10.006 0.892   15.435  1.00 87.59  ? 55  LEU A N   1 
ATOM   423  C CA  . LEU A 1 55  ? -10.281 2.185   14.842  1.00 87.64  ? 55  LEU A CA  1 
ATOM   424  C C   . LEU A 1 55  ? -11.757 2.508   14.940  1.00 87.71  ? 55  LEU A C   1 
ATOM   425  O O   . LEU A 1 55  ? -12.623 1.690   14.611  1.00 86.91  ? 55  LEU A O   1 
ATOM   426  C CB  . LEU A 1 55  ? -9.817  2.246   13.388  1.00 87.43  ? 55  LEU A CB  1 
ATOM   427  C CG  . LEU A 1 55  ? -8.333  2.487   13.118  1.00 86.69  ? 55  LEU A CG  1 
ATOM   428  C CD1 . LEU A 1 55  ? -8.165  2.741   11.637  1.00 86.89  ? 55  LEU A CD1 1 
ATOM   429  C CD2 . LEU A 1 55  ? -7.767  3.653   13.946  1.00 87.14  ? 55  LEU A CD2 1 
ATOM   430  N N   . GLU A 1 56  ? -12.025 3.719   15.404  1.00 88.42  ? 56  GLU A N   1 
ATOM   431  C CA  . GLU A 1 56  ? -13.380 4.221   15.506  1.00 89.91  ? 56  GLU A CA  1 
ATOM   432  C C   . GLU A 1 56  ? -13.940 4.563   14.118  1.00 90.60  ? 56  GLU A C   1 
ATOM   433  O O   . GLU A 1 56  ? -13.360 4.178   13.089  1.00 90.08  ? 56  GLU A O   1 
ATOM   434  C CB  . GLU A 1 56  ? -13.424 5.433   16.452  1.00 91.04  ? 56  GLU A CB  1 
ATOM   435  C CG  . GLU A 1 56  ? -12.855 6.746   15.883  1.00 92.99  ? 56  GLU A CG  1 
ATOM   436  C CD  . GLU A 1 56  ? -11.338 6.785   15.803  1.00 94.87  ? 56  GLU A CD  1 
ATOM   437  O OE1 . GLU A 1 56  ? -10.662 5.838   16.274  1.00 96.11  ? 56  GLU A OE1 1 
ATOM   438  O OE2 . GLU A 1 56  ? -10.826 7.788   15.262  1.00 95.84  ? 56  GLU A OE2 1 
ATOM   439  N N   . GLY A 1 57  ? -15.068 5.279   14.103  1.00 91.36  ? 57  GLY A N   1 
ATOM   440  C CA  . GLY A 1 57  ? -15.777 5.624   12.866  1.00 91.78  ? 57  GLY A CA  1 
ATOM   441  C C   . GLY A 1 57  ? -16.603 4.453   12.352  1.00 92.98  ? 57  GLY A C   1 
ATOM   442  O O   . GLY A 1 57  ? -16.442 3.299   12.805  1.00 92.56  ? 57  GLY A O   1 
ATOM   443  N N   . GLN A 1 58  ? -17.491 4.757   11.406  1.00 93.77  ? 58  GLN A N   1 
ATOM   444  C CA  . GLN A 1 58  ? -18.353 3.759   10.769  1.00 94.43  ? 58  GLN A CA  1 
ATOM   445  C C   . GLN A 1 58  ? -17.259 2.791   10.345  1.00 94.61  ? 58  GLN A C   1 
ATOM   446  O O   . GLN A 1 58  ? -16.409 3.127   9.512   1.00 95.29  ? 58  GLN A O   1 
ATOM   447  C CB  . GLN A 1 58  ? -19.229 4.400   9.683   1.00 94.51  ? 58  GLN A CB  1 
ATOM   448  C CG  . GLN A 1 58  ? -20.016 5.640   10.132  1.00 95.40  ? 58  GLN A CG  1 
ATOM   449  C CD  . GLN A 1 58  ? -19.223 6.950   10.025  1.00 94.86  ? 58  GLN A CD  1 
ATOM   450  O OE1 . GLN A 1 58  ? -17.987 6.955   10.040  1.00 95.22  ? 58  GLN A OE1 1 
ATOM   451  N NE2 . GLN A 1 58  ? -19.944 8.067   9.925   1.00 94.44  ? 58  GLN A NE2 1 
ATOM   452  N N   . GLU A 1 59  ? -17.283 1.603   10.954  1.00 94.14  ? 59  GLU A N   1 
ATOM   453  C CA  . GLU A 1 59  ? -16.423 0.473   10.582  1.00 94.09  ? 59  GLU A CA  1 
ATOM   454  C C   . GLU A 1 59  ? -16.700 -0.002  9.157   1.00 93.54  ? 59  GLU A C   1 
ATOM   455  O O   . GLU A 1 59  ? -17.859 -0.067  8.728   1.00 94.39  ? 59  GLU A O   1 
ATOM   456  C CB  . GLU A 1 59  ? -16.533 -0.688  11.594  1.00 94.34  ? 59  GLU A CB  1 
ATOM   457  C CG  . GLU A 1 59  ? -17.933 -0.931  12.193  1.00 95.04  ? 59  GLU A CG  1 
ATOM   458  C CD  . GLU A 1 59  ? -18.885 -1.715  11.281  1.00 94.72  ? 59  GLU A CD  1 
ATOM   459  O OE1 . GLU A 1 59  ? -20.114 -1.595  11.468  1.00 94.78  ? 59  GLU A OE1 1 
ATOM   460  O OE2 . GLU A 1 59  ? -18.419 -2.470  10.399  1.00 94.81  ? 59  GLU A OE2 1 
ATOM   461  N N   . SER A 1 60  ? -15.628 -0.300  8.422   1.00 92.17  ? 60  SER A N   1 
ATOM   462  C CA  . SER A 1 60  ? -15.742 -0.676  7.010   1.00 90.70  ? 60  SER A CA  1 
ATOM   463  C C   . SER A 1 60  ? -15.349 -2.136  6.753   1.00 89.07  ? 60  SER A C   1 
ATOM   464  O O   . SER A 1 60  ? -14.748 -2.810  7.612   1.00 88.29  ? 60  SER A O   1 
ATOM   465  C CB  . SER A 1 60  ? -14.955 0.292   6.101   1.00 91.66  ? 60  SER A CB  1 
ATOM   466  O OG  . SER A 1 60  ? -15.560 0.419   4.815   1.00 91.89  ? 60  SER A OG  1 
ATOM   467  N N   . LEU A 1 61  ? -15.701 -2.592  5.550   1.00 86.73  ? 61  LEU A N   1 
ATOM   468  C CA  . LEU A 1 61  ? -15.627 -3.990  5.156   1.00 85.09  ? 61  LEU A CA  1 
ATOM   469  C C   . LEU A 1 61  ? -14.242 -4.591  5.357   1.00 83.87  ? 61  LEU A C   1 
ATOM   470  O O   . LEU A 1 61  ? -13.229 -3.897  5.307   1.00 83.64  ? 61  LEU A O   1 
ATOM   471  C CB  . LEU A 1 61  ? -16.109 -4.149  3.712   1.00 85.74  ? 61  LEU A CB  1 
ATOM   472  C CG  . LEU A 1 61  ? -17.613 -3.946  3.473   1.00 86.58  ? 61  LEU A CG  1 
ATOM   473  C CD1 . LEU A 1 61  ? -18.095 -2.509  3.707   1.00 87.42  ? 61  LEU A CD1 1 
ATOM   474  C CD2 . LEU A 1 61  ? -17.987 -4.404  2.083   1.00 86.75  ? 61  LEU A CD2 1 
ATOM   475  N N   . VAL A 1 62  ? -14.225 -5.890  5.620   1.00 82.32  ? 62  VAL A N   1 
ATOM   476  C CA  . VAL A 1 62  ? -12.995 -6.627  5.894   1.00 80.85  ? 62  VAL A CA  1 
ATOM   477  C C   . VAL A 1 62  ? -12.954 -7.903  5.031   1.00 80.25  ? 62  VAL A C   1 
ATOM   478  O O   . VAL A 1 62  ? -12.393 -8.920  5.425   1.00 79.66  ? 62  VAL A O   1 
ATOM   479  C CB  . VAL A 1 62  ? -12.857 -6.951  7.429   1.00 81.09  ? 62  VAL A CB  1 
ATOM   480  C CG1 . VAL A 1 62  ? -11.452 -7.463  7.780   1.00 80.88  ? 62  VAL A CG1 1 
ATOM   481  C CG2 . VAL A 1 62  ? -13.201 -5.716  8.288   1.00 80.60  ? 62  VAL A CG2 1 
ATOM   482  N N   . LEU A 1 63  ? -13.527 -7.823  3.836   1.00 80.21  ? 63  LEU A N   1 
ATOM   483  C CA  . LEU A 1 63  ? -13.635 -8.979  2.943   1.00 80.92  ? 63  LEU A CA  1 
ATOM   484  C C   . LEU A 1 63  ? -12.337 -9.776  2.672   1.00 81.91  ? 63  LEU A C   1 
ATOM   485  O O   . LEU A 1 63  ? -11.240 -9.224  2.709   1.00 81.73  ? 63  LEU A O   1 
ATOM   486  C CB  . LEU A 1 63  ? -14.289 -8.556  1.630   1.00 78.45  ? 63  LEU A CB  1 
ATOM   487  C CG  . LEU A 1 63  ? -13.964 -7.156  1.148   1.00 76.09  ? 63  LEU A CG  1 
ATOM   488  C CD1 . LEU A 1 63  ? -12.612 -7.127  0.448   1.00 75.93  ? 63  LEU A CD1 1 
ATOM   489  C CD2 . LEU A 1 63  ? -15.077 -6.746  0.207   1.00 75.38  ? 63  LEU A CD2 1 
ATOM   490  N N   . PRO A 1 64  ? -12.478 -11.090 2.407   1.00 84.38  ? 64  PRO A N   1 
ATOM   491  C CA  . PRO A 1 64  ? -11.352 -11.979 2.146   1.00 85.42  ? 64  PRO A CA  1 
ATOM   492  C C   . PRO A 1 64  ? -10.763 -11.774 0.769   1.00 86.66  ? 64  PRO A C   1 
ATOM   493  O O   . PRO A 1 64  ? -11.507 -11.755 -0.216  1.00 86.97  ? 64  PRO A O   1 
ATOM   494  C CB  . PRO A 1 64  ? -11.983 -13.371 2.225   1.00 85.05  ? 64  PRO A CB  1 
ATOM   495  C CG  . PRO A 1 64  ? -13.410 -13.158 1.884   1.00 84.63  ? 64  PRO A CG  1 
ATOM   496  C CD  . PRO A 1 64  ? -13.753 -11.832 2.468   1.00 84.41  ? 64  PRO A CD  1 
ATOM   497  N N   . CYS A 1 65  ? -9.437  -11.627 0.709   1.00 88.00  ? 65  CYS A N   1 
ATOM   498  C CA  . CYS A 1 65  ? -8.717  -11.526 -0.566  1.00 88.90  ? 65  CYS A CA  1 
ATOM   499  C C   . CYS A 1 65  ? -7.227  -11.876 -0.508  1.00 89.61  ? 65  CYS A C   1 
ATOM   500  O O   . CYS A 1 65  ? -6.378  -11.031 -0.209  1.00 89.06  ? 65  CYS A O   1 
ATOM   501  C CB  . CYS A 1 65  ? -8.902  -10.149 -1.198  1.00 88.63  ? 65  CYS A CB  1 
ATOM   502  S SG  . CYS A 1 65  ? -8.032  -9.963  -2.744  1.00 87.77  ? 65  CYS A SG  1 
ATOM   503  N N   . ASP A 1 66  ? -6.925  -13.133 -0.805  1.00 90.93  ? 66  ASP A N   1 
ATOM   504  C CA  . ASP A 1 66  ? -5.568  -13.541 -1.114  1.00 91.77  ? 66  ASP A CA  1 
ATOM   505  C C   . ASP A 1 66  ? -5.316  -13.144 -2.559  1.00 91.46  ? 66  ASP A C   1 
ATOM   506  O O   . ASP A 1 66  ? -6.196  -13.277 -3.412  1.00 91.69  ? 66  ASP A O   1 
ATOM   507  C CB  . ASP A 1 66  ? -5.397  -15.045 -0.919  1.00 91.92  ? 66  ASP A CB  1 
ATOM   508  C CG  . ASP A 1 66  ? -4.420  -15.647 -1.894  1.00 92.44  ? 66  ASP A CG  1 
ATOM   509  O OD1 . ASP A 1 66  ? -4.818  -15.874 -3.056  1.00 92.35  ? 66  ASP A OD1 1 
ATOM   510  O OD2 . ASP A 1 66  ? -3.260  -15.895 -1.502  1.00 93.43  ? 66  ASP A OD2 1 
ATOM   511  N N   . VAL A 1 67  ? -4.104  -12.681 -2.831  1.00 91.57  ? 67  VAL A N   1 
ATOM   512  C CA  . VAL A 1 67  ? -3.822  -11.982 -4.078  1.00 91.81  ? 67  VAL A CA  1 
ATOM   513  C C   . VAL A 1 67  ? -3.332  -12.881 -5.218  1.00 92.13  ? 67  VAL A C   1 
ATOM   514  O O   . VAL A 1 67  ? -3.354  -12.483 -6.378  1.00 92.07  ? 67  VAL A O   1 
ATOM   515  C CB  . VAL A 1 67  ? -2.835  -10.822 -3.820  1.00 91.49  ? 67  VAL A CB  1 
ATOM   516  C CG1 . VAL A 1 67  ? -1.394  -11.329 -3.789  1.00 92.36  ? 67  VAL A CG1 1 
ATOM   517  C CG2 . VAL A 1 67  ? -3.018  -9.726  -4.839  1.00 90.51  ? 67  VAL A CG2 1 
ATOM   518  N N   . THR A 1 68  ? -2.903  -14.093 -4.896  1.00 92.48  ? 68  THR A N   1 
ATOM   519  C CA  . THR A 1 68  ? -2.313  -14.952 -5.914  1.00 92.75  ? 68  THR A CA  1 
ATOM   520  C C   . THR A 1 68  ? -3.356  -15.733 -6.710  1.00 92.99  ? 68  THR A C   1 
ATOM   521  O O   . THR A 1 68  ? -3.004  -16.494 -7.615  1.00 93.13  ? 68  THR A O   1 
ATOM   522  C CB  . THR A 1 68  ? -1.263  -15.914 -5.328  1.00 92.37  ? 68  THR A CB  1 
ATOM   523  O OG1 . THR A 1 68  ? -1.885  -17.153 -4.958  1.00 92.33  ? 68  THR A OG1 1 
ATOM   524  C CG2 . THR A 1 68  ? -0.594  -15.289 -4.115  1.00 92.89  ? 68  THR A CG2 1 
ATOM   525  N N   . ASN A 1 69  ? -4.634  -15.549 -6.378  1.00 93.20  ? 69  ASN A N   1 
ATOM   526  C CA  . ASN A 1 69  ? -5.688  -16.211 -7.134  1.00 93.38  ? 69  ASN A CA  1 
ATOM   527  C C   . ASN A 1 69  ? -6.893  -15.345 -7.475  1.00 92.83  ? 69  ASN A C   1 
ATOM   528  O O   . ASN A 1 69  ? -7.410  -14.614 -6.630  1.00 92.60  ? 69  ASN A O   1 
ATOM   529  C CB  . ASN A 1 69  ? -6.122  -17.513 -6.468  1.00 94.62  ? 69  ASN A CB  1 
ATOM   530  C CG  . ASN A 1 69  ? -6.730  -18.498 -7.457  1.00 95.70  ? 69  ASN A CG  1 
ATOM   531  O OD1 . ASN A 1 69  ? -6.681  -18.290 -8.675  1.00 96.13  ? 69  ASN A OD1 1 
ATOM   532  N ND2 . ASN A 1 69  ? -7.304  -19.579 -6.937  1.00 96.77  ? 69  ASN A ND2 1 
ATOM   533  N N   . ASP A 1 70  ? -7.343  -15.493 -8.720  1.00 93.03  ? 70  ASP A N   1 
ATOM   534  C CA  . ASP A 1 70  ? -8.324  -14.615 -9.359  1.00 93.39  ? 70  ASP A CA  1 
ATOM   535  C C   . ASP A 1 70  ? -9.639  -14.365 -8.636  1.00 93.76  ? 70  ASP A C   1 
ATOM   536  O O   . ASP A 1 70  ? -9.912  -13.233 -8.254  1.00 93.67  ? 70  ASP A O   1 
ATOM   537  C CB  . ASP A 1 70  ? -8.603  -15.079 -10.787 1.00 93.40  ? 70  ASP A CB  1 
ATOM   538  C CG  . ASP A 1 70  ? -7.730  -14.380 -11.798 1.00 94.30  ? 70  ASP A CG  1 
ATOM   539  O OD1 . ASP A 1 70  ? -6.523  -14.195 -11.518 1.00 94.46  ? 70  ASP A OD1 1 
ATOM   540  O OD2 . ASP A 1 70  ? -8.255  -14.010 -12.872 1.00 94.98  ? 70  ASP A OD2 1 
ATOM   541  N N   . GLU A 1 71  ? -10.456 -15.402 -8.471  1.00 93.88  ? 71  GLU A N   1 
ATOM   542  C CA  . GLU A 1 71  ? -11.798 -15.230 -7.914  1.00 94.72  ? 71  GLU A CA  1 
ATOM   543  C C   . GLU A 1 71  ? -11.781 -14.377 -6.636  1.00 94.75  ? 71  GLU A C   1 
ATOM   544  O O   . GLU A 1 71  ? -12.518 -13.387 -6.526  1.00 94.38  ? 71  GLU A O   1 
ATOM   545  C CB  . GLU A 1 71  ? -12.466 -16.596 -7.663  1.00 95.97  ? 71  GLU A CB  1 
ATOM   546  C CG  . GLU A 1 71  ? -13.935 -16.541 -7.158  1.00 98.20  ? 71  GLU A CG  1 
ATOM   547  C CD  . GLU A 1 71  ? -14.994 -16.639 -8.268  1.00 99.54  ? 71  GLU A CD  1 
ATOM   548  O OE1 . GLU A 1 71  ? -14.889 -17.542 -9.133  1.00 100.31 ? 71  GLU A OE1 1 
ATOM   549  O OE2 . GLU A 1 71  ? -15.952 -15.828 -8.254  1.00 99.98  ? 71  GLU A OE2 1 
ATOM   550  N N   . GLU A 1 72  ? -10.918 -14.744 -5.692  1.00 94.65  ? 72  GLU A N   1 
ATOM   551  C CA  . GLU A 1 72  ? -10.845 -14.044 -4.415  1.00 94.94  ? 72  GLU A CA  1 
ATOM   552  C C   . GLU A 1 72  ? -10.590 -12.554 -4.601  1.00 94.85  ? 72  GLU A C   1 
ATOM   553  O O   . GLU A 1 72  ? -11.045 -11.741 -3.806  1.00 95.25  ? 72  GLU A O   1 
ATOM   554  C CB  . GLU A 1 72  ? -9.779  -14.665 -3.515  1.00 94.44  ? 72  GLU A CB  1 
ATOM   555  C CG  . GLU A 1 72  ? -10.160 -14.611 -2.047  1.00 94.07  ? 72  GLU A CG  1 
ATOM   556  C CD  . GLU A 1 72  ? -9.572  -15.759 -1.236  1.00 93.83  ? 72  GLU A CD  1 
ATOM   557  O OE1 . GLU A 1 72  ? -8.457  -15.590 -0.685  1.00 92.64  ? 72  GLU A OE1 1 
ATOM   558  O OE2 . GLU A 1 72  ? -10.234 -16.825 -1.134  1.00 94.74  ? 72  GLU A OE2 1 
ATOM   559  N N   . LEU A 1 73  ? -9.866  -12.218 -5.664  1.00 93.85  ? 73  LEU A N   1 
ATOM   560  C CA  . LEU A 1 73  ? -9.615  -10.839 -6.045  1.00 92.08  ? 73  LEU A CA  1 
ATOM   561  C C   . LEU A 1 73  ? -10.814 -10.351 -6.840  1.00 91.21  ? 73  LEU A C   1 
ATOM   562  O O   . LEU A 1 73  ? -11.430 -9.344  -6.503  1.00 91.17  ? 73  LEU A O   1 
ATOM   563  C CB  . LEU A 1 73  ? -8.359  -10.767 -6.924  1.00 91.74  ? 73  LEU A CB  1 
ATOM   564  C CG  . LEU A 1 73  ? -7.370  -9.559  -6.872  1.00 91.92  ? 73  LEU A CG  1 
ATOM   565  C CD1 . LEU A 1 73  ? -6.256  -9.793  -7.891  1.00 90.55  ? 73  LEU A CD1 1 
ATOM   566  C CD2 . LEU A 1 73  ? -8.047  -8.190  -7.138  1.00 92.49  ? 73  LEU A CD2 1 
ATOM   567  N N   . THR A 1 74  ? -11.141 -11.096 -7.890  1.00 89.64  ? 74  THR A N   1 
ATOM   568  C CA  . THR A 1 74  ? -12.120 -10.679 -8.878  1.00 87.97  ? 74  THR A CA  1 
ATOM   569  C C   . THR A 1 74  ? -13.478 -10.448 -8.247  1.00 88.30  ? 74  THR A C   1 
ATOM   570  O O   . THR A 1 74  ? -14.109 -9.419  -8.487  1.00 87.53  ? 74  THR A O   1 
ATOM   571  C CB  . THR A 1 74  ? -12.257 -11.706 -10.007 1.00 87.43  ? 74  THR A CB  1 
ATOM   572  O OG1 . THR A 1 74  ? -10.959 -12.141 -10.422 1.00 86.44  ? 74  THR A OG1 1 
ATOM   573  C CG2 . THR A 1 74  ? -12.976 -11.091 -11.190 1.00 86.47  ? 74  THR A CG2 1 
ATOM   574  N N   . ALA A 1 75  ? -13.922 -11.407 -7.443  1.00 88.11  ? 75  ALA A N   1 
ATOM   575  C CA  . ALA A 1 75  ? -15.186 -11.279 -6.746  1.00 87.61  ? 75  ALA A CA  1 
ATOM   576  C C   . ALA A 1 75  ? -15.065 -10.259 -5.625  1.00 87.37  ? 75  ALA A C   1 
ATOM   577  O O   . ALA A 1 75  ? -16.033 -9.564  -5.310  1.00 88.03  ? 75  ALA A O   1 
ATOM   578  C CB  . ALA A 1 75  ? -15.636 -12.616 -6.209  1.00 87.37  ? 75  ALA A CB  1 
ATOM   579  N N   . CYS A 1 76  ? -13.871 -10.167 -5.039  1.00 86.42  ? 76  CYS A N   1 
ATOM   580  C CA  . CYS A 1 76  ? -13.598 -9.222  -3.952  1.00 85.30  ? 76  CYS A CA  1 
ATOM   581  C C   . CYS A 1 76  ? -13.720 -7.773  -4.406  1.00 84.01  ? 76  CYS A C   1 
ATOM   582  O O   . CYS A 1 76  ? -14.217 -6.917  -3.673  1.00 82.67  ? 76  CYS A O   1 
ATOM   583  C CB  . CYS A 1 76  ? -12.213 -9.470  -3.373  1.00 86.30  ? 76  CYS A CB  1 
ATOM   584  S SG  . CYS A 1 76  ? -11.433 -8.012  -2.694  1.00 89.09  ? 76  CYS A SG  1 
ATOM   585  N N   . PHE A 1 77  ? -13.252 -7.518  -5.620  1.00 82.87  ? 77  PHE A N   1 
ATOM   586  C CA  . PHE A 1 77  ? -13.426 -6.228  -6.266  1.00 81.82  ? 77  PHE A CA  1 
ATOM   587  C C   . PHE A 1 77  ? -14.781 -6.098  -6.953  1.00 81.87  ? 77  PHE A C   1 
ATOM   588  O O   . PHE A 1 77  ? -15.245 -4.982  -7.213  1.00 81.01  ? 77  PHE A O   1 
ATOM   589  C CB  . PHE A 1 77  ? -12.284 -5.963  -7.247  1.00 80.94  ? 77  PHE A CB  1 
ATOM   590  C CG  . PHE A 1 77  ? -11.182 -5.143  -6.660  1.00 80.13  ? 77  PHE A CG  1 
ATOM   591  C CD1 . PHE A 1 77  ? -11.093 -3.782  -6.943  1.00 79.88  ? 77  PHE A CD1 1 
ATOM   592  C CD2 . PHE A 1 77  ? -10.262 -5.719  -5.788  1.00 79.47  ? 77  PHE A CD2 1 
ATOM   593  C CE1 . PHE A 1 77  ? -10.089 -3.011  -6.390  1.00 80.15  ? 77  PHE A CE1 1 
ATOM   594  C CE2 . PHE A 1 77  ? -9.257  -4.963  -5.230  1.00 79.11  ? 77  PHE A CE2 1 
ATOM   595  C CZ  . PHE A 1 77  ? -9.165  -3.602  -5.528  1.00 79.98  ? 77  PHE A CZ  1 
ATOM   596  N N   . GLU A 1 78  ? -15.396 -7.247  -7.246  1.00 82.93  ? 78  GLU A N   1 
ATOM   597  C CA  . GLU A 1 78  ? -16.764 -7.322  -7.771  1.00 83.60  ? 78  GLU A CA  1 
ATOM   598  C C   . GLU A 1 78  ? -17.737 -6.742  -6.745  1.00 83.81  ? 78  GLU A C   1 
ATOM   599  O O   . GLU A 1 78  ? -18.550 -5.868  -7.065  1.00 82.40  ? 78  GLU A O   1 
ATOM   600  C CB  . GLU A 1 78  ? -17.116 -8.782  -8.142  1.00 84.82  ? 78  GLU A CB  1 
ATOM   601  C CG  . GLU A 1 78  ? -18.588 -9.211  -8.008  1.00 86.25  ? 78  GLU A CG  1 
ATOM   602  C CD  . GLU A 1 78  ? -19.533 -8.382  -8.864  1.00 87.18  ? 78  GLU A CD  1 
ATOM   603  O OE1 . GLU A 1 78  ? -19.192 -8.078  -10.030 1.00 87.78  ? 78  GLU A OE1 1 
ATOM   604  O OE2 . GLU A 1 78  ? -20.619 -8.025  -8.360  1.00 86.68  ? 78  GLU A OE2 1 
ATOM   605  N N   . THR A 1 79  ? -17.613 -7.223  -5.514  1.00 84.28  ? 79  THR A N   1 
ATOM   606  C CA  . THR A 1 79  ? -18.408 -6.769  -4.385  1.00 84.80  ? 79  THR A CA  1 
ATOM   607  C C   . THR A 1 79  ? -18.482 -5.247  -4.258  1.00 86.57  ? 79  THR A C   1 
ATOM   608  O O   . THR A 1 79  ? -19.531 -4.697  -3.927  1.00 87.54  ? 79  THR A O   1 
ATOM   609  C CB  . THR A 1 79  ? -17.816 -7.322  -3.093  1.00 84.24  ? 79  THR A CB  1 
ATOM   610  O OG1 . THR A 1 79  ? -17.408 -8.678  -3.309  1.00 83.04  ? 79  THR A OG1 1 
ATOM   611  C CG2 . THR A 1 79  ? -18.830 -7.260  -1.958  1.00 84.42  ? 79  THR A CG2 1 
ATOM   612  N N   . ILE A 1 80  ? -17.363 -4.580  -4.529  1.00 86.66  ? 80  ILE A N   1 
ATOM   613  C CA  . ILE A 1 80  ? -17.229 -3.141  -4.303  1.00 87.24  ? 80  ILE A CA  1 
ATOM   614  C C   . ILE A 1 80  ? -18.104 -2.309  -5.248  1.00 88.21  ? 80  ILE A C   1 
ATOM   615  O O   . ILE A 1 80  ? -18.788 -1.378  -4.799  1.00 88.29  ? 80  ILE A O   1 
ATOM   616  C CB  . ILE A 1 80  ? -15.752 -2.681  -4.387  1.00 87.00  ? 80  ILE A CB  1 
ATOM   617  C CG1 . ILE A 1 80  ? -14.803 -3.690  -3.708  1.00 88.05  ? 80  ILE A CG1 1 
ATOM   618  C CG2 . ILE A 1 80  ? -15.603 -1.276  -3.810  1.00 87.91  ? 80  ILE A CG2 1 
ATOM   619  C CD1 . ILE A 1 80  ? -14.915 -3.804  -2.192  1.00 87.30  ? 80  ILE A CD1 1 
ATOM   620  N N   . LYS A 1 81  ? -18.090 -2.640  -6.541  1.00 89.47  ? 81  LYS A N   1 
ATOM   621  C CA  . LYS A 1 81  ? -18.961 -1.958  -7.498  1.00 91.09  ? 81  LYS A CA  1 
ATOM   622  C C   . LYS A 1 81  ? -20.420 -2.214  -7.142  1.00 92.80  ? 81  LYS A C   1 
ATOM   623  O O   . LYS A 1 81  ? -21.320 -1.498  -7.586  1.00 93.79  ? 81  LYS A O   1 
ATOM   624  C CB  . LYS A 1 81  ? -18.680 -2.386  -8.939  1.00 90.34  ? 81  LYS A CB  1 
ATOM   625  C CG  . LYS A 1 81  ? -19.397 -1.502  -9.973  1.00 89.52  ? 81  LYS A CG  1 
ATOM   626  C CD  . LYS A 1 81  ? -18.701 -1.471  -11.323 1.00 88.57  ? 81  LYS A CD  1 
ATOM   627  C CE  . LYS A 1 81  ? -18.783 -2.808  -12.041 1.00 89.01  ? 81  LYS A CE  1 
ATOM   628  N NZ  . LYS A 1 81  ? -17.701 -2.959  -13.072 1.00 87.91  ? 81  LYS A NZ  1 
ATOM   629  N N   . GLN A 1 82  ? -20.631 -3.228  -6.307  1.00 93.52  ? 82  GLN A N   1 
ATOM   630  C CA  . GLN A 1 82  ? -21.956 -3.692  -5.934  1.00 92.80  ? 82  GLN A CA  1 
ATOM   631  C C   . GLN A 1 82  ? -22.350 -3.324  -4.503  1.00 92.65  ? 82  GLN A C   1 
ATOM   632  O O   . GLN A 1 82  ? -23.517 -3.444  -4.137  1.00 94.01  ? 82  GLN A O   1 
ATOM   633  C CB  . GLN A 1 82  ? -22.044 -5.205  -6.176  1.00 91.99  ? 82  GLN A CB  1 
ATOM   634  C CG  . GLN A 1 82  ? -22.429 -6.059  -4.970  1.00 90.72  ? 82  GLN A CG  1 
ATOM   635  C CD  . GLN A 1 82  ? -22.019 -7.504  -5.143  1.00 90.54  ? 82  GLN A CD  1 
ATOM   636  O OE1 . GLN A 1 82  ? -21.456 -8.109  -4.236  1.00 90.41  ? 82  GLN A OE1 1 
ATOM   637  N NE2 . GLN A 1 82  ? -22.293 -8.064  -6.312  1.00 90.95  ? 82  GLN A NE2 1 
ATOM   638  N N   . GLU A 1 83  ? -21.392 -2.877  -3.694  1.00 91.52  ? 83  GLU A N   1 
ATOM   639  C CA  . GLU A 1 83  ? -21.695 -2.561  -2.296  1.00 90.31  ? 83  GLU A CA  1 
ATOM   640  C C   . GLU A 1 83  ? -21.310 -1.143  -1.869  1.00 89.55  ? 83  GLU A C   1 
ATOM   641  O O   . GLU A 1 83  ? -21.994 -0.528  -1.043  1.00 88.90  ? 83  GLU A O   1 
ATOM   642  C CB  . GLU A 1 83  ? -21.091 -3.607  -1.341  1.00 90.34  ? 83  GLU A CB  1 
ATOM   643  C CG  . GLU A 1 83  ? -21.804 -4.979  -1.372  1.00 91.59  ? 83  GLU A CG  1 
ATOM   644  C CD  . GLU A 1 83  ? -21.660 -5.816  -0.076  1.00 92.31  ? 83  GLU A CD  1 
ATOM   645  O OE1 . GLU A 1 83  ? -21.857 -7.053  -0.158  1.00 93.31  ? 83  GLU A OE1 1 
ATOM   646  O OE2 . GLU A 1 83  ? -21.374 -5.261  1.018   1.00 92.41  ? 83  GLU A OE2 1 
ATOM   647  N N   . VAL A 1 84  ? -20.221 -0.624  -2.430  1.00 88.73  ? 84  VAL A N   1 
ATOM   648  C CA  . VAL A 1 84  ? -19.745 0.708   -2.063  1.00 86.74  ? 84  VAL A CA  1 
ATOM   649  C C   . VAL A 1 84  ? -19.757 1.617   -3.275  1.00 85.10  ? 84  VAL A C   1 
ATOM   650  O O   . VAL A 1 84  ? -19.484 2.812   -3.178  1.00 84.67  ? 84  VAL A O   1 
ATOM   651  C CB  . VAL A 1 84  ? -18.334 0.675   -1.438  1.00 87.73  ? 84  VAL A CB  1 
ATOM   652  C CG1 . VAL A 1 84  ? -18.215 1.744   -0.348  1.00 87.94  ? 84  VAL A CG1 1 
ATOM   653  C CG2 . VAL A 1 84  ? -18.031 -0.699  -0.852  1.00 87.55  ? 84  VAL A CG2 1 
ATOM   654  N N   . GLY A 1 85  ? -20.103 1.050   -4.421  1.00 82.89  ? 85  GLY A N   1 
ATOM   655  C CA  . GLY A 1 85  ? -20.098 1.821   -5.643  1.00 81.79  ? 85  GLY A CA  1 
ATOM   656  C C   . GLY A 1 85  ? -18.667 1.998   -6.102  1.00 80.94  ? 85  GLY A C   1 
ATOM   657  O O   . GLY A 1 85  ? -18.117 1.115   -6.764  1.00 81.37  ? 85  GLY A O   1 
ATOM   658  N N   . THR A 1 86  ? -18.044 3.123   -5.755  1.00 79.76  ? 86  THR A N   1 
ATOM   659  C CA  . THR A 1 86  ? -16.675 3.369   -6.226  1.00 78.39  ? 86  THR A CA  1 
ATOM   660  C C   . THR A 1 86  ? -15.703 3.821   -5.149  1.00 77.27  ? 86  THR A C   1 
ATOM   661  O O   . THR A 1 86  ? -16.092 4.458   -4.164  1.00 77.21  ? 86  THR A O   1 
ATOM   662  C CB  . THR A 1 86  ? -16.614 4.371   -7.408  1.00 77.86  ? 86  THR A CB  1 
ATOM   663  O OG1 . THR A 1 86  ? -16.746 5.714   -6.914  1.00 76.63  ? 86  THR A OG1 1 
ATOM   664  C CG2 . THR A 1 86  ? -17.707 4.061   -8.460  1.00 76.79  ? 86  THR A CG2 1 
ATOM   665  N N   . ILE A 1 87  ? -14.434 3.479   -5.379  1.00 76.37  ? 87  ILE A N   1 
ATOM   666  C CA  . ILE A 1 87  ? -13.309 3.802   -4.494  1.00 74.53  ? 87  ILE A CA  1 
ATOM   667  C C   . ILE A 1 87  ? -12.276 4.714   -5.179  1.00 74.19  ? 87  ILE A C   1 
ATOM   668  O O   . ILE A 1 87  ? -12.342 4.929   -6.393  1.00 74.40  ? 87  ILE A O   1 
ATOM   669  C CB  . ILE A 1 87  ? -12.623 2.512   -3.934  1.00 72.81  ? 87  ILE A CB  1 
ATOM   670  C CG1 . ILE A 1 87  ? -11.975 1.673   -5.054  1.00 69.98  ? 87  ILE A CG1 1 
ATOM   671  C CG2 . ILE A 1 87  ? -13.612 1.695   -3.052  1.00 71.35  ? 87  ILE A CG2 1 
ATOM   672  C CD1 . ILE A 1 87  ? -10.991 0.543   -4.543  1.00 67.86  ? 87  ILE A CD1 1 
ATOM   673  N N   . HIS A 1 88  ? -11.322 5.235   -4.400  1.00 72.85  ? 88  HIS A N   1 
ATOM   674  C CA  . HIS A 1 88  ? -10.380 6.269   -4.894  1.00 71.33  ? 88  HIS A CA  1 
ATOM   675  C C   . HIS A 1 88  ? -8.886  5.879   -4.955  1.00 69.40  ? 88  HIS A C   1 
ATOM   676  O O   . HIS A 1 88  ? -8.025  6.705   -5.315  1.00 69.94  ? 88  HIS A O   1 
ATOM   677  C CB  . HIS A 1 88  ? -10.600 7.579   -4.128  1.00 71.14  ? 88  HIS A CB  1 
ATOM   678  C CG  . HIS A 1 88  ? -12.048 7.928   -3.982  1.00 71.53  ? 88  HIS A CG  1 
ATOM   679  N ND1 . HIS A 1 88  ? -12.737 8.661   -4.924  1.00 71.16  ? 88  HIS A ND1 1 
ATOM   680  C CD2 . HIS A 1 88  ? -12.956 7.586   -3.035  1.00 71.78  ? 88  HIS A CD2 1 
ATOM   681  C CE1 . HIS A 1 88  ? -14.000 8.780   -4.553  1.00 70.92  ? 88  HIS A CE1 1 
ATOM   682  N NE2 . HIS A 1 88  ? -14.158 8.138   -3.408  1.00 71.82  ? 88  HIS A NE2 1 
ATOM   683  N N   . GLY A 1 89  ? -8.598  4.617   -4.626  1.00 67.03  ? 89  GLY A N   1 
ATOM   684  C CA  . GLY A 1 89  ? -7.239  4.085   -4.657  1.00 64.79  ? 89  GLY A CA  1 
ATOM   685  C C   . GLY A 1 89  ? -7.086  2.685   -4.102  1.00 62.37  ? 89  GLY A C   1 
ATOM   686  O O   . GLY A 1 89  ? -8.034  2.111   -3.566  1.00 62.35  ? 89  GLY A O   1 
ATOM   687  N N   . VAL A 1 90  ? -5.892  2.119   -4.236  1.00 59.69  ? 90  VAL A N   1 
ATOM   688  C CA  . VAL A 1 90  ? -5.632  0.772   -3.706  1.00 56.41  ? 90  VAL A CA  1 
ATOM   689  C C   . VAL A 1 90  ? -4.246  0.775   -3.101  1.00 55.33  ? 90  VAL A C   1 
ATOM   690  O O   . VAL A 1 90  ? -3.343  1.444   -3.606  1.00 54.69  ? 90  VAL A O   1 
ATOM   691  C CB  . VAL A 1 90  ? -5.693  -0.344  -4.787  1.00 54.06  ? 90  VAL A CB  1 
ATOM   692  C CG1 . VAL A 1 90  ? -5.855  -1.704  -4.131  1.00 50.89  ? 90  VAL A CG1 1 
ATOM   693  C CG2 . VAL A 1 90  ? -6.813  -0.098  -5.797  1.00 52.02  ? 90  VAL A CG2 1 
ATOM   694  N N   . ALA A 1 91  ? -4.073  0.016   -2.037  1.00 55.64  ? 91  ALA A N   1 
ATOM   695  C CA  . ALA A 1 91  ? -2.840  0.053   -1.319  1.00 56.30  ? 91  ALA A CA  1 
ATOM   696  C C   . ALA A 1 91  ? -2.214  -1.331  -1.293  1.00 57.87  ? 91  ALA A C   1 
ATOM   697  O O   . ALA A 1 91  ? -2.166  -2.019  -0.242  1.00 56.51  ? 91  ALA A O   1 
ATOM   698  C CB  . ALA A 1 91  ? -3.088  0.568   0.047   1.00 57.14  ? 91  ALA A CB  1 
ATOM   699  N N   . HIS A 1 92  ? -1.758  -1.728  -2.482  1.00 60.78  ? 92  HIS A N   1 
ATOM   700  C CA  . HIS A 1 92  ? -1.004  -2.948  -2.711  1.00 63.86  ? 92  HIS A CA  1 
ATOM   701  C C   . HIS A 1 92  ? 0.162   -2.954  -1.734  1.00 67.54  ? 92  HIS A C   1 
ATOM   702  O O   . HIS A 1 92  ? 1.117   -2.228  -1.945  1.00 68.39  ? 92  HIS A O   1 
ATOM   703  C CB  . HIS A 1 92  ? -0.476  -2.932  -4.151  1.00 62.76  ? 92  HIS A CB  1 
ATOM   704  C CG  . HIS A 1 92  ? -0.063  -4.275  -4.672  1.00 62.71  ? 92  HIS A CG  1 
ATOM   705  N ND1 . HIS A 1 92  ? 1.165   -4.838  -4.399  1.00 62.25  ? 92  HIS A ND1 1 
ATOM   706  C CD2 . HIS A 1 92  ? -0.714  -5.161  -5.466  1.00 61.26  ? 92  HIS A CD2 1 
ATOM   707  C CE1 . HIS A 1 92  ? 1.248   -6.017  -4.990  1.00 61.62  ? 92  HIS A CE1 1 
ATOM   708  N NE2 . HIS A 1 92  ? 0.120   -6.237  -5.642  1.00 61.24  ? 92  HIS A NE2 1 
ATOM   709  N N   . CYS A 1 93  ? 0.100   -3.739  -0.659  1.00 72.34  ? 93  CYS A N   1 
ATOM   710  C CA  . CYS A 1 93  ? 1.139   -3.629  0.363   1.00 77.55  ? 93  CYS A CA  1 
ATOM   711  C C   . CYS A 1 93  ? 1.715   -4.917  0.855   1.00 81.39  ? 93  CYS A C   1 
ATOM   712  O O   . CYS A 1 93  ? 2.183   -4.996  1.997   1.00 81.52  ? 93  CYS A O   1 
ATOM   713  C CB  . CYS A 1 93  ? 0.643   -2.816  1.539   1.00 77.51  ? 93  CYS A CB  1 
ATOM   714  S SG  . CYS A 1 93  ? 0.770   -1.094  1.180   1.00 77.99  ? 93  CYS A SG  1 
ATOM   715  N N   . ILE A 1 94  ? 1.690   -5.939  0.007   1.00 86.19  ? 94  ILE A N   1 
ATOM   716  C CA  . ILE A 1 94  ? 2.221   -7.248  0.368   1.00 90.19  ? 94  ILE A CA  1 
ATOM   717  C C   . ILE A 1 94  ? 3.693   -7.159  0.758   1.00 94.04  ? 94  ILE A C   1 
ATOM   718  O O   . ILE A 1 94  ? 4.549   -6.868  -0.077  1.00 94.79  ? 94  ILE A O   1 
ATOM   719  C CB  . ILE A 1 94  ? 2.064   -8.259  -0.783  1.00 89.90  ? 94  ILE A CB  1 
ATOM   720  C CG1 . ILE A 1 94  ? 0.588   -8.431  -1.145  1.00 90.01  ? 94  ILE A CG1 1 
ATOM   721  C CG2 . ILE A 1 94  ? 2.686   -9.595  -0.408  1.00 88.96  ? 94  ILE A CG2 1 
ATOM   722  C CD1 . ILE A 1 94  ? 0.346   -9.411  -2.271  1.00 89.93  ? 94  ILE A CD1 1 
ATOM   723  N N   . ALA A 1 95  ? 3.979   -7.411  2.031   1.00 97.30  ? 95  ALA A N   1 
ATOM   724  C CA  . ALA A 1 95  ? 5.347   -7.361  2.534   1.00 101.45 ? 95  ALA A CA  1 
ATOM   725  C C   . ALA A 1 95  ? 5.581   -8.425  3.601   1.00 105.17 ? 95  ALA A C   1 
ATOM   726  O O   . ALA A 1 95  ? 6.091   -8.132  4.681   1.00 106.36 ? 95  ALA A O   1 
ATOM   727  C CB  . ALA A 1 95  ? 5.659   -5.978  3.083   1.00 100.60 ? 95  ALA A CB  1 
ATOM   728  N N   . PHE A 1 96  ? 5.203   -9.660  3.290   1.00 109.15 ? 96  PHE A N   1 
ATOM   729  C CA  . PHE A 1 96  ? 5.371   -10.770 4.221   1.00 112.92 ? 96  PHE A CA  1 
ATOM   730  C C   . PHE A 1 96  ? 6.097   -11.938 3.562   1.00 114.47 ? 96  PHE A C   1 
ATOM   731  O O   . PHE A 1 96  ? 6.509   -11.851 2.405   1.00 115.62 ? 96  PHE A O   1 
ATOM   732  C CB  . PHE A 1 96  ? 4.013   -11.230 4.756   1.00 114.82 ? 96  PHE A CB  1 
ATOM   733  C CG  . PHE A 1 96  ? 3.473   -10.365 5.860   1.00 118.00 ? 96  PHE A CG  1 
ATOM   734  C CD1 . PHE A 1 96  ? 3.963   -10.479 7.150   1.00 118.91 ? 96  PHE A CD1 1 
ATOM   735  C CD2 . PHE A 1 96  ? 2.474   -9.441  5.607   1.00 119.09 ? 96  PHE A CD2 1 
ATOM   736  C CE1 . PHE A 1 96  ? 3.468   -9.686  8.167   1.00 119.77 ? 96  PHE A CE1 1 
ATOM   737  C CE2 . PHE A 1 96  ? 1.976   -8.644  6.620   1.00 120.12 ? 96  PHE A CE2 1 
ATOM   738  C CZ  . PHE A 1 96  ? 2.474   -8.767  7.902   1.00 120.35 ? 96  PHE A CZ  1 
ATOM   739  N N   . ALA A 1 97  ? 6.252   -13.028 4.305   1.00 116.00 ? 97  ALA A N   1 
ATOM   740  C CA  . ALA A 1 97  ? 6.930   -14.214 3.795   1.00 117.16 ? 97  ALA A CA  1 
ATOM   741  C C   . ALA A 1 97  ? 8.358   -13.890 3.373   1.00 117.75 ? 97  ALA A C   1 
ATOM   742  O O   . ALA A 1 97  ? 8.587   -13.310 2.312   1.00 118.27 ? 97  ALA A O   1 
ATOM   743  C CB  . ALA A 1 97  ? 6.152   -14.809 2.632   1.00 117.14 ? 97  ALA A CB  1 
ATOM   744  N N   . ASN A 1 98  ? 9.318   -14.269 4.211   1.00 117.52 ? 98  ASN A N   1 
ATOM   745  C CA  . ASN A 1 98  ? 10.726  -14.020 3.926   1.00 117.03 ? 98  ASN A CA  1 
ATOM   746  C C   . ASN A 1 98  ? 11.009  -12.542 3.684   1.00 117.13 ? 98  ASN A C   1 
ATOM   747  O O   . ASN A 1 98  ? 11.740  -12.183 2.761   1.00 117.24 ? 98  ASN A O   1 
ATOM   748  C CB  . ASN A 1 98  ? 11.184  -14.847 2.724   1.00 115.82 ? 98  ASN A CB  1 
ATOM   749  C CG  . ASN A 1 98  ? 10.760  -16.299 2.820   1.00 115.14 ? 98  ASN A CG  1 
ATOM   750  O OD1 . ASN A 1 98  ? 10.185  -16.854 1.882   1.00 115.39 ? 98  ASN A OD1 1 
ATOM   751  N ND2 . ASN A 1 98  ? 11.042  -16.925 3.957   1.00 113.94 ? 98  ASN A ND2 1 
ATOM   752  N N   . ARG A 1 99  ? 10.426  -11.688 4.519   1.00 116.97 ? 99  ARG A N   1 
ATOM   753  C CA  . ARG A 1 99  ? 10.613  -10.248 4.397   1.00 117.71 ? 99  ARG A CA  1 
ATOM   754  C C   . ARG A 1 99  ? 10.068  -9.731  3.069   1.00 119.18 ? 99  ARG A C   1 
ATOM   755  O O   . ARG A 1 99  ? 10.725  -8.955  2.377   1.00 118.95 ? 99  ARG A O   1 
ATOM   756  C CB  . ARG A 1 99  ? 12.093  -9.886  4.533   1.00 115.35 ? 99  ARG A CB  1 
ATOM   757  C CG  . ARG A 1 99  ? 12.465  -9.291  5.882   1.00 113.16 ? 99  ARG A CG  1 
ATOM   758  C CD  . ARG A 1 99  ? 11.340  -9.461  6.889   1.00 111.37 ? 99  ARG A CD  1 
ATOM   759  N NE  . ARG A 1 99  ? 11.350  -8.411  7.903   1.00 109.90 ? 99  ARG A NE  1 
ATOM   760  C CZ  . ARG A 1 99  ? 12.328  -8.234  8.786   1.00 109.66 ? 99  ARG A CZ  1 
ATOM   761  N NH1 . ARG A 1 99  ? 12.253  -7.251  9.672   1.00 108.44 ? 99  ARG A NH1 1 
ATOM   762  N NH2 . ARG A 1 99  ? 13.382  -9.039  8.782   1.00 109.80 ? 99  ARG A NH2 1 
ATOM   763  N N   . ASP A 1 100 ? 8.862   -10.169 2.722   1.00 121.79 ? 100 ASP A N   1 
ATOM   764  C CA  . ASP A 1 100 ? 8.226   -9.753  1.477   1.00 124.67 ? 100 ASP A CA  1 
ATOM   765  C C   . ASP A 1 100 ? 8.996   -10.268 0.266   1.00 125.74 ? 100 ASP A C   1 
ATOM   766  O O   . ASP A 1 100 ? 8.944   -9.677  -0.813  1.00 126.26 ? 100 ASP A O   1 
ATOM   767  C CB  . ASP A 1 100 ? 8.111   -8.228  1.417   1.00 125.29 ? 100 ASP A CB  1 
ATOM   768  C CG  . ASP A 1 100 ? 7.369   -7.747  0.186   1.00 126.73 ? 100 ASP A CG  1 
ATOM   769  O OD1 . ASP A 1 100 ? 6.927   -8.599  -0.613  1.00 128.54 ? 100 ASP A OD1 1 
ATOM   770  O OD2 . ASP A 1 100 ? 7.228   -6.518  0.016   1.00 125.72 ? 100 ASP A OD2 1 
ATOM   771  N N   . ASP A 1 101 ? 9.710   -11.374 0.451   1.00 126.88 ? 101 ASP A N   1 
ATOM   772  C CA  . ASP A 1 101 ? 10.491  -11.971 -0.625  1.00 128.11 ? 101 ASP A CA  1 
ATOM   773  C C   . ASP A 1 101 ? 10.595  -13.483 -0.457  1.00 127.95 ? 101 ASP A C   1 
ATOM   774  O O   . ASP A 1 101 ? 11.540  -14.107 -0.940  1.00 127.40 ? 101 ASP A O   1 
ATOM   775  C CB  . ASP A 1 101 ? 11.888  -11.351 -0.681  1.00 129.58 ? 101 ASP A CB  1 
ATOM   776  C CG  . ASP A 1 101 ? 11.883  -9.873  -0.341  1.00 130.72 ? 101 ASP A CG  1 
ATOM   777  O OD1 . ASP A 1 101 ? 11.471  -9.066  -1.200  1.00 131.43 ? 101 ASP A OD1 1 
ATOM   778  O OD2 . ASP A 1 101 ? 12.292  -9.519  0.785   1.00 130.97 ? 101 ASP A OD2 1 
ATOM   779  N N   . GLN A 1 118 ? 9.254   -14.299 -6.025  1.00 115.65 ? 118 GLN A N   1 
ATOM   780  C CA  . GLN A 1 118 ? 9.807   -13.987 -4.711  1.00 116.72 ? 118 GLN A CA  1 
ATOM   781  C C   . GLN A 1 118 ? 9.770   -12.487 -4.440  1.00 114.55 ? 118 GLN A C   1 
ATOM   782  O O   . GLN A 1 118 ? 10.556  -11.724 -5.000  1.00 113.37 ? 118 GLN A O   1 
ATOM   783  C CB  . GLN A 1 118 ? 11.242  -14.506 -4.597  1.00 120.63 ? 118 GLN A CB  1 
ATOM   784  C CG  . GLN A 1 118 ? 11.417  -15.948 -5.046  1.00 125.32 ? 118 GLN A CG  1 
ATOM   785  C CD  . GLN A 1 118 ? 12.435  -16.092 -6.160  1.00 128.11 ? 118 GLN A CD  1 
ATOM   786  O OE1 . GLN A 1 118 ? 12.813  -15.111 -6.802  1.00 129.34 ? 118 GLN A OE1 1 
ATOM   787  N NE2 . GLN A 1 118 ? 12.887  -17.319 -6.395  1.00 129.52 ? 118 GLN A NE2 1 
ATOM   788  N N   . ASN A 1 119 ? 8.850   -12.071 -3.575  1.00 112.09 ? 119 ASN A N   1 
ATOM   789  C CA  . ASN A 1 119 ? 7.932   -12.999 -2.925  1.00 109.59 ? 119 ASN A CA  1 
ATOM   790  C C   . ASN A 1 119 ? 6.492   -12.801 -3.386  1.00 106.57 ? 119 ASN A C   1 
ATOM   791  O O   . ASN A 1 119 ? 5.713   -13.752 -3.450  1.00 105.89 ? 119 ASN A O   1 
ATOM   792  C CB  . ASN A 1 119 ? 8.021   -12.866 -1.404  1.00 111.71 ? 119 ASN A CB  1 
ATOM   793  C CG  . ASN A 1 119 ? 7.313   -13.993 -0.678  1.00 113.39 ? 119 ASN A CG  1 
ATOM   794  O OD1 . ASN A 1 119 ? 7.247   -15.119 -1.170  1.00 116.42 ? 119 ASN A OD1 1 
ATOM   795  N ND2 . ASN A 1 119 ? 6.780   -13.694 0.501   1.00 111.63 ? 119 ASN A ND2 1 
ATOM   796  N N   . ILE A 1 120 ? 6.145   -11.559 -3.707  1.00 102.27 ? 120 ILE A N   1 
ATOM   797  C CA  . ILE A 1 120 ? 4.800   -11.231 -4.162  1.00 96.96  ? 120 ILE A CA  1 
ATOM   798  C C   . ILE A 1 120 ? 4.725   -9.789  -4.652  1.00 94.80  ? 120 ILE A C   1 
ATOM   799  O O   . ILE A 1 120 ? 5.741   -9.099  -4.740  1.00 94.62  ? 120 ILE A O   1 
ATOM   800  C CB  . ILE A 1 120 ? 3.760   -11.440 -3.047  1.00 96.32  ? 120 ILE A CB  1 
ATOM   801  C CG1 . ILE A 1 120 ? 3.762   -12.897 -2.581  1.00 94.63  ? 120 ILE A CG1 1 
ATOM   802  C CG2 . ILE A 1 120 ? 2.375   -11.031 -3.525  1.00 95.57  ? 120 ILE A CG2 1 
ATOM   803  C CD1 . ILE A 1 120 ? 2.380   -13.496 -2.443  1.00 92.92  ? 120 ILE A CD1 1 
ATOM   804  N N   . SER A 1 121 ? 3.516   -9.339  -4.972  1.00 90.92  ? 121 SER A N   1 
ATOM   805  C CA  . SER A 1 121 ? 3.310   -7.978  -5.452  1.00 86.00  ? 121 SER A CA  1 
ATOM   806  C C   . SER A 1 121 ? 3.786   -7.824  -6.893  1.00 84.04  ? 121 SER A C   1 
ATOM   807  O O   . SER A 1 121 ? 3.118   -7.194  -7.714  1.00 82.70  ? 121 SER A O   1 
ATOM   808  C CB  . SER A 1 121 ? 4.031   -6.975  -4.550  1.00 84.78  ? 121 SER A CB  1 
ATOM   809  O OG  . SER A 1 121 ? 3.287   -6.720  -3.372  1.00 82.98  ? 121 SER A OG  1 
ATOM   810  N N   . ALA A 1 122 ? 4.943   -8.404  -7.194  1.00 82.71  ? 122 ALA A N   1 
ATOM   811  C CA  . ALA A 1 122 ? 5.511   -8.332  -8.535  1.00 80.90  ? 122 ALA A CA  1 
ATOM   812  C C   . ALA A 1 122 ? 4.525   -8.843  -9.579  1.00 79.09  ? 122 ALA A C   1 
ATOM   813  O O   . ALA A 1 122 ? 4.343   -8.226  -10.629 1.00 78.11  ? 122 ALA A O   1 
ATOM   814  C CB  . ALA A 1 122 ? 6.813   -9.117  -8.602  1.00 81.53  ? 122 ALA A CB  1 
ATOM   815  N N   . PHE A 1 123 ? 3.892   -9.974  -9.286  1.00 76.97  ? 123 PHE A N   1 
ATOM   816  C CA  . PHE A 1 123 ? 2.924   -10.570 -10.199 1.00 75.23  ? 123 PHE A CA  1 
ATOM   817  C C   . PHE A 1 123 ? 1.517   -10.539 -9.611  1.00 74.16  ? 123 PHE A C   1 
ATOM   818  O O   . PHE A 1 123 ? 0.675   -11.371 -9.948  1.00 75.33  ? 123 PHE A O   1 
ATOM   819  C CB  . PHE A 1 123 ? 3.321   -12.008 -10.537 1.00 74.74  ? 123 PHE A CB  1 
ATOM   820  C CG  . PHE A 1 123 ? 3.111   -12.976 -9.408  1.00 73.62  ? 123 PHE A CG  1 
ATOM   821  C CD1 . PHE A 1 123 ? 1.853   -13.493 -9.146  1.00 73.56  ? 123 PHE A CD1 1 
ATOM   822  C CD2 . PHE A 1 123 ? 4.171   -13.370 -8.609  1.00 73.40  ? 123 PHE A CD2 1 
ATOM   823  C CE1 . PHE A 1 123 ? 1.657   -14.384 -8.109  1.00 72.82  ? 123 PHE A CE1 1 
ATOM   824  C CE2 . PHE A 1 123 ? 3.981   -14.261 -7.569  1.00 73.89  ? 123 PHE A CE2 1 
ATOM   825  C CZ  . PHE A 1 123 ? 2.722   -14.768 -7.319  1.00 73.66  ? 123 PHE A CZ  1 
ATOM   826  N N   . SER A 1 124 ? 1.270   -9.575  -8.730  1.00 71.51  ? 124 SER A N   1 
ATOM   827  C CA  . SER A 1 124 ? -0.034  -9.434  -8.093  1.00 69.23  ? 124 SER A CA  1 
ATOM   828  C C   . SER A 1 124 ? -0.574  -8.017  -8.253  1.00 68.34  ? 124 SER A C   1 
ATOM   829  O O   . SER A 1 124 ? -1.699  -7.721  -7.850  1.00 68.21  ? 124 SER A O   1 
ATOM   830  C CB  . SER A 1 124 ? 0.051   -9.800  -6.611  1.00 69.17  ? 124 SER A CB  1 
ATOM   831  O OG  . SER A 1 124 ? 1.009   -9.000  -5.941  1.00 68.62  ? 124 SER A OG  1 
ATOM   832  N N   . LEU A 1 125 ? 0.236   -7.144  -8.845  1.00 66.81  ? 125 LEU A N   1 
ATOM   833  C CA  . LEU A 1 125 ? -0.160  -5.747  -9.061  1.00 66.27  ? 125 LEU A CA  1 
ATOM   834  C C   . LEU A 1 125 ? -1.024  -5.605  -10.308 1.00 64.80  ? 125 LEU A C   1 
ATOM   835  O O   . LEU A 1 125 ? -2.110  -5.048  -10.255 1.00 64.96  ? 125 LEU A O   1 
ATOM   836  C CB  . LEU A 1 125 ? 1.087   -4.848  -9.152  1.00 67.39  ? 125 LEU A CB  1 
ATOM   837  C CG  . LEU A 1 125 ? 0.953   -3.319  -9.242  1.00 68.99  ? 125 LEU A CG  1 
ATOM   838  C CD1 . LEU A 1 125 ? 0.316   -2.748  -7.995  1.00 69.07  ? 125 LEU A CD1 1 
ATOM   839  C CD2 . LEU A 1 125 ? 2.305   -2.666  -9.473  1.00 68.63  ? 125 LEU A CD2 1 
ATOM   840  N N   . THR A 1 126 ? -0.531  -6.146  -11.414 1.00 62.99  ? 126 THR A N   1 
ATOM   841  C CA  . THR A 1 126 ? -1.201  -6.110  -12.707 1.00 60.71  ? 126 THR A CA  1 
ATOM   842  C C   . THR A 1 126 ? -2.658  -6.518  -12.625 1.00 60.60  ? 126 THR A C   1 
ATOM   843  O O   . THR A 1 126 ? -3.551  -5.798  -13.094 1.00 60.75  ? 126 THR A O   1 
ATOM   844  C CB  . THR A 1 126 ? -0.523  -7.073  -13.667 1.00 59.38  ? 126 THR A CB  1 
ATOM   845  O OG1 . THR A 1 126 ? 0.871   -7.163  -13.333 1.00 59.64  ? 126 THR A OG1 1 
ATOM   846  C CG2 . THR A 1 126 ? -0.679  -6.575  -15.091 1.00 56.72  ? 126 THR A CG2 1 
ATOM   847  N N   . ALA A 1 127 ? -2.889  -7.690  -12.044 1.00 59.32  ? 127 ALA A N   1 
ATOM   848  C CA  . ALA A 1 127 ? -4.243  -8.164  -11.853 1.00 58.03  ? 127 ALA A CA  1 
ATOM   849  C C   . ALA A 1 127 ? -4.938  -7.197  -10.909 1.00 58.24  ? 127 ALA A C   1 
ATOM   850  O O   . ALA A 1 127 ? -5.993  -6.635  -11.245 1.00 58.58  ? 127 ALA A O   1 
ATOM   851  C CB  . ALA A 1 127 ? -4.241  -9.573  -11.308 1.00 56.47  ? 127 ALA A CB  1 
ATOM   852  N N   . VAL A 1 128 ? -4.305  -6.967  -9.761  1.00 57.49  ? 128 VAL A N   1 
ATOM   853  C CA  . VAL A 1 128 ? -4.795  -6.005  -8.788  1.00 55.93  ? 128 VAL A CA  1 
ATOM   854  C C   . VAL A 1 128 ? -5.153  -4.662  -9.434  1.00 55.75  ? 128 VAL A C   1 
ATOM   855  O O   . VAL A 1 128 ? -6.173  -4.051  -9.107  1.00 55.84  ? 128 VAL A O   1 
ATOM   856  C CB  . VAL A 1 128 ? -3.781  -5.778  -7.691  1.00 55.11  ? 128 VAL A CB  1 
ATOM   857  C CG1 . VAL A 1 128 ? -4.263  -4.686  -6.765  1.00 55.98  ? 128 VAL A CG1 1 
ATOM   858  C CG2 . VAL A 1 128 ? -3.586  -7.040  -6.926  1.00 55.20  ? 128 VAL A CG2 1 
ATOM   859  N N   . ALA A 1 129 ? -4.325  -4.222  -10.370 1.00 56.33  ? 129 ALA A N   1 
ATOM   860  C CA  . ALA A 1 129 ? -4.559  -2.948  -11.034 1.00 57.70  ? 129 ALA A CA  1 
ATOM   861  C C   . ALA A 1 129 ? -5.805  -3.055  -11.902 1.00 58.54  ? 129 ALA A C   1 
ATOM   862  O O   . ALA A 1 129 ? -6.759  -2.275  -11.751 1.00 56.69  ? 129 ALA A O   1 
ATOM   863  C CB  . ALA A 1 129 ? -3.340  -2.540  -11.869 1.00 57.23  ? 129 ALA A CB  1 
ATOM   864  N N   . ARG A 1 130 ? -5.770  -4.042  -12.799 1.00 61.79  ? 130 ARG A N   1 
ATOM   865  C CA  . ARG A 1 130 ? -6.822  -4.301  -13.775 1.00 64.52  ? 130 ARG A CA  1 
ATOM   866  C C   . ARG A 1 130 ? -8.183  -4.259  -13.077 1.00 66.28  ? 130 ARG A C   1 
ATOM   867  O O   . ARG A 1 130 ? -9.135  -3.633  -13.580 1.00 65.84  ? 130 ARG A O   1 
ATOM   868  C CB  . ARG A 1 130 ? -6.583  -5.677  -14.402 1.00 63.92  ? 130 ARG A CB  1 
ATOM   869  C CG  . ARG A 1 130 ? -7.205  -5.870  -15.772 1.00 64.98  ? 130 ARG A CG  1 
ATOM   870  C CD  . ARG A 1 130 ? -7.943  -7.212  -15.872 1.00 65.53  ? 130 ARG A CD  1 
ATOM   871  N NE  . ARG A 1 130 ? -7.064  -8.373  -15.707 1.00 66.84  ? 130 ARG A NE  1 
ATOM   872  C CZ  . ARG A 1 130 ? -7.105  -9.239  -14.685 1.00 66.69  ? 130 ARG A CZ  1 
ATOM   873  N NH1 . ARG A 1 130 ? -6.255  -10.265 -14.649 1.00 67.93  ? 130 ARG A NH1 1 
ATOM   874  N NH2 . ARG A 1 130 ? -7.988  -9.098  -13.700 1.00 63.75  ? 130 ARG A NH2 1 
ATOM   875  N N   . GLU A 1 131 ? -8.247  -4.911  -11.909 1.00 68.54  ? 131 GLU A N   1 
ATOM   876  C CA  . GLU A 1 131 ? -9.455  -4.963  -11.087 1.00 70.90  ? 131 GLU A CA  1 
ATOM   877  C C   . GLU A 1 131 ? -9.786  -3.619  -10.474 1.00 71.70  ? 131 GLU A C   1 
ATOM   878  O O   . GLU A 1 131 ? -10.952 -3.266  -10.322 1.00 72.28  ? 131 GLU A O   1 
ATOM   879  C CB  . GLU A 1 131 ? -9.325  -5.993  -9.962  1.00 72.85  ? 131 GLU A CB  1 
ATOM   880  C CG  . GLU A 1 131 ? -9.329  -7.443  -10.414 1.00 74.60  ? 131 GLU A CG  1 
ATOM   881  C CD  . GLU A 1 131 ? -10.507 -7.811  -11.312 1.00 76.40  ? 131 GLU A CD  1 
ATOM   882  O OE1 . GLU A 1 131 ? -10.476 -8.919  -11.882 1.00 77.47  ? 131 GLU A OE1 1 
ATOM   883  O OE2 . GLU A 1 131 ? -11.461 -7.010  -11.456 1.00 77.64  ? 131 GLU A OE2 1 
ATOM   884  N N   . ALA A 1 132 ? -8.766  -2.866  -10.093 1.00 71.89  ? 132 ALA A N   1 
ATOM   885  C CA  . ALA A 1 132 ? -9.016  -1.574  -9.509  1.00 71.56  ? 132 ALA A CA  1 
ATOM   886  C C   . ALA A 1 132 ? -9.718  -0.677  -10.529 1.00 71.72  ? 132 ALA A C   1 
ATOM   887  O O   . ALA A 1 132 ? -10.637 0.045   -10.172 1.00 72.28  ? 132 ALA A O   1 
ATOM   888  C CB  . ALA A 1 132 ? -7.726  -0.960  -9.022  1.00 71.55  ? 132 ALA A CB  1 
ATOM   889  N N   . LYS A 1 133 ? -9.310  -0.772  -11.799 1.00 72.31  ? 133 LYS A N   1 
ATOM   890  C CA  . LYS A 1 133 ? -9.797  0.099   -12.890 1.00 73.01  ? 133 LYS A CA  1 
ATOM   891  C C   . LYS A 1 133 ? -11.304 0.268   -12.924 1.00 73.71  ? 133 LYS A C   1 
ATOM   892  O O   . LYS A 1 133 ? -11.802 1.339   -13.288 1.00 72.78  ? 133 LYS A O   1 
ATOM   893  C CB  . LYS A 1 133 ? -9.329  -0.416  -14.270 1.00 74.41  ? 133 LYS A CB  1 
ATOM   894  C CG  . LYS A 1 133 ? -9.896  0.347   -15.514 1.00 75.67  ? 133 LYS A CG  1 
ATOM   895  C CD  . LYS A 1 133 ? -11.067 -0.390  -16.195 1.00 77.43  ? 133 LYS A CD  1 
ATOM   896  C CE  . LYS A 1 133 ? -12.023 0.569   -16.925 1.00 77.91  ? 133 LYS A CE  1 
ATOM   897  N NZ  . LYS A 1 133 ? -11.523 1.040   -18.249 1.00 77.35  ? 133 LYS A NZ  1 
ATOM   898  N N   . LYS A 1 134 ? -12.017 -0.802  -12.579 1.00 74.75  ? 134 LYS A N   1 
ATOM   899  C CA  . LYS A 1 134 ? -13.458 -0.882  -12.778 1.00 76.04  ? 134 LYS A CA  1 
ATOM   900  C C   . LYS A 1 134 ? -14.238 -0.282  -11.609 1.00 77.10  ? 134 LYS A C   1 
ATOM   901  O O   . LYS A 1 134 ? -15.387 0.138   -11.768 1.00 77.09  ? 134 LYS A O   1 
ATOM   902  C CB  . LYS A 1 134 ? -13.878 -2.328  -13.094 1.00 76.89  ? 134 LYS A CB  1 
ATOM   903  C CG  . LYS A 1 134 ? -12.948 -3.421  -12.527 1.00 76.68  ? 134 LYS A CG  1 
ATOM   904  C CD  . LYS A 1 134 ? -13.177 -4.802  -13.162 1.00 77.10  ? 134 LYS A CD  1 
ATOM   905  C CE  . LYS A 1 134 ? -14.269 -5.622  -12.440 1.00 78.16  ? 134 LYS A CE  1 
ATOM   906  N NZ  . LYS A 1 134 ? -14.681 -6.875  -13.185 1.00 79.17  ? 134 LYS A NZ  1 
ATOM   907  N N   . VAL A 1 135 ? -13.592 -0.220  -10.447 1.00 78.32  ? 135 VAL A N   1 
ATOM   908  C CA  . VAL A 1 135 ? -14.187 0.364   -9.236  1.00 79.49  ? 135 VAL A CA  1 
ATOM   909  C C   . VAL A 1 135 ? -13.561 1.716   -8.824  1.00 80.27  ? 135 VAL A C   1 
ATOM   910  O O   . VAL A 1 135 ? -13.780 2.200   -7.708  1.00 80.01  ? 135 VAL A O   1 
ATOM   911  C CB  . VAL A 1 135 ? -14.162 -0.641  -8.051  1.00 79.54  ? 135 VAL A CB  1 
ATOM   912  C CG1 . VAL A 1 135 ? -15.195 -1.732  -8.270  1.00 80.09  ? 135 VAL A CG1 1 
ATOM   913  C CG2 . VAL A 1 135 ? -12.760 -1.252  -7.865  1.00 79.54  ? 135 VAL A CG2 1 
ATOM   914  N N   . MET A 1 136 ? -12.800 2.315   -9.741  1.00 80.54  ? 136 MET A N   1 
ATOM   915  C CA  . MET A 1 136 ? -12.182 3.633   -9.542  1.00 80.72  ? 136 MET A CA  1 
ATOM   916  C C   . MET A 1 136 ? -12.620 4.615   -10.662 1.00 80.46  ? 136 MET A C   1 
ATOM   917  O O   . MET A 1 136 ? -11.801 5.169   -11.403 1.00 79.95  ? 136 MET A O   1 
ATOM   918  C CB  . MET A 1 136 ? -10.645 3.506   -9.477  1.00 81.81  ? 136 MET A CB  1 
ATOM   919  C CG  . MET A 1 136 ? -10.067 2.793   -8.228  1.00 83.30  ? 136 MET A CG  1 
ATOM   920  S SD  . MET A 1 136 ? -8.243  2.678   -8.140  1.00 83.91  ? 136 MET A SD  1 
ATOM   921  C CE  . MET A 1 136 ? -7.766  4.406   -8.010  1.00 82.64  ? 136 MET A CE  1 
ATOM   922  N N   . THR A 1 137 ? -13.926 4.828   -10.769 1.00 79.41  ? 137 THR A N   1 
ATOM   923  C CA  . THR A 1 137 ? -14.522 5.536   -11.908 1.00 77.82  ? 137 THR A CA  1 
ATOM   924  C C   . THR A 1 137 ? -14.179 7.028   -12.057 1.00 78.08  ? 137 THR A C   1 
ATOM   925  O O   . THR A 1 137 ? -14.293 7.583   -13.158 1.00 77.78  ? 137 THR A O   1 
ATOM   926  C CB  . THR A 1 137 ? -16.049 5.361   -11.915 1.00 76.56  ? 137 THR A CB  1 
ATOM   927  O OG1 . THR A 1 137 ? -16.515 5.154   -10.580 1.00 75.65  ? 137 THR A OG1 1 
ATOM   928  C CG2 . THR A 1 137 ? -16.421 4.148   -12.724 1.00 76.42  ? 137 THR A CG2 1 
ATOM   929  N N   . GLU A 1 138 ? -13.766 7.666   -10.960 1.00 77.81  ? 138 GLU A N   1 
ATOM   930  C CA  . GLU A 1 138 ? -13.444 9.111   -10.954 1.00 76.81  ? 138 GLU A CA  1 
ATOM   931  C C   . GLU A 1 138 ? -11.931 9.369   -11.009 1.00 75.36  ? 138 GLU A C   1 
ATOM   932  O O   . GLU A 1 138 ? -11.480 10.458  -11.404 1.00 76.52  ? 138 GLU A O   1 
ATOM   933  C CB  . GLU A 1 138 ? -14.032 9.805   -9.719  1.00 77.47  ? 138 GLU A CB  1 
ATOM   934  C CG  . GLU A 1 138 ? -15.540 9.681   -9.564  1.00 77.78  ? 138 GLU A CG  1 
ATOM   935  C CD  . GLU A 1 138 ? -15.976 9.870   -8.117  1.00 79.36  ? 138 GLU A CD  1 
ATOM   936  O OE1 . GLU A 1 138 ? -15.513 9.110   -7.231  1.00 78.98  ? 138 GLU A OE1 1 
ATOM   937  O OE2 . GLU A 1 138 ? -16.785 10.788  -7.864  1.00 81.52  ? 138 GLU A OE2 1 
ATOM   938  N N   . GLY A 1 139 ? -11.156 8.368   -10.608 1.00 72.37  ? 139 GLY A N   1 
ATOM   939  C CA  . GLY A 1 139 ? -9.715  8.472   -10.656 1.00 70.09  ? 139 GLY A CA  1 
ATOM   940  C C   . GLY A 1 139 ? -9.094  8.200   -9.306  1.00 69.07  ? 139 GLY A C   1 
ATOM   941  O O   . GLY A 1 139 ? -9.763  7.716   -8.383  1.00 69.90  ? 139 GLY A O   1 
ATOM   942  N N   . GLY A 1 140 ? -7.807  8.515   -9.187  1.00 67.89  ? 140 GLY A N   1 
ATOM   943  C CA  . GLY A 1 140 ? -7.119  8.381   -7.916  1.00 65.00  ? 140 GLY A CA  1 
ATOM   944  C C   . GLY A 1 140 ? -5.833  7.624   -8.079  1.00 62.72  ? 140 GLY A C   1 
ATOM   945  O O   . GLY A 1 140 ? -5.157  7.746   -9.096  1.00 62.76  ? 140 GLY A O   1 
ATOM   946  N N   . ASN A 1 141 ? -5.500  6.822   -7.086  1.00 59.84  ? 141 ASN A N   1 
ATOM   947  C CA  . ASN A 1 141 ? -4.167  6.314   -7.043  1.00 57.55  ? 141 ASN A CA  1 
ATOM   948  C C   . ASN A 1 141 ? -4.059  4.862   -6.669  1.00 56.86  ? 141 ASN A C   1 
ATOM   949  O O   . ASN A 1 141 ? -4.749  4.375   -5.763  1.00 57.52  ? 141 ASN A O   1 
ATOM   950  C CB  . ASN A 1 141 ? -3.349  7.130   -6.052  1.00 58.42  ? 141 ASN A CB  1 
ATOM   951  C CG  . ASN A 1 141 ? -1.996  6.514   -5.785  1.00 59.84  ? 141 ASN A CG  1 
ATOM   952  O OD1 . ASN A 1 141 ? -1.828  5.698   -4.868  1.00 61.10  ? 141 ASN A OD1 1 
ATOM   953  N ND2 . ASN A 1 141 ? -1.020  6.874   -6.618  1.00 59.96  ? 141 ASN A ND2 1 
ATOM   954  N N   . ILE A 1 142 ? -3.135  4.171   -7.322  1.00 54.33  ? 142 ILE A N   1 
ATOM   955  C CA  . ILE A 1 142 ? -2.841  2.823   -6.896  1.00 51.66  ? 142 ILE A CA  1 
ATOM   956  C C   . ILE A 1 142 ? -1.429  2.759   -6.357  1.00 49.41  ? 142 ILE A C   1 
ATOM   957  O O   . ILE A 1 142 ? -0.459  2.674   -7.105  1.00 49.44  ? 142 ILE A O   1 
ATOM   958  C CB  . ILE A 1 142 ? -3.073  1.818   -8.018  1.00 53.34  ? 142 ILE A CB  1 
ATOM   959  C CG1 . ILE A 1 142 ? -4.458  2.057   -8.642  1.00 55.50  ? 142 ILE A CG1 1 
ATOM   960  C CG2 . ILE A 1 142 ? -2.955  0.389   -7.462  1.00 52.92  ? 142 ILE A CG2 1 
ATOM   961  C CD1 . ILE A 1 142 ? -4.578  1.612   -10.094 1.00 56.71  ? 142 ILE A CD1 1 
ATOM   962  N N   . LEU A 1 143 ? -1.314  2.829   -5.043  1.00 47.83  ? 143 LEU A N   1 
ATOM   963  C CA  . LEU A 1 143 ? -0.016  2.755   -4.402  1.00 48.24  ? 143 LEU A CA  1 
ATOM   964  C C   . LEU A 1 143 ? 0.500   1.315   -4.359  1.00 49.77  ? 143 LEU A C   1 
ATOM   965  O O   . LEU A 1 143 ? -0.259  0.396   -4.133  1.00 51.04  ? 143 LEU A O   1 
ATOM   966  C CB  . LEU A 1 143 ? -0.111  3.315   -2.983  1.00 47.13  ? 143 LEU A CB  1 
ATOM   967  C CG  . LEU A 1 143 ? 1.218   3.220   -2.241  1.00 48.84  ? 143 LEU A CG  1 
ATOM   968  C CD1 . LEU A 1 143 ? 2.229   4.103   -2.957  1.00 47.58  ? 143 LEU A CD1 1 
ATOM   969  C CD2 . LEU A 1 143 ? 1.117   3.598   -0.773  1.00 48.60  ? 143 LEU A CD2 1 
ATOM   970  N N   . THR A 1 144 ? 1.790   1.117   -4.572  1.00 51.12  ? 144 THR A N   1 
ATOM   971  C CA  . THR A 1 144 ? 2.407   -0.171  -4.234  1.00 52.25  ? 144 THR A CA  1 
ATOM   972  C C   . THR A 1 144 ? 3.736   0.009   -3.517  1.00 51.75  ? 144 THR A C   1 
ATOM   973  O O   . THR A 1 144 ? 4.473   0.964   -3.761  1.00 51.85  ? 144 THR A O   1 
ATOM   974  C CB  . THR A 1 144 ? 2.589   -1.122  -5.436  1.00 54.79  ? 144 THR A CB  1 
ATOM   975  O OG1 . THR A 1 144 ? 3.374   -2.248  -5.022  1.00 58.88  ? 144 THR A OG1 1 
ATOM   976  C CG2 . THR A 1 144 ? 3.303   -0.431  -6.574  1.00 56.14  ? 144 THR A CG2 1 
ATOM   977  N N   . LEU A 1 145 ? 4.044   -0.939  -2.649  1.00 53.02  ? 145 LEU A N   1 
ATOM   978  C CA  . LEU A 1 145 ? 5.120   -0.766  -1.703  1.00 54.98  ? 145 LEU A CA  1 
ATOM   979  C C   . LEU A 1 145 ? 6.347   -1.622  -2.017  1.00 57.28  ? 145 LEU A C   1 
ATOM   980  O O   . LEU A 1 145 ? 6.238   -2.781  -2.407  1.00 56.70  ? 145 LEU A O   1 
ATOM   981  C CB  . LEU A 1 145 ? 4.619   -1.063  -0.284  1.00 54.25  ? 145 LEU A CB  1 
ATOM   982  C CG  . LEU A 1 145 ? 5.699   -0.781  0.764   1.00 54.61  ? 145 LEU A CG  1 
ATOM   983  C CD1 . LEU A 1 145 ? 5.728   0.723   1.045   1.00 54.49  ? 145 LEU A CD1 1 
ATOM   984  C CD2 . LEU A 1 145 ? 5.516   -1.607  2.048   1.00 55.62  ? 145 LEU A CD2 1 
ATOM   985  N N   . THR A 1 146 ? 7.520   -1.036  -1.844  1.00 61.43  ? 146 THR A N   1 
ATOM   986  C CA  . THR A 1 146 ? 8.736   -1.814  -1.893  1.00 66.59  ? 146 THR A CA  1 
ATOM   987  C C   . THR A 1 146 ? 9.421   -1.665  -0.551  1.00 70.13  ? 146 THR A C   1 
ATOM   988  O O   . THR A 1 146 ? 9.912   -0.582  -0.218  1.00 71.14  ? 146 THR A O   1 
ATOM   989  C CB  . THR A 1 146 ? 9.648   -1.361  -3.038  1.00 66.32  ? 146 THR A CB  1 
ATOM   990  O OG1 . THR A 1 146 ? 8.906   -1.393  -4.267  1.00 68.48  ? 146 THR A OG1 1 
ATOM   991  C CG2 . THR A 1 146 ? 10.839  -2.277  -3.160  1.00 65.47  ? 146 THR A CG2 1 
ATOM   992  N N   . TYR A 1 147 ? 9.419   -2.740  0.232   1.00 73.38  ? 147 TYR A N   1 
ATOM   993  C CA  . TYR A 1 147 ? 10.103  -2.732  1.510   1.00 76.38  ? 147 TYR A CA  1 
ATOM   994  C C   . TYR A 1 147 ? 11.594  -2.917  1.252   1.00 77.85  ? 147 TYR A C   1 
ATOM   995  O O   . TYR A 1 147 ? 12.091  -4.038  1.231   1.00 77.27  ? 147 TYR A O   1 
ATOM   996  C CB  . TYR A 1 147 ? 9.547   -3.801  2.449   1.00 77.83  ? 147 TYR A CB  1 
ATOM   997  C CG  . TYR A 1 147 ? 10.253  -3.859  3.785   1.00 79.80  ? 147 TYR A CG  1 
ATOM   998  C CD1 . TYR A 1 147 ? 11.239  -4.821  4.034   1.00 81.86  ? 147 TYR A CD1 1 
ATOM   999  C CD2 . TYR A 1 147 ? 9.946   -2.953  4.799   1.00 79.71  ? 147 TYR A CD2 1 
ATOM   1000 C CE1 . TYR A 1 147 ? 11.901  -4.881  5.261   1.00 82.61  ? 147 TYR A CE1 1 
ATOM   1001 C CE2 . TYR A 1 147 ? 10.601  -3.000  6.028   1.00 80.84  ? 147 TYR A CE2 1 
ATOM   1002 C CZ  . TYR A 1 147 ? 11.576  -3.969  6.256   1.00 82.30  ? 147 TYR A CZ  1 
ATOM   1003 O OH  . TYR A 1 147 ? 12.229  -4.029  7.470   1.00 82.43  ? 147 TYR A OH  1 
ATOM   1004 N N   . LEU A 1 148 ? 12.299  -1.808  1.058   1.00 79.78  ? 148 LEU A N   1 
ATOM   1005 C CA  . LEU A 1 148 ? 13.735  -1.847  0.801   1.00 81.06  ? 148 LEU A CA  1 
ATOM   1006 C C   . LEU A 1 148 ? 14.097  -2.999  -0.130  1.00 82.32  ? 148 LEU A C   1 
ATOM   1007 O O   . LEU A 1 148 ? 14.198  -2.821  -1.344  1.00 83.66  ? 148 LEU A O   1 
ATOM   1008 C CB  . LEU A 1 148 ? 14.510  -1.970  2.115   1.00 79.63  ? 148 LEU A CB  1 
ATOM   1009 C CG  . LEU A 1 148 ? 16.034  -2.033  1.998   1.00 78.58  ? 148 LEU A CG  1 
ATOM   1010 C CD1 . LEU A 1 148 ? 16.574  -0.778  1.328   1.00 78.87  ? 148 LEU A CD1 1 
ATOM   1011 C CD2 . LEU A 1 148 ? 16.670  -2.230  3.366   1.00 77.99  ? 148 LEU A CD2 1 
ATOM   1012 N N   . GLY A 1 161 ? 15.955  -8.047  -6.433  1.00 83.27  ? 161 GLY A N   1 
ATOM   1013 C CA  . GLY A 1 161 ? 16.679  -7.497  -7.569  1.00 82.62  ? 161 GLY A CA  1 
ATOM   1014 C C   . GLY A 1 161 ? 15.893  -7.681  -8.847  1.00 82.63  ? 161 GLY A C   1 
ATOM   1015 O O   . GLY A 1 161 ? 15.535  -6.703  -9.500  1.00 83.04  ? 161 GLY A O   1 
ATOM   1016 N N   . VAL A 1 162 ? 15.634  -8.943  -9.194  1.00 81.55  ? 162 VAL A N   1 
ATOM   1017 C CA  . VAL A 1 162 ? 14.807  -9.289  -10.345 1.00 79.86  ? 162 VAL A CA  1 
ATOM   1018 C C   . VAL A 1 162 ? 13.403  -8.770  -10.097 1.00 79.23  ? 162 VAL A C   1 
ATOM   1019 O O   . VAL A 1 162 ? 12.817  -8.101  -10.955 1.00 79.94  ? 162 VAL A O   1 
ATOM   1020 C CB  . VAL A 1 162 ? 14.741  -10.814 -10.583 1.00 79.11  ? 162 VAL A CB  1 
ATOM   1021 C CG1 . VAL A 1 162 ? 13.725  -11.134 -11.650 1.00 78.88  ? 162 VAL A CG1 1 
ATOM   1022 C CG2 . VAL A 1 162 ? 16.093  -11.360 -10.990 1.00 78.71  ? 162 VAL A CG2 1 
ATOM   1023 N N   . ALA A 1 163 ? 12.876  -9.069  -8.911  1.00 77.52  ? 163 ALA A N   1 
ATOM   1024 C CA  . ALA A 1 163 ? 11.505  -8.675  -8.569  1.00 75.98  ? 163 ALA A CA  1 
ATOM   1025 C C   . ALA A 1 163 ? 11.330  -7.196  -8.230  1.00 75.08  ? 163 ALA A C   1 
ATOM   1026 O O   . ALA A 1 163 ? 10.229  -6.675  -8.344  1.00 74.03  ? 163 ALA A O   1 
ATOM   1027 C CB  . ALA A 1 163 ? 10.950  -9.547  -7.474  1.00 75.36  ? 163 ALA A CB  1 
ATOM   1028 N N   . LYS A 1 164 ? 12.407  -6.527  -7.811  1.00 74.59  ? 164 LYS A N   1 
ATOM   1029 C CA  . LYS A 1 164 ? 12.404  -5.067  -7.659  1.00 73.53  ? 164 LYS A CA  1 
ATOM   1030 C C   . LYS A 1 164 ? 12.364  -4.422  -9.033  1.00 72.08  ? 164 LYS A C   1 
ATOM   1031 O O   . LYS A 1 164 ? 11.755  -3.365  -9.216  1.00 72.84  ? 164 LYS A O   1 
ATOM   1032 C CB  . LYS A 1 164 ? 13.663  -4.588  -6.940  1.00 74.30  ? 164 LYS A CB  1 
ATOM   1033 C CG  . LYS A 1 164 ? 13.559  -4.509  -5.434  1.00 75.52  ? 164 LYS A CG  1 
ATOM   1034 C CD  . LYS A 1 164 ? 14.901  -4.094  -4.833  1.00 76.93  ? 164 LYS A CD  1 
ATOM   1035 C CE  . LYS A 1 164 ? 15.854  -5.283  -4.698  1.00 78.05  ? 164 LYS A CE  1 
ATOM   1036 N NZ  . LYS A 1 164 ? 17.294  -4.909  -4.818  1.00 78.02  ? 164 LYS A NZ  1 
ATOM   1037 N N   . ALA A 1 165 ? 13.031  -5.074  -9.989  1.00 69.25  ? 165 ALA A N   1 
ATOM   1038 C CA  . ALA A 1 165 ? 13.156  -4.569  -11.360 1.00 66.28  ? 165 ALA A CA  1 
ATOM   1039 C C   . ALA A 1 165 ? 11.873  -4.736  -12.168 1.00 64.39  ? 165 ALA A C   1 
ATOM   1040 O O   . ALA A 1 165 ? 11.465  -3.814  -12.896 1.00 64.11  ? 165 ALA A O   1 
ATOM   1041 C CB  . ALA A 1 165 ? 14.339  -5.226  -12.078 1.00 66.27  ? 165 ALA A CB  1 
ATOM   1042 N N   . SER A 1 166 ? 11.250  -5.910  -12.042 1.00 62.00  ? 166 SER A N   1 
ATOM   1043 C CA  . SER A 1 166 ? 9.961   -6.154  -12.690 1.00 60.57  ? 166 SER A CA  1 
ATOM   1044 C C   . SER A 1 166 ? 8.955   -5.143  -12.150 1.00 59.00  ? 166 SER A C   1 
ATOM   1045 O O   . SER A 1 166 ? 8.380   -4.323  -12.882 1.00 58.72  ? 166 SER A O   1 
ATOM   1046 C CB  . SER A 1 166 ? 9.469   -7.585  -12.422 1.00 60.28  ? 166 SER A CB  1 
ATOM   1047 O OG  . SER A 1 166 ? 8.900   -7.710  -11.126 1.00 60.54  ? 166 SER A OG  1 
ATOM   1048 N N   . LEU A 1 167 ? 8.780   -5.188  -10.841 1.00 57.35  ? 167 LEU A N   1 
ATOM   1049 C CA  . LEU A 1 167 ? 7.785   -4.382  -10.216 1.00 55.18  ? 167 LEU A CA  1 
ATOM   1050 C C   . LEU A 1 167 ? 8.004   -2.941  -10.616 1.00 54.28  ? 167 LEU A C   1 
ATOM   1051 O O   . LEU A 1 167 ? 7.035   -2.200  -10.725 1.00 52.94  ? 167 LEU A O   1 
ATOM   1052 C CB  . LEU A 1 167 ? 7.857   -4.548  -8.709  1.00 54.58  ? 167 LEU A CB  1 
ATOM   1053 C CG  . LEU A 1 167 ? 6.753   -3.829  -7.960  1.00 53.49  ? 167 LEU A CG  1 
ATOM   1054 C CD1 . LEU A 1 167 ? 5.411   -4.524  -8.169  1.00 52.37  ? 167 LEU A CD1 1 
ATOM   1055 C CD2 . LEU A 1 167 ? 7.118   -3.751  -6.481  1.00 53.61  ? 167 LEU A CD2 1 
ATOM   1056 N N   . GLU A 1 168 ? 9.269   -2.557  -10.833 1.00 54.78  ? 168 GLU A N   1 
ATOM   1057 C CA  . GLU A 1 168 ? 9.613   -1.179  -11.189 1.00 55.10  ? 168 GLU A CA  1 
ATOM   1058 C C   . GLU A 1 168 ? 9.025   -0.871  -12.547 1.00 53.77  ? 168 GLU A C   1 
ATOM   1059 O O   . GLU A 1 168 ? 8.375   0.160   -12.735 1.00 52.31  ? 168 GLU A O   1 
ATOM   1060 C CB  . GLU A 1 168 ? 11.127  -0.934  -11.210 1.00 57.55  ? 168 GLU A CB  1 
ATOM   1061 C CG  . GLU A 1 168 ? 11.537  0.178   -12.214 1.00 61.77  ? 168 GLU A CG  1 
ATOM   1062 C CD  . GLU A 1 168 ? 12.996  0.617   -12.101 1.00 65.04  ? 168 GLU A CD  1 
ATOM   1063 O OE1 . GLU A 1 168 ? 13.753  0.029   -11.293 1.00 65.03  ? 168 GLU A OE1 1 
ATOM   1064 O OE2 . GLU A 1 168 ? 13.389  1.554   -12.842 1.00 67.30  ? 168 GLU A OE2 1 
ATOM   1065 N N   . ALA A 1 169 ? 9.259   -1.781  -13.487 1.00 52.80  ? 169 ALA A N   1 
ATOM   1066 C CA  . ALA A 1 169 ? 8.764   -1.632  -14.842 1.00 52.25  ? 169 ALA A CA  1 
ATOM   1067 C C   . ALA A 1 169 ? 7.259   -1.730  -14.828 1.00 52.61  ? 169 ALA A C   1 
ATOM   1068 O O   . ALA A 1 169 ? 6.606   -0.887  -15.421 1.00 53.05  ? 169 ALA A O   1 
ATOM   1069 C CB  . ALA A 1 169 ? 9.372   -2.690  -15.770 1.00 51.84  ? 169 ALA A CB  1 
ATOM   1070 N N   . SER A 1 170 ? 6.707   -2.730  -14.132 1.00 53.05  ? 170 SER A N   1 
ATOM   1071 C CA  . SER A 1 170 ? 5.241   -2.898  -14.001 1.00 53.09  ? 170 SER A CA  1 
ATOM   1072 C C   . SER A 1 170 ? 4.508   -1.591  -13.656 1.00 53.65  ? 170 SER A C   1 
ATOM   1073 O O   . SER A 1 170 ? 3.545   -1.226  -14.321 1.00 53.66  ? 170 SER A O   1 
ATOM   1074 C CB  . SER A 1 170 ? 4.909   -3.989  -12.990 1.00 52.95  ? 170 SER A CB  1 
ATOM   1075 O OG  . SER A 1 170 ? 5.635   -5.177  -13.295 1.00 53.05  ? 170 SER A OG  1 
ATOM   1076 N N   . VAL A 1 171 ? 4.990   -0.881  -12.642 1.00 54.31  ? 171 VAL A N   1 
ATOM   1077 C CA  . VAL A 1 171 ? 4.508   0.466   -12.335 1.00 55.64  ? 171 VAL A CA  1 
ATOM   1078 C C   . VAL A 1 171 ? 4.585   1.386   -13.566 1.00 56.81  ? 171 VAL A C   1 
ATOM   1079 O O   . VAL A 1 171 ? 3.573   1.931   -14.009 1.00 56.61  ? 171 VAL A O   1 
ATOM   1080 C CB  . VAL A 1 171 ? 5.287   1.102   -11.123 1.00 55.58  ? 171 VAL A CB  1 
ATOM   1081 C CG1 . VAL A 1 171 ? 4.903   2.601   -10.881 1.00 53.91  ? 171 VAL A CG1 1 
ATOM   1082 C CG2 . VAL A 1 171 ? 5.085   0.287   -9.887  1.00 55.10  ? 171 VAL A CG2 1 
ATOM   1083 N N   . LYS A 1 172 ? 5.783   1.558   -14.115 1.00 58.40  ? 172 LYS A N   1 
ATOM   1084 C CA  . LYS A 1 172 ? 5.997   2.543   -15.173 1.00 60.47  ? 172 LYS A CA  1 
ATOM   1085 C C   . LYS A 1 172 ? 4.923   2.305   -16.215 1.00 60.59  ? 172 LYS A C   1 
ATOM   1086 O O   . LYS A 1 172 ? 4.314   3.221   -16.774 1.00 60.58  ? 172 LYS A O   1 
ATOM   1087 C CB  . LYS A 1 172 ? 7.403   2.398   -15.790 1.00 61.33  ? 172 LYS A CB  1 
ATOM   1088 C CG  . LYS A 1 172 ? 8.557   2.245   -14.782 1.00 62.57  ? 172 LYS A CG  1 
ATOM   1089 C CD  . LYS A 1 172 ? 9.880   2.783   -15.308 1.00 64.03  ? 172 LYS A CD  1 
ATOM   1090 C CE  . LYS A 1 172 ? 10.517  1.859   -16.327 1.00 65.25  ? 172 LYS A CE  1 
ATOM   1091 N NZ  . LYS A 1 172 ? 11.817  2.406   -16.797 1.00 65.59  ? 172 LYS A NZ  1 
ATOM   1092 N N   . TYR A 1 173 ? 4.650   1.027   -16.388 1.00 61.33  ? 173 TYR A N   1 
ATOM   1093 C CA  . TYR A 1 173 ? 3.938   0.543   -17.534 1.00 63.41  ? 173 TYR A CA  1 
ATOM   1094 C C   . TYR A 1 173 ? 2.444   0.595   -17.277 1.00 61.78  ? 173 TYR A C   1 
ATOM   1095 O O   . TYR A 1 173 ? 1.642   0.810   -18.180 1.00 61.98  ? 173 TYR A O   1 
ATOM   1096 C CB  . TYR A 1 173 ? 4.489   -0.843  -17.890 1.00 67.00  ? 173 TYR A CB  1 
ATOM   1097 C CG  . TYR A 1 173 ? 5.980   -0.830  -18.331 1.00 72.77  ? 173 TYR A CG  1 
ATOM   1098 C CD1 . TYR A 1 173 ? 6.726   -2.012  -18.431 1.00 73.48  ? 173 TYR A CD1 1 
ATOM   1099 C CD2 . TYR A 1 173 ? 6.642   0.378   -18.631 1.00 74.50  ? 173 TYR A CD2 1 
ATOM   1100 C CE1 . TYR A 1 173 ? 8.071   -1.985  -18.838 1.00 74.07  ? 173 TYR A CE1 1 
ATOM   1101 C CE2 . TYR A 1 173 ? 7.983   0.405   -19.019 1.00 75.17  ? 173 TYR A CE2 1 
ATOM   1102 C CZ  . TYR A 1 173 ? 8.681   -0.772  -19.118 1.00 74.96  ? 173 TYR A CZ  1 
ATOM   1103 O OH  . TYR A 1 173 ? 9.995   -0.726  -19.495 1.00 77.27  ? 173 TYR A OH  1 
ATOM   1104 N N   . LEU A 1 174 ? 2.103   0.455   -16.007 1.00 59.87  ? 174 LEU A N   1 
ATOM   1105 C CA  . LEU A 1 174 ? 0.754   0.594   -15.561 1.00 57.40  ? 174 LEU A CA  1 
ATOM   1106 C C   . LEU A 1 174 ? 0.429   2.039   -15.414 1.00 57.01  ? 174 LEU A C   1 
ATOM   1107 O O   . LEU A 1 174 ? -0.724  2.415   -15.540 1.00 56.96  ? 174 LEU A O   1 
ATOM   1108 C CB  . LEU A 1 174 ? 0.563   -0.076  -14.221 1.00 55.19  ? 174 LEU A CB  1 
ATOM   1109 C CG  . LEU A 1 174 ? 0.183   -1.511  -14.511 1.00 54.22  ? 174 LEU A CG  1 
ATOM   1110 C CD1 . LEU A 1 174 ? 0.803   -2.389  -13.469 1.00 53.78  ? 174 LEU A CD1 1 
ATOM   1111 C CD2 . LEU A 1 174 ? -1.356  -1.668  -14.557 1.00 54.07  ? 174 LEU A CD2 1 
ATOM   1112 N N   . ALA A 1 175 ? 1.438   2.854   -15.123 1.00 57.65  ? 175 ALA A N   1 
ATOM   1113 C CA  . ALA A 1 175 ? 1.220   4.277   -14.911 1.00 57.46  ? 175 ALA A CA  1 
ATOM   1114 C C   . ALA A 1 175 ? 0.630   4.837   -16.176 1.00 56.82  ? 175 ALA A C   1 
ATOM   1115 O O   . ALA A 1 175 ? -0.385  5.536   -16.161 1.00 57.02  ? 175 ALA A O   1 
ATOM   1116 C CB  . ALA A 1 175 ? 2.518   4.961   -14.595 1.00 56.22  ? 175 ALA A CB  1 
ATOM   1117 N N   . ASN A 1 176 ? 1.267   4.457   -17.271 1.00 56.66  ? 176 ASN A N   1 
ATOM   1118 C CA  . ASN A 1 176 ? 0.984   4.986   -18.579 1.00 56.93  ? 176 ASN A CA  1 
ATOM   1119 C C   . ASN A 1 176 ? -0.222  4.319   -19.254 1.00 57.46  ? 176 ASN A C   1 
ATOM   1120 O O   . ASN A 1 176 ? -0.894  4.955   -20.069 1.00 56.44  ? 176 ASN A O   1 
ATOM   1121 C CB  . ASN A 1 176 ? 2.238   4.850   -19.434 1.00 56.77  ? 176 ASN A CB  1 
ATOM   1122 C CG  . ASN A 1 176 ? 2.003   5.230   -20.876 1.00 56.84  ? 176 ASN A CG  1 
ATOM   1123 O OD1 . ASN A 1 176 ? 1.425   6.293   -21.177 1.00 58.88  ? 176 ASN A OD1 1 
ATOM   1124 N ND2 . ASN A 1 176 ? 2.453   4.357   -21.792 1.00 55.44  ? 176 ASN A ND2 1 
ATOM   1125 N N   . ASP A 1 177 ? -0.490  3.059   -18.917 1.00 58.72  ? 177 ASP A N   1 
ATOM   1126 C CA  . ASP A 1 177 ? -1.677  2.341   -19.413 1.00 60.62  ? 177 ASP A CA  1 
ATOM   1127 C C   . ASP A 1 177 ? -2.999  2.765   -18.741 1.00 62.23  ? 177 ASP A C   1 
ATOM   1128 O O   . ASP A 1 177 ? -4.071  2.562   -19.313 1.00 62.06  ? 177 ASP A O   1 
ATOM   1129 C CB  . ASP A 1 177 ? -1.467  0.820   -19.285 1.00 62.04  ? 177 ASP A CB  1 
ATOM   1130 C CG  . ASP A 1 177 ? -2.760  0.005   -19.469 1.00 63.54  ? 177 ASP A CG  1 
ATOM   1131 O OD1 . ASP A 1 177 ? -3.218  -0.624  -18.473 1.00 63.72  ? 177 ASP A OD1 1 
ATOM   1132 O OD2 . ASP A 1 177 ? -3.295  -0.011  -20.610 1.00 63.25  ? 177 ASP A OD2 1 
ATOM   1133 N N   . LEU A 1 178 ? -2.922  3.345   -17.542 1.00 63.64  ? 178 LEU A N   1 
ATOM   1134 C CA  . LEU A 1 178 ? -4.117  3.734   -16.779 1.00 65.11  ? 178 LEU A CA  1 
ATOM   1135 C C   . LEU A 1 178 ? -4.159  5.218   -16.449 1.00 66.40  ? 178 LEU A C   1 
ATOM   1136 O O   . LEU A 1 178 ? -4.928  5.652   -15.596 1.00 66.92  ? 178 LEU A O   1 
ATOM   1137 C CB  . LEU A 1 178 ? -4.231  2.928   -15.478 1.00 63.59  ? 178 LEU A CB  1 
ATOM   1138 C CG  . LEU A 1 178 ? -3.941  1.424   -15.426 1.00 63.56  ? 178 LEU A CG  1 
ATOM   1139 C CD1 . LEU A 1 178 ? -3.805  1.021   -13.977 1.00 64.15  ? 178 LEU A CD1 1 
ATOM   1140 C CD2 . LEU A 1 178 ? -5.000  0.574   -16.108 1.00 61.43  ? 178 LEU A CD2 1 
ATOM   1141 N N   . GLY A 1 179 ? -3.332  5.999   -17.126 1.00 68.90  ? 179 GLY A N   1 
ATOM   1142 C CA  . GLY A 1 179 ? -3.276  7.425   -16.874 1.00 72.52  ? 179 GLY A CA  1 
ATOM   1143 C C   . GLY A 1 179 ? -4.564  8.136   -17.228 1.00 75.18  ? 179 GLY A C   1 
ATOM   1144 O O   . GLY A 1 179 ? -5.164  8.796   -16.385 1.00 75.93  ? 179 GLY A O   1 
ATOM   1145 N N   . GLN A 1 180 ? -5.002  7.966   -18.472 1.00 77.43  ? 180 GLN A N   1 
ATOM   1146 C CA  . GLN A 1 180 ? -6.090  8.768   -19.057 1.00 79.49  ? 180 GLN A CA  1 
ATOM   1147 C C   . GLN A 1 180 ? -7.472  8.594   -18.416 1.00 79.34  ? 180 GLN A C   1 
ATOM   1148 O O   . GLN A 1 180 ? -8.383  9.396   -18.645 1.00 80.36  ? 180 GLN A O   1 
ATOM   1149 C CB  . GLN A 1 180 ? -6.170  8.552   -20.579 1.00 80.91  ? 180 GLN A CB  1 
ATOM   1150 C CG  . GLN A 1 180 ? -6.821  7.239   -21.046 1.00 82.98  ? 180 GLN A CG  1 
ATOM   1151 C CD  . GLN A 1 180 ? -5.846  6.073   -21.141 1.00 83.88  ? 180 GLN A CD  1 
ATOM   1152 O OE1 . GLN A 1 180 ? -5.401  5.532   -20.126 1.00 83.97  ? 180 GLN A OE1 1 
ATOM   1153 N NE2 . GLN A 1 180 ? -5.527  5.668   -22.370 1.00 83.31  ? 180 GLN A NE2 1 
ATOM   1154 N N   . HIS A 1 181 ? -7.624  7.541   -17.625 1.00 78.44  ? 181 HIS A N   1 
ATOM   1155 C CA  . HIS A 1 181 ? -8.855  7.316   -16.892 1.00 77.63  ? 181 HIS A CA  1 
ATOM   1156 C C   . HIS A 1 181 ? -8.805  8.016   -15.520 1.00 75.67  ? 181 HIS A C   1 
ATOM   1157 O O   . HIS A 1 181 ? -9.782  7.985   -14.761 1.00 75.93  ? 181 HIS A O   1 
ATOM   1158 C CB  . HIS A 1 181 ? -9.132  5.807   -16.748 1.00 80.28  ? 181 HIS A CB  1 
ATOM   1159 C CG  . HIS A 1 181 ? -9.352  5.085   -18.054 1.00 83.67  ? 181 HIS A CG  1 
ATOM   1160 N ND1 . HIS A 1 181 ? -8.487  4.117   -18.528 1.00 84.36  ? 181 HIS A ND1 1 
ATOM   1161 C CD2 . HIS A 1 181 ? -10.350 5.174   -18.970 1.00 84.42  ? 181 HIS A CD2 1 
ATOM   1162 C CE1 . HIS A 1 181 ? -8.934  3.652   -19.680 1.00 84.42  ? 181 HIS A CE1 1 
ATOM   1163 N NE2 . HIS A 1 181 ? -10.062 4.276   -19.972 1.00 85.21  ? 181 HIS A NE2 1 
ATOM   1164 N N   . GLY A 1 182 ? -7.669  8.651   -15.215 1.00 72.69  ? 182 GLY A N   1 
ATOM   1165 C CA  . GLY A 1 182 ? -7.480  9.390   -13.965 1.00 68.06  ? 182 GLY A CA  1 
ATOM   1166 C C   . GLY A 1 182 ? -6.770  8.609   -12.872 1.00 65.61  ? 182 GLY A C   1 
ATOM   1167 O O   . GLY A 1 182 ? -6.664  9.071   -11.741 1.00 66.01  ? 182 GLY A O   1 
ATOM   1168 N N   . ILE A 1 183 ? -6.286  7.420   -13.207 1.00 63.21  ? 183 ILE A N   1 
ATOM   1169 C CA  . ILE A 1 183 ? -5.550  6.591   -12.249 1.00 61.01  ? 183 ILE A CA  1 
ATOM   1170 C C   . ILE A 1 183 ? -4.045  6.900   -12.243 1.00 58.99  ? 183 ILE A C   1 
ATOM   1171 O O   . ILE A 1 183 ? -3.351  6.785   -13.292 1.00 58.73  ? 183 ILE A O   1 
ATOM   1172 C CB  . ILE A 1 183 ? -5.709  5.086   -12.542 1.00 62.46  ? 183 ILE A CB  1 
ATOM   1173 C CG1 . ILE A 1 183 ? -7.163  4.639   -12.358 1.00 63.45  ? 183 ILE A CG1 1 
ATOM   1174 C CG2 . ILE A 1 183 ? -4.739  4.276   -11.693 1.00 62.43  ? 183 ILE A CG2 1 
ATOM   1175 C CD1 . ILE A 1 183 ? -7.823  5.192   -11.107 1.00 67.46  ? 183 ILE A CD1 1 
ATOM   1176 N N   . ARG A 1 184 ? -3.527  7.281   -11.074 1.00 56.55  ? 184 ARG A N   1 
ATOM   1177 C CA  . ARG A 1 184 ? -2.092  7.435   -10.905 1.00 52.31  ? 184 ARG A CA  1 
ATOM   1178 C C   . ARG A 1 184 ? -1.562  6.145   -10.299 1.00 51.35  ? 184 ARG A C   1 
ATOM   1179 O O   . ARG A 1 184 ? -2.223  5.517   -9.454  1.00 51.38  ? 184 ARG A O   1 
ATOM   1180 C CB  . ARG A 1 184 ? -1.805  8.644   -10.030 1.00 51.72  ? 184 ARG A CB  1 
ATOM   1181 C CG  . ARG A 1 184 ? -2.478  9.892   -10.596 1.00 51.91  ? 184 ARG A CG  1 
ATOM   1182 C CD  . ARG A 1 184 ? -2.166  11.165  -9.828  1.00 53.23  ? 184 ARG A CD  1 
ATOM   1183 N NE  . ARG A 1 184 ? -3.202  11.447  -8.835  1.00 53.51  ? 184 ARG A NE  1 
ATOM   1184 C CZ  . ARG A 1 184 ? -3.136  11.135  -7.538  1.00 53.24  ? 184 ARG A CZ  1 
ATOM   1185 N NH1 . ARG A 1 184 ? -2.054  10.525  -7.039  1.00 50.83  ? 184 ARG A NH1 1 
ATOM   1186 N NH2 . ARG A 1 184 ? -4.173  11.431  -6.743  1.00 53.23  ? 184 ARG A NH2 1 
ATOM   1187 N N   . VAL A 1 185 ? -0.395  5.718   -10.768 1.00 49.40  ? 185 VAL A N   1 
ATOM   1188 C CA  . VAL A 1 185 ? 0.325   4.630   -10.107 1.00 46.13  ? 185 VAL A CA  1 
ATOM   1189 C C   . VAL A 1 185 ? 1.655   5.160   -9.615  1.00 45.97  ? 185 VAL A C   1 
ATOM   1190 O O   . VAL A 1 185 ? 2.331   5.904   -10.322 1.00 46.16  ? 185 VAL A O   1 
ATOM   1191 C CB  . VAL A 1 185 ? 0.557   3.400   -11.005 1.00 44.65  ? 185 VAL A CB  1 
ATOM   1192 C CG1 . VAL A 1 185 ? 1.004   2.209   -10.138 1.00 43.53  ? 185 VAL A CG1 1 
ATOM   1193 C CG2 . VAL A 1 185 ? -0.724  3.064   -11.832 1.00 42.93  ? 185 VAL A CG2 1 
ATOM   1194 N N   . ASN A 1 186 ? 2.007   4.767   -8.392  1.00 44.38  ? 186 ASN A N   1 
ATOM   1195 C CA  . ASN A 1 186 ? 3.136   5.316   -7.666  1.00 43.16  ? 186 ASN A CA  1 
ATOM   1196 C C   . ASN A 1 186 ? 3.656   4.284   -6.678  1.00 43.35  ? 186 ASN A C   1 
ATOM   1197 O O   . ASN A 1 186 ? 2.887   3.483   -6.143  1.00 45.36  ? 186 ASN A O   1 
ATOM   1198 C CB  . ASN A 1 186 ? 2.666   6.549   -6.920  1.00 41.44  ? 186 ASN A CB  1 
ATOM   1199 C CG  . ASN A 1 186 ? 2.401   7.728   -7.850  1.00 41.96  ? 186 ASN A CG  1 
ATOM   1200 O OD1 . ASN A 1 186 ? 3.271   8.128   -8.651  1.00 40.01  ? 186 ASN A OD1 1 
ATOM   1201 N ND2 . ASN A 1 186 ? 1.188   8.291   -7.762  1.00 43.31  ? 186 ASN A ND2 1 
ATOM   1202 N N   . ALA A 1 187 ? 4.955   4.284   -6.427  1.00 42.70  ? 187 ALA A N   1 
ATOM   1203 C CA  . ALA A 1 187 ? 5.524   3.322   -5.494  1.00 44.38  ? 187 ALA A CA  1 
ATOM   1204 C C   . ALA A 1 187 ? 6.110   4.013   -4.270  1.00 46.99  ? 187 ALA A C   1 
ATOM   1205 O O   . ALA A 1 187 ? 6.365   5.226   -4.301  1.00 47.86  ? 187 ALA A O   1 
ATOM   1206 C CB  . ALA A 1 187 ? 6.580   2.531   -6.178  1.00 45.99  ? 187 ALA A CB  1 
ATOM   1207 N N   . ILE A 1 188 ? 6.300   3.268   -3.182  1.00 48.10  ? 188 ILE A N   1 
ATOM   1208 C CA  . ILE A 1 188 ? 7.110   3.782   -2.088  1.00 49.65  ? 188 ILE A CA  1 
ATOM   1209 C C   . ILE A 1 188 ? 8.247   2.827   -1.810  1.00 51.88  ? 188 ILE A C   1 
ATOM   1210 O O   . ILE A 1 188 ? 8.028   1.708   -1.310  1.00 51.37  ? 188 ILE A O   1 
ATOM   1211 C CB  . ILE A 1 188 ? 6.350   3.948   -0.774  1.00 49.09  ? 188 ILE A CB  1 
ATOM   1212 C CG1 . ILE A 1 188 ? 5.238   4.989   -0.886  1.00 46.35  ? 188 ILE A CG1 1 
ATOM   1213 C CG2 . ILE A 1 188 ? 7.351   4.341   0.344   1.00 49.98  ? 188 ILE A CG2 1 
ATOM   1214 C CD1 . ILE A 1 188 ? 4.403   5.104   0.407   1.00 45.26  ? 188 ILE A CD1 1 
ATOM   1215 N N   . SER A 1 189 ? 9.462   3.245   -2.120  1.00 55.37  ? 189 SER A N   1 
ATOM   1216 C CA  . SER A 1 189 ? 10.598  2.456   -1.723  1.00 58.35  ? 189 SER A CA  1 
ATOM   1217 C C   . SER A 1 189 ? 10.885  2.805   -0.277  1.00 59.56  ? 189 SER A C   1 
ATOM   1218 O O   . SER A 1 189 ? 11.430  3.859   0.036   1.00 60.51  ? 189 SER A O   1 
ATOM   1219 C CB  . SER A 1 189 ? 11.773  2.712   -2.648  1.00 57.06  ? 189 SER A CB  1 
ATOM   1220 O OG  . SER A 1 189 ? 11.390  2.398   -3.981  1.00 58.04  ? 189 SER A OG  1 
ATOM   1221 N N   . ALA A 1 190 ? 10.456  1.913   0.602   1.00 59.74  ? 190 ALA A N   1 
ATOM   1222 C CA  . ALA A 1 190 ? 10.544  2.110   2.042   1.00 60.10  ? 190 ALA A CA  1 
ATOM   1223 C C   . ALA A 1 190 ? 11.741  1.386   2.686   1.00 61.10  ? 190 ALA A C   1 
ATOM   1224 O O   . ALA A 1 190 ? 11.899  0.165   2.523   1.00 60.80  ? 190 ALA A O   1 
ATOM   1225 C CB  . ALA A 1 190 ? 9.232   1.658   2.701   1.00 60.54  ? 190 ALA A CB  1 
ATOM   1226 N N   . GLY A 1 191 ? 12.561  2.135   3.432   1.00 61.89  ? 191 GLY A N   1 
ATOM   1227 C CA  . GLY A 1 191 ? 13.740  1.582   4.123   1.00 63.54  ? 191 GLY A CA  1 
ATOM   1228 C C   . GLY A 1 191 ? 13.413  0.941   5.465   1.00 64.61  ? 191 GLY A C   1 
ATOM   1229 O O   . GLY A 1 191 ? 12.332  1.159   6.000   1.00 64.89  ? 191 GLY A O   1 
ATOM   1230 N N   . PRO A 1 192 ? 14.362  0.171   6.040   1.00 66.82  ? 192 PRO A N   1 
ATOM   1231 C CA  . PRO A 1 192 ? 14.100  -0.663  7.218   1.00 68.47  ? 192 PRO A CA  1 
ATOM   1232 C C   . PRO A 1 192 ? 13.445  0.064   8.386   1.00 71.44  ? 192 PRO A C   1 
ATOM   1233 O O   . PRO A 1 192 ? 13.735  1.241   8.628   1.00 71.40  ? 192 PRO A O   1 
ATOM   1234 C CB  . PRO A 1 192 ? 15.499  -1.159  7.614   1.00 67.10  ? 192 PRO A CB  1 
ATOM   1235 C CG  . PRO A 1 192 ? 16.266  -1.157  6.354   1.00 66.08  ? 192 PRO A CG  1 
ATOM   1236 C CD  . PRO A 1 192 ? 15.786  0.105   5.656   1.00 67.14  ? 192 PRO A CD  1 
ATOM   1237 N N   . ILE A 1 193 ? 12.571  -0.634  9.105   1.00 76.55  ? 193 ILE A N   1 
ATOM   1238 C CA  . ILE A 1 193 ? 11.880  -0.050  10.248  1.00 80.69  ? 193 ILE A CA  1 
ATOM   1239 C C   . ILE A 1 193 ? 12.088  -0.889  11.505  1.00 83.99  ? 193 ILE A C   1 
ATOM   1240 O O   . ILE A 1 193 ? 12.281  -2.103  11.427  1.00 84.92  ? 193 ILE A O   1 
ATOM   1241 C CB  . ILE A 1 193 ? 10.369  0.092   9.982   1.00 79.03  ? 193 ILE A CB  1 
ATOM   1242 C CG1 . ILE A 1 193 ? 10.118  0.455   8.518   1.00 78.79  ? 193 ILE A CG1 1 
ATOM   1243 C CG2 . ILE A 1 193 ? 9.762   1.134   10.908  1.00 78.82  ? 193 ILE A CG2 1 
ATOM   1244 C CD1 . ILE A 1 193 ? 9.295   1.712   8.334   1.00 78.37  ? 193 ILE A CD1 1 
ATOM   1245 N N   . ARG A 1 194 ? 12.049  -0.235  12.660  1.00 87.56  ? 194 ARG A N   1 
ATOM   1246 C CA  . ARG A 1 194 ? 12.233  -0.920  13.935  1.00 91.82  ? 194 ARG A CA  1 
ATOM   1247 C C   . ARG A 1 194 ? 11.744  -2.362  13.860  1.00 92.92  ? 194 ARG A C   1 
ATOM   1248 O O   . ARG A 1 194 ? 10.737  -2.654  13.216  1.00 92.60  ? 194 ARG A O   1 
ATOM   1249 C CB  . ARG A 1 194 ? 11.504  -0.175  15.054  1.00 93.94  ? 194 ARG A CB  1 
ATOM   1250 C CG  . ARG A 1 194 ? 9.993   -0.134  14.890  1.00 96.62  ? 194 ARG A CG  1 
ATOM   1251 C CD  . ARG A 1 194 ? 9.387   1.042   15.639  1.00 99.88  ? 194 ARG A CD  1 
ATOM   1252 N NE  . ARG A 1 194 ? 10.139  2.275   15.421  1.00 102.77 ? 194 ARG A NE  1 
ATOM   1253 C CZ  . ARG A 1 194 ? 10.504  3.108   16.390  1.00 104.12 ? 194 ARG A CZ  1 
ATOM   1254 N NH1 . ARG A 1 194 ? 10.186  2.843   17.650  1.00 104.59 ? 194 ARG A NH1 1 
ATOM   1255 N NH2 . ARG A 1 194 ? 11.186  4.207   16.099  1.00 105.13 ? 194 ARG A NH2 1 
ATOM   1256 N N   . THR A 1 195 ? 12.465  -3.261  14.523  1.00 95.35  ? 195 THR A N   1 
ATOM   1257 C CA  . THR A 1 195 ? 12.107  -4.674  14.532  1.00 98.63  ? 195 THR A CA  1 
ATOM   1258 C C   . THR A 1 195 ? 10.647  -4.875  14.142  1.00 100.77 ? 195 THR A C   1 
ATOM   1259 O O   . THR A 1 195 ? 9.754   -4.822  14.989  1.00 101.22 ? 195 THR A O   1 
ATOM   1260 C CB  . THR A 1 195 ? 12.351  -5.309  15.914  1.00 97.80  ? 195 THR A CB  1 
ATOM   1261 O OG1 . THR A 1 195 ? 11.858  -6.655  15.919  1.00 97.65  ? 195 THR A OG1 1 
ATOM   1262 C CG2 . THR A 1 195 ? 11.644  -4.512  16.999  1.00 97.54  ? 195 THR A CG2 1 
ATOM   1263 N N   . LEU A 1 196 ? 10.409  -5.107  12.856  1.00 102.67 ? 196 LEU A N   1 
ATOM   1264 C CA  . LEU A 1 196 ? 9.057   -5.316  12.350  1.00 104.56 ? 196 LEU A CA  1 
ATOM   1265 C C   . LEU A 1 196 ? 8.710   -6.801  12.301  1.00 106.27 ? 196 LEU A C   1 
ATOM   1266 O O   . LEU A 1 196 ? 9.594   -7.651  12.190  1.00 107.34 ? 196 LEU A O   1 
ATOM   1267 C CB  . LEU A 1 196 ? 8.900   -4.693  10.962  1.00 104.16 ? 196 LEU A CB  1 
ATOM   1268 C CG  . LEU A 1 196 ? 7.518   -4.134  10.621  1.00 102.94 ? 196 LEU A CG  1 
ATOM   1269 C CD1 . LEU A 1 196 ? 7.091   -4.568  9.227   1.00 102.92 ? 196 LEU A CD1 1 
ATOM   1270 C CD2 . LEU A 1 196 ? 6.492   -4.567  11.659  1.00 101.20 ? 196 LEU A CD2 1 
ATOM   1271 N N   . ASP A 1 203 ? 23.449  -9.955  10.993  1.00 112.75 ? 203 ASP A N   1 
ATOM   1272 C CA  . ASP A 1 203 ? 23.089  -9.619  12.371  1.00 113.10 ? 203 ASP A CA  1 
ATOM   1273 C C   . ASP A 1 203 ? 21.782  -8.820  12.475  1.00 112.16 ? 203 ASP A C   1 
ATOM   1274 O O   . ASP A 1 203 ? 21.084  -8.918  13.491  1.00 112.29 ? 203 ASP A O   1 
ATOM   1275 C CB  . ASP A 1 203 ? 24.235  -8.868  13.078  1.00 113.83 ? 203 ASP A CB  1 
ATOM   1276 C CG  . ASP A 1 203 ? 25.365  -9.795  13.545  1.00 114.55 ? 203 ASP A CG  1 
ATOM   1277 O OD1 . ASP A 1 203 ? 25.083  -10.945 13.956  1.00 114.36 ? 203 ASP A OD1 1 
ATOM   1278 O OD2 . ASP A 1 203 ? 26.541  -9.363  13.513  1.00 115.81 ? 203 ASP A OD2 1 
ATOM   1279 N N   . PHE A 1 204 ? 21.458  -8.049  11.428  1.00 110.18 ? 204 PHE A N   1 
ATOM   1280 C CA  . PHE A 1 204 ? 20.299  -7.124  11.389  1.00 108.37 ? 204 PHE A CA  1 
ATOM   1281 C C   . PHE A 1 204 ? 20.556  -5.967  12.357  1.00 106.72 ? 204 PHE A C   1 
ATOM   1282 O O   . PHE A 1 204 ? 20.512  -4.796  11.965  1.00 107.50 ? 204 PHE A O   1 
ATOM   1283 C CB  . PHE A 1 204 ? 18.963  -7.848  11.661  1.00 108.57 ? 204 PHE A CB  1 
ATOM   1284 C CG  . PHE A 1 204 ? 17.793  -7.336  10.840  1.00 108.89 ? 204 PHE A CG  1 
ATOM   1285 C CD1 . PHE A 1 204 ? 17.027  -8.224  10.076  1.00 109.58 ? 204 PHE A CD1 1 
ATOM   1286 C CD2 . PHE A 1 204 ? 17.452  -5.981  10.836  1.00 108.31 ? 204 PHE A CD2 1 
ATOM   1287 C CE1 . PHE A 1 204 ? 15.945  -7.774  9.318   1.00 110.03 ? 204 PHE A CE1 1 
ATOM   1288 C CE2 . PHE A 1 204 ? 16.374  -5.517  10.079  1.00 109.53 ? 204 PHE A CE2 1 
ATOM   1289 C CZ  . PHE A 1 204 ? 15.617  -6.415  9.319   1.00 110.15 ? 204 PHE A CZ  1 
ATOM   1290 N N   . ASN A 1 205 ? 20.813  -6.318  13.619  1.00 104.57 ? 205 ASN A N   1 
ATOM   1291 C CA  . ASN A 1 205 ? 21.233  -5.379  14.659  1.00 101.77 ? 205 ASN A CA  1 
ATOM   1292 C C   . ASN A 1 205 ? 22.258  -4.391  14.091  1.00 99.29  ? 205 ASN A C   1 
ATOM   1293 O O   . ASN A 1 205 ? 22.328  -3.231  14.509  1.00 98.54  ? 205 ASN A O   1 
ATOM   1294 C CB  . ASN A 1 205 ? 21.841  -6.135  15.864  1.00 102.11 ? 205 ASN A CB  1 
ATOM   1295 C CG  . ASN A 1 205 ? 20.996  -7.345  16.320  1.00 102.28 ? 205 ASN A CG  1 
ATOM   1296 O OD1 . ASN A 1 205 ? 19.776  -7.255  16.480  1.00 102.52 ? 205 ASN A OD1 1 
ATOM   1297 N ND2 . ASN A 1 205 ? 21.662  -8.475  16.551  1.00 102.27 ? 205 ASN A ND2 1 
ATOM   1298 N N   . SER A 1 206 ? 23.041  -4.882  13.129  1.00 96.38  ? 206 SER A N   1 
ATOM   1299 C CA  . SER A 1 206 ? 24.044  -4.091  12.419  1.00 92.95  ? 206 SER A CA  1 
ATOM   1300 C C   . SER A 1 206 ? 23.434  -3.154  11.360  1.00 90.22  ? 206 SER A C   1 
ATOM   1301 O O   . SER A 1 206 ? 23.741  -1.957  11.348  1.00 90.18  ? 206 SER A O   1 
ATOM   1302 C CB  . SER A 1 206 ? 25.089  -5.014  11.782  1.00 93.49  ? 206 SER A CB  1 
ATOM   1303 O OG  . SER A 1 206 ? 24.502  -5.799  10.756  1.00 94.00  ? 206 SER A OG  1 
ATOM   1304 N N   . ILE A 1 207 ? 22.581  -3.697  10.486  1.00 86.79  ? 207 ILE A N   1 
ATOM   1305 C CA  . ILE A 1 207 ? 21.935  -2.905  9.431   1.00 83.18  ? 207 ILE A CA  1 
ATOM   1306 C C   . ILE A 1 207 ? 21.273  -1.670  10.020  1.00 82.79  ? 207 ILE A C   1 
ATOM   1307 O O   . ILE A 1 207 ? 21.496  -0.559  9.556   1.00 82.62  ? 207 ILE A O   1 
ATOM   1308 C CB  . ILE A 1 207 ? 20.899  -3.723  8.622   1.00 81.80  ? 207 ILE A CB  1 
ATOM   1309 C CG1 . ILE A 1 207 ? 21.590  -4.861  7.857   1.00 80.99  ? 207 ILE A CG1 1 
ATOM   1310 C CG2 . ILE A 1 207 ? 20.149  -2.828  7.644   1.00 81.16  ? 207 ILE A CG2 1 
ATOM   1311 C CD1 . ILE A 1 207 ? 20.640  -5.827  7.151   1.00 80.27  ? 207 ILE A CD1 1 
ATOM   1312 N N   . LEU A 1 208 ? 20.482  -1.870  11.063  1.00 81.48  ? 208 LEU A N   1 
ATOM   1313 C CA  . LEU A 1 208 ? 19.795  -0.773  11.732  1.00 80.98  ? 208 LEU A CA  1 
ATOM   1314 C C   . LEU A 1 208 ? 20.738  0.354   12.164  1.00 81.89  ? 208 LEU A C   1 
ATOM   1315 O O   . LEU A 1 208 ? 20.485  1.525   11.864  1.00 81.47  ? 208 LEU A O   1 
ATOM   1316 C CB  . LEU A 1 208 ? 18.982  -1.306  12.914  1.00 79.50  ? 208 LEU A CB  1 
ATOM   1317 C CG  . LEU A 1 208 ? 17.714  -2.075  12.517  1.00 78.03  ? 208 LEU A CG  1 
ATOM   1318 C CD1 . LEU A 1 208 ? 17.540  -3.331  13.354  1.00 77.02  ? 208 LEU A CD1 1 
ATOM   1319 C CD2 . LEU A 1 208 ? 16.472  -1.175  12.583  1.00 77.48  ? 208 LEU A CD2 1 
ATOM   1320 N N   . ARG A 1 209 ? 21.817  -0.002  12.860  1.00 83.34  ? 209 ARG A N   1 
ATOM   1321 C CA  . ARG A 1 209 ? 22.837  0.972   13.234  1.00 85.66  ? 209 ARG A CA  1 
ATOM   1322 C C   . ARG A 1 209 ? 23.455  1.631   12.010  1.00 85.47  ? 209 ARG A C   1 
ATOM   1323 O O   . ARG A 1 209 ? 23.581  2.856   11.961  1.00 85.58  ? 209 ARG A O   1 
ATOM   1324 C CB  . ARG A 1 209 ? 23.930  0.331   14.074  1.00 87.70  ? 209 ARG A CB  1 
ATOM   1325 C CG  . ARG A 1 209 ? 23.676  0.432   15.541  1.00 90.22  ? 209 ARG A CG  1 
ATOM   1326 C CD  . ARG A 1 209 ? 24.604  -0.484  16.278  1.00 93.40  ? 209 ARG A CD  1 
ATOM   1327 N NE  . ARG A 1 209 ? 24.040  -0.849  17.572  1.00 96.52  ? 209 ARG A NE  1 
ATOM   1328 C CZ  . ARG A 1 209 ? 24.289  -1.991  18.209  1.00 97.42  ? 209 ARG A CZ  1 
ATOM   1329 N NH1 . ARG A 1 209 ? 25.098  -2.898  17.669  1.00 97.69  ? 209 ARG A NH1 1 
ATOM   1330 N NH2 . ARG A 1 209 ? 23.720  -2.222  19.385  1.00 98.48  ? 209 ARG A NH2 1 
ATOM   1331 N N   . GLU A 1 210 ? 23.825  0.811   11.028  1.00 84.86  ? 210 GLU A N   1 
ATOM   1332 C CA  . GLU A 1 210 ? 24.374  1.286   9.766   1.00 84.69  ? 210 GLU A CA  1 
ATOM   1333 C C   . GLU A 1 210 ? 23.548  2.425   9.160   1.00 84.03  ? 210 GLU A C   1 
ATOM   1334 O O   . GLU A 1 210 ? 24.102  3.346   8.553   1.00 85.17  ? 210 GLU A O   1 
ATOM   1335 C CB  . GLU A 1 210 ? 24.483  0.127   8.776   1.00 85.37  ? 210 GLU A CB  1 
ATOM   1336 C CG  . GLU A 1 210 ? 25.063  0.490   7.419   1.00 87.34  ? 210 GLU A CG  1 
ATOM   1337 C CD  . GLU A 1 210 ? 25.287  -0.726  6.545   1.00 89.89  ? 210 GLU A CD  1 
ATOM   1338 O OE1 . GLU A 1 210 ? 24.313  -1.206  5.915   1.00 90.61  ? 210 GLU A OE1 1 
ATOM   1339 O OE2 . GLU A 1 210 ? 26.445  -1.200  6.488   1.00 92.16  ? 210 GLU A OE2 1 
ATOM   1340 N N   . ILE A 1 211 ? 22.230  2.370   9.326   1.00 82.41  ? 211 ILE A N   1 
ATOM   1341 C CA  . ILE A 1 211 ? 21.363  3.458   8.855   1.00 80.52  ? 211 ILE A CA  1 
ATOM   1342 C C   . ILE A 1 211 ? 21.352  4.660   9.815   1.00 79.71  ? 211 ILE A C   1 
ATOM   1343 O O   . ILE A 1 211 ? 21.290  5.816   9.374   1.00 79.61  ? 211 ILE A O   1 
ATOM   1344 C CB  . ILE A 1 211 ? 19.918  2.971   8.547   1.00 80.06  ? 211 ILE A CB  1 
ATOM   1345 C CG1 . ILE A 1 211 ? 19.900  2.107   7.279   1.00 79.94  ? 211 ILE A CG1 1 
ATOM   1346 C CG2 . ILE A 1 211 ? 18.989  4.155   8.314   1.00 79.80  ? 211 ILE A CG2 1 
ATOM   1347 C CD1 . ILE A 1 211 ? 20.303  0.661   7.466   1.00 79.18  ? 211 ILE A CD1 1 
ATOM   1348 N N   . GLU A 1 212 ? 21.413  4.384   11.119  1.00 78.72  ? 212 GLU A N   1 
ATOM   1349 C CA  . GLU A 1 212 ? 21.485  5.450   12.110  1.00 78.35  ? 212 GLU A CA  1 
ATOM   1350 C C   . GLU A 1 212 ? 22.791  6.216   11.904  1.00 77.06  ? 212 GLU A C   1 
ATOM   1351 O O   . GLU A 1 212 ? 22.878  7.393   12.210  1.00 76.48  ? 212 GLU A O   1 
ATOM   1352 C CB  . GLU A 1 212 ? 21.324  4.889   13.530  1.00 79.37  ? 212 GLU A CB  1 
ATOM   1353 C CG  . GLU A 1 212 ? 19.863  4.529   13.861  1.00 81.27  ? 212 GLU A CG  1 
ATOM   1354 C CD  . GLU A 1 212 ? 19.696  3.576   15.041  1.00 82.74  ? 212 GLU A CD  1 
ATOM   1355 O OE1 . GLU A 1 212 ? 20.632  2.797   15.332  1.00 83.40  ? 212 GLU A OE1 1 
ATOM   1356 O OE2 . GLU A 1 212 ? 18.610  3.596   15.669  1.00 82.36  ? 212 GLU A OE2 1 
ATOM   1357 N N   . GLU A 1 213 ? 23.763  5.530   11.300  1.00 76.01  ? 213 GLU A N   1 
ATOM   1358 C CA  . GLU A 1 213 ? 25.127  6.015   11.073  1.00 76.00  ? 213 GLU A CA  1 
ATOM   1359 C C   . GLU A 1 213 ? 25.377  6.669   9.683   1.00 75.32  ? 213 GLU A C   1 
ATOM   1360 O O   . GLU A 1 213 ? 26.201  7.588   9.557   1.00 74.68  ? 213 GLU A O   1 
ATOM   1361 C CB  . GLU A 1 213 ? 26.093  4.839   11.248  1.00 77.53  ? 213 GLU A CB  1 
ATOM   1362 C CG  . GLU A 1 213 ? 27.292  5.108   12.148  1.00 79.94  ? 213 GLU A CG  1 
ATOM   1363 C CD  . GLU A 1 213 ? 27.790  3.854   12.890  1.00 81.87  ? 213 GLU A CD  1 
ATOM   1364 O OE1 . GLU A 1 213 ? 28.831  3.946   13.579  1.00 83.28  ? 213 GLU A OE1 1 
ATOM   1365 O OE2 . GLU A 1 213 ? 27.150  2.780   12.800  1.00 83.26  ? 213 GLU A OE2 1 
ATOM   1366 N N   . ARG A 1 214 ? 24.691  6.200   8.643   1.00 74.86  ? 214 ARG A N   1 
ATOM   1367 C CA  . ARG A 1 214 ? 24.996  6.674   7.295   1.00 74.52  ? 214 ARG A CA  1 
ATOM   1368 C C   . ARG A 1 214 ? 23.864  7.454   6.643   1.00 73.29  ? 214 ARG A C   1 
ATOM   1369 O O   . ARG A 1 214 ? 24.108  8.490   6.002   1.00 74.06  ? 214 ARG A O   1 
ATOM   1370 C CB  . ARG A 1 214 ? 25.455  5.521   6.413   1.00 76.05  ? 214 ARG A CB  1 
ATOM   1371 C CG  . ARG A 1 214 ? 26.662  4.823   6.990   1.00 77.36  ? 214 ARG A CG  1 
ATOM   1372 C CD  . ARG A 1 214 ? 27.282  3.805   6.054   1.00 79.97  ? 214 ARG A CD  1 
ATOM   1373 N NE  . ARG A 1 214 ? 28.318  3.056   6.772   1.00 82.09  ? 214 ARG A NE  1 
ATOM   1374 C CZ  . ARG A 1 214 ? 28.909  1.937   6.342   1.00 82.46  ? 214 ARG A CZ  1 
ATOM   1375 N NH1 . ARG A 1 214 ? 28.583  1.402   5.166   1.00 82.42  ? 214 ARG A NH1 1 
ATOM   1376 N NH2 . ARG A 1 214 ? 29.832  1.350   7.098   1.00 82.93  ? 214 ARG A NH2 1 
ATOM   1377 N N   . ALA A 1 215 ? 22.635  6.971   6.817   1.00 71.03  ? 215 ALA A N   1 
ATOM   1378 C CA  . ALA A 1 215 ? 21.470  7.630   6.248   1.00 69.01  ? 215 ALA A CA  1 
ATOM   1379 C C   . ALA A 1 215 ? 21.576  9.128   6.478   1.00 67.70  ? 215 ALA A C   1 
ATOM   1380 O O   . ALA A 1 215 ? 21.920  9.558   7.567   1.00 66.40  ? 215 ALA A O   1 
ATOM   1381 C CB  . ALA A 1 215 ? 20.208  7.092   6.857   1.00 69.84  ? 215 ALA A CB  1 
ATOM   1382 N N   . PRO A 1 216 ? 21.322  9.933   5.434   1.00 66.74  ? 216 PRO A N   1 
ATOM   1383 C CA  . PRO A 1 216 ? 21.355  11.366  5.620   1.00 65.74  ? 216 PRO A CA  1 
ATOM   1384 C C   . PRO A 1 216 ? 20.661  11.783  6.888   1.00 64.83  ? 216 PRO A C   1 
ATOM   1385 O O   . PRO A 1 216 ? 21.193  12.620  7.605   1.00 64.39  ? 216 PRO A O   1 
ATOM   1386 C CB  . PRO A 1 216 ? 20.606  11.881  4.396   1.00 64.58  ? 216 PRO A CB  1 
ATOM   1387 C CG  . PRO A 1 216 ? 21.036  10.971  3.351   1.00 64.43  ? 216 PRO A CG  1 
ATOM   1388 C CD  . PRO A 1 216 ? 21.208  9.601   4.004   1.00 65.55  ? 216 PRO A CD  1 
ATOM   1389 N N   . LEU A 1 217 ? 19.508  11.199  7.183   1.00 64.15  ? 217 LEU A N   1 
ATOM   1390 C CA  . LEU A 1 217 ? 18.794  11.568  8.389   1.00 64.38  ? 217 LEU A CA  1 
ATOM   1391 C C   . LEU A 1 217 ? 19.217  10.728  9.579   1.00 65.22  ? 217 LEU A C   1 
ATOM   1392 O O   . LEU A 1 217 ? 18.515  10.687  10.589  1.00 67.07  ? 217 LEU A O   1 
ATOM   1393 C CB  . LEU A 1 217 ? 17.283  11.479  8.202   1.00 62.84  ? 217 LEU A CB  1 
ATOM   1394 C CG  . LEU A 1 217 ? 16.578  12.162  7.031   1.00 62.54  ? 217 LEU A CG  1 
ATOM   1395 C CD1 . LEU A 1 217 ? 15.075  11.927  7.202   1.00 62.73  ? 217 LEU A CD1 1 
ATOM   1396 C CD2 . LEU A 1 217 ? 16.881  13.651  6.892   1.00 59.74  ? 217 LEU A CD2 1 
ATOM   1397 N N   . ARG A 1 218 ? 20.359  10.059  9.455   1.00 65.83  ? 218 ARG A N   1 
ATOM   1398 C CA  . ARG A 1 218 ? 20.956  9.285   10.550  1.00 66.52  ? 218 ARG A CA  1 
ATOM   1399 C C   . ARG A 1 218 ? 19.946  8.571   11.452  1.00 67.06  ? 218 ARG A C   1 
ATOM   1400 O O   . ARG A 1 218 ? 19.948  8.772   12.674  1.00 66.78  ? 218 ARG A O   1 
ATOM   1401 C CB  . ARG A 1 218 ? 21.856  10.190  11.411  1.00 67.21  ? 218 ARG A CB  1 
ATOM   1402 C CG  . ARG A 1 218 ? 23.335  10.188  11.050  1.00 67.83  ? 218 ARG A CG  1 
ATOM   1403 C CD  . ARG A 1 218 ? 23.629  11.264  10.042  1.00 68.64  ? 218 ARG A CD  1 
ATOM   1404 N NE  . ARG A 1 218 ? 24.965  11.125  9.478   1.00 70.61  ? 218 ARG A NE  1 
ATOM   1405 C CZ  . ARG A 1 218 ? 25.321  11.553  8.266   1.00 72.50  ? 218 ARG A CZ  1 
ATOM   1406 N NH1 . ARG A 1 218 ? 24.439  12.146  7.465   1.00 72.79  ? 218 ARG A NH1 1 
ATOM   1407 N NH2 . ARG A 1 218 ? 26.571  11.381  7.845   1.00 73.96  ? 218 ARG A NH2 1 
ATOM   1408 N N   . ARG A 1 219 ? 19.085  7.745   10.861  1.00 67.85  ? 219 ARG A N   1 
ATOM   1409 C CA  . ARG A 1 219 ? 18.024  7.053   11.605  1.00 68.57  ? 219 ARG A CA  1 
ATOM   1410 C C   . ARG A 1 219 ? 17.172  6.223   10.666  1.00 69.55  ? 219 ARG A C   1 
ATOM   1411 O O   . ARG A 1 219 ? 17.040  6.549   9.492   1.00 70.05  ? 219 ARG A O   1 
ATOM   1412 C CB  . ARG A 1 219 ? 17.132  8.046   12.356  1.00 67.98  ? 219 ARG A CB  1 
ATOM   1413 C CG  . ARG A 1 219 ? 16.417  9.044   11.472  1.00 67.36  ? 219 ARG A CG  1 
ATOM   1414 C CD  . ARG A 1 219 ? 15.572  9.971   12.288  1.00 67.73  ? 219 ARG A CD  1 
ATOM   1415 N NE  . ARG A 1 219 ? 14.183  9.904   11.836  1.00 69.47  ? 219 ARG A NE  1 
ATOM   1416 C CZ  . ARG A 1 219 ? 13.604  10.768  11.000  1.00 69.70  ? 219 ARG A CZ  1 
ATOM   1417 N NH1 . ARG A 1 219 ? 14.274  11.809  10.509  1.00 68.84  ? 219 ARG A NH1 1 
ATOM   1418 N NH2 . ARG A 1 219 ? 12.333  10.589  10.664  1.00 69.79  ? 219 ARG A NH2 1 
ATOM   1419 N N   . THR A 1 220 ? 16.588  5.155   11.188  1.00 70.22  ? 220 THR A N   1 
ATOM   1420 C CA  . THR A 1 220 ? 15.772  4.262   10.377  1.00 70.63  ? 220 THR A CA  1 
ATOM   1421 C C   . THR A 1 220 ? 14.361  4.850   10.225  1.00 71.86  ? 220 THR A C   1 
ATOM   1422 O O   . THR A 1 220 ? 14.076  5.909   10.790  1.00 72.04  ? 220 THR A O   1 
ATOM   1423 C CB  . THR A 1 220 ? 15.714  2.877   11.020  1.00 70.86  ? 220 THR A CB  1 
ATOM   1424 O OG1 . THR A 1 220 ? 15.146  3.004   12.324  1.00 70.98  ? 220 THR A OG1 1 
ATOM   1425 C CG2 . THR A 1 220 ? 17.120  2.263   11.136  1.00 68.80  ? 220 THR A CG2 1 
ATOM   1426 N N   . THR A 1 221 ? 13.486  4.181   9.469   1.00 72.17  ? 221 THR A N   1 
ATOM   1427 C CA  . THR A 1 221 ? 12.123  4.699   9.242   1.00 72.45  ? 221 THR A CA  1 
ATOM   1428 C C   . THR A 1 221 ? 11.033  4.009   10.082  1.00 73.53  ? 221 THR A C   1 
ATOM   1429 O O   . THR A 1 221 ? 11.301  3.016   10.761  1.00 73.85  ? 221 THR A O   1 
ATOM   1430 C CB  . THR A 1 221 ? 11.737  4.677   7.744   1.00 72.96  ? 221 THR A CB  1 
ATOM   1431 O OG1 . THR A 1 221 ? 11.933  3.360   7.229   1.00 74.07  ? 221 THR A OG1 1 
ATOM   1432 C CG2 . THR A 1 221 ? 12.597  5.654   6.952   1.00 73.14  ? 221 THR A CG2 1 
ATOM   1433 N N   . THR A 1 222 ? 9.814   4.559   10.035  1.00 73.12  ? 222 THR A N   1 
ATOM   1434 C CA  . THR A 1 222 ? 8.648   4.022   10.754  1.00 70.93  ? 222 THR A CA  1 
ATOM   1435 C C   . THR A 1 222 ? 7.442   3.858   9.841   1.00 71.34  ? 222 THR A C   1 
ATOM   1436 O O   . THR A 1 222 ? 7.291   4.589   8.856   1.00 71.43  ? 222 THR A O   1 
ATOM   1437 C CB  . THR A 1 222 ? 8.190   4.960   11.904  1.00 70.51  ? 222 THR A CB  1 
ATOM   1438 O OG1 . THR A 1 222 ? 7.972   6.288   11.400  1.00 67.58  ? 222 THR A OG1 1 
ATOM   1439 C CG2 . THR A 1 222 ? 9.203   4.999   13.031  1.00 69.93  ? 222 THR A CG2 1 
ATOM   1440 N N   . GLN A 1 223 ? 6.570   2.914   10.199  1.00 70.71  ? 223 GLN A N   1 
ATOM   1441 C CA  . GLN A 1 223 ? 5.233   2.784   9.593   1.00 69.36  ? 223 GLN A CA  1 
ATOM   1442 C C   . GLN A 1 223 ? 4.576   4.145   9.348   1.00 68.74  ? 223 GLN A C   1 
ATOM   1443 O O   . GLN A 1 223 ? 3.775   4.306   8.426   1.00 67.96  ? 223 GLN A O   1 
ATOM   1444 C CB  . GLN A 1 223 ? 4.306   1.966   10.500  1.00 70.99  ? 223 GLN A CB  1 
ATOM   1445 C CG  . GLN A 1 223 ? 4.340   0.463   10.293  1.00 72.99  ? 223 GLN A CG  1 
ATOM   1446 C CD  . GLN A 1 223 ? 5.489   -0.220  11.017  1.00 73.80  ? 223 GLN A CD  1 
ATOM   1447 O OE1 . GLN A 1 223 ? 6.193   0.394   11.824  1.00 73.06  ? 223 GLN A OE1 1 
ATOM   1448 N NE2 . GLN A 1 223 ? 5.685   -1.503  10.725  1.00 74.96  ? 223 GLN A NE2 1 
ATOM   1449 N N   . GLU A 1 224 ? 4.918   5.115   10.192  1.00 67.58  ? 224 GLU A N   1 
ATOM   1450 C CA  . GLU A 1 224 ? 4.309   6.436   10.141  1.00 65.98  ? 224 GLU A CA  1 
ATOM   1451 C C   . GLU A 1 224 ? 4.871   7.283   8.981   1.00 65.58  ? 224 GLU A C   1 
ATOM   1452 O O   . GLU A 1 224 ? 4.098   7.778   8.165   1.00 65.46  ? 224 GLU A O   1 
ATOM   1453 C CB  . GLU A 1 224 ? 4.403   7.156   11.505  1.00 65.66  ? 224 GLU A CB  1 
ATOM   1454 C CG  . GLU A 1 224 ? 3.551   6.552   12.656  1.00 64.16  ? 224 GLU A CG  1 
ATOM   1455 C CD  . GLU A 1 224 ? 4.187   5.312   13.343  1.00 65.16  ? 224 GLU A CD  1 
ATOM   1456 O OE1 . GLU A 1 224 ? 5.433   5.232   13.501  1.00 67.01  ? 224 GLU A OE1 1 
ATOM   1457 O OE2 . GLU A 1 224 ? 3.433   4.404   13.746  1.00 63.53  ? 224 GLU A OE2 1 
ATOM   1458 N N   . GLU A 1 225 ? 6.194   7.425   8.878   1.00 64.62  ? 225 GLU A N   1 
ATOM   1459 C CA  . GLU A 1 225 ? 6.785   8.161   7.735   1.00 63.57  ? 225 GLU A CA  1 
ATOM   1460 C C   . GLU A 1 225 ? 6.287   7.577   6.398   1.00 61.58  ? 225 GLU A C   1 
ATOM   1461 O O   . GLU A 1 225 ? 5.987   8.317   5.448   1.00 60.63  ? 225 GLU A O   1 
ATOM   1462 C CB  . GLU A 1 225 ? 8.324   8.165   7.766   1.00 65.13  ? 225 GLU A CB  1 
ATOM   1463 C CG  . GLU A 1 225 ? 8.972   7.856   9.115   1.00 68.03  ? 225 GLU A CG  1 
ATOM   1464 C CD  . GLU A 1 225 ? 10.254  8.646   9.358   1.00 69.99  ? 225 GLU A CD  1 
ATOM   1465 O OE1 . GLU A 1 225 ? 10.169  9.880   9.503   1.00 70.40  ? 225 GLU A OE1 1 
ATOM   1466 O OE2 . GLU A 1 225 ? 11.350  8.045   9.433   1.00 72.35  ? 225 GLU A OE2 1 
ATOM   1467 N N   . VAL A 1 226 ? 6.198   6.247   6.356   1.00 58.88  ? 226 VAL A N   1 
ATOM   1468 C CA  . VAL A 1 226 ? 5.637   5.503   5.232   1.00 57.41  ? 226 VAL A CA  1 
ATOM   1469 C C   . VAL A 1 226 ? 4.134   5.741   4.943   1.00 57.40  ? 226 VAL A C   1 
ATOM   1470 O O   . VAL A 1 226 ? 3.706   5.688   3.778   1.00 56.59  ? 226 VAL A O   1 
ATOM   1471 C CB  . VAL A 1 226 ? 5.813   3.988   5.433   1.00 56.79  ? 226 VAL A CB  1 
ATOM   1472 C CG1 . VAL A 1 226 ? 5.105   3.257   4.311   1.00 57.77  ? 226 VAL A CG1 1 
ATOM   1473 C CG2 . VAL A 1 226 ? 7.276   3.598   5.458   1.00 54.82  ? 226 VAL A CG2 1 
ATOM   1474 N N   . GLY A 1 227 ? 3.334   5.948   5.992   1.00 57.24  ? 227 GLY A N   1 
ATOM   1475 C CA  . GLY A 1 227 ? 1.899   6.182   5.838   1.00 56.28  ? 227 GLY A CA  1 
ATOM   1476 C C   . GLY A 1 227 ? 1.549   7.609   5.443   1.00 57.58  ? 227 GLY A C   1 
ATOM   1477 O O   . GLY A 1 227 ? 0.619   7.831   4.666   1.00 57.27  ? 227 GLY A O   1 
ATOM   1478 N N   . ASP A 1 228 ? 2.293   8.574   5.989   1.00 58.14  ? 228 ASP A N   1 
ATOM   1479 C CA  . ASP A 1 228 ? 2.095   10.016  5.729   1.00 58.84  ? 228 ASP A CA  1 
ATOM   1480 C C   . ASP A 1 228 ? 2.531   10.447  4.305   1.00 57.76  ? 228 ASP A C   1 
ATOM   1481 O O   . ASP A 1 228 ? 1.944   11.373  3.718   1.00 57.26  ? 228 ASP A O   1 
ATOM   1482 C CB  . ASP A 1 228 ? 2.809   10.850  6.807   1.00 60.45  ? 228 ASP A CB  1 
ATOM   1483 C CG  . ASP A 1 228 ? 2.547   10.332  8.235   1.00 61.87  ? 228 ASP A CG  1 
ATOM   1484 O OD1 . ASP A 1 228 ? 1.404   9.891   8.504   1.00 60.43  ? 228 ASP A OD1 1 
ATOM   1485 O OD2 . ASP A 1 228 ? 3.479   10.353  9.086   1.00 63.39  ? 228 ASP A OD2 1 
ATOM   1486 N N   . THR A 1 229 ? 3.552   9.764   3.771   1.00 56.58  ? 229 THR A N   1 
ATOM   1487 C CA  . THR A 1 229 ? 3.910   9.827   2.343   1.00 54.45  ? 229 THR A CA  1 
ATOM   1488 C C   . THR A 1 229 ? 2.694   9.405   1.503   1.00 53.60  ? 229 THR A C   1 
ATOM   1489 O O   . THR A 1 229 ? 2.243   10.143  0.618   1.00 54.38  ? 229 THR A O   1 
ATOM   1490 C CB  . THR A 1 229 ? 5.138   8.908   2.016   1.00 54.14  ? 229 THR A CB  1 
ATOM   1491 O OG1 . THR A 1 229 ? 6.301   9.371   2.712   1.00 55.34  ? 229 THR A OG1 1 
ATOM   1492 C CG2 . THR A 1 229 ? 5.450   8.879   0.522   1.00 53.12  ? 229 THR A CG2 1 
ATOM   1493 N N   . ALA A 1 230 ? 2.176   8.215   1.810   1.00 50.57  ? 230 ALA A N   1 
ATOM   1494 C CA  . ALA A 1 230 ? 0.944   7.687   1.219   1.00 48.07  ? 230 ALA A CA  1 
ATOM   1495 C C   . ALA A 1 230 ? -0.247  8.652   1.198   1.00 47.08  ? 230 ALA A C   1 
ATOM   1496 O O   . ALA A 1 230 ? -0.908  8.791   0.152   1.00 46.88  ? 230 ALA A O   1 
ATOM   1497 C CB  . ALA A 1 230 ? 0.544   6.408   1.907   1.00 47.21  ? 230 ALA A CB  1 
ATOM   1498 N N   . VAL A 1 231 ? -0.534  9.310   2.327   1.00 47.03  ? 231 VAL A N   1 
ATOM   1499 C CA  . VAL A 1 231 ? -1.709  10.187  2.357   1.00 48.14  ? 231 VAL A CA  1 
ATOM   1500 C C   . VAL A 1 231 ? -1.609  11.293  1.299   1.00 48.69  ? 231 VAL A C   1 
ATOM   1501 O O   . VAL A 1 231 ? -2.619  11.636  0.667   1.00 48.91  ? 231 VAL A O   1 
ATOM   1502 C CB  . VAL A 1 231 ? -2.076  10.723  3.773   1.00 47.79  ? 231 VAL A CB  1 
ATOM   1503 C CG1 . VAL A 1 231 ? -1.421  9.867   4.845   1.00 47.03  ? 231 VAL A CG1 1 
ATOM   1504 C CG2 . VAL A 1 231 ? -1.744  12.210  3.940   1.00 48.04  ? 231 VAL A CG2 1 
ATOM   1505 N N   . PHE A 1 232 ? -0.387  11.807  1.090   1.00 47.97  ? 232 PHE A N   1 
ATOM   1506 C CA  . PHE A 1 232 ? -0.091  12.696  -0.050  1.00 47.40  ? 232 PHE A CA  1 
ATOM   1507 C C   . PHE A 1 232 ? -0.388  12.108  -1.459  1.00 46.27  ? 232 PHE A C   1 
ATOM   1508 O O   . PHE A 1 232 ? -1.111  12.738  -2.255  1.00 45.51  ? 232 PHE A O   1 
ATOM   1509 C CB  . PHE A 1 232 ? 1.353   13.160  0.004   1.00 48.67  ? 232 PHE A CB  1 
ATOM   1510 C CG  . PHE A 1 232 ? 1.902   13.589  -1.329  1.00 49.94  ? 232 PHE A CG  1 
ATOM   1511 C CD1 . PHE A 1 232 ? 1.580   14.823  -1.861  1.00 49.38  ? 232 PHE A CD1 1 
ATOM   1512 C CD2 . PHE A 1 232 ? 2.762   12.755  -2.043  1.00 49.31  ? 232 PHE A CD2 1 
ATOM   1513 C CE1 . PHE A 1 232 ? 2.124   15.224  -3.081  1.00 50.42  ? 232 PHE A CE1 1 
ATOM   1514 C CE2 . PHE A 1 232 ? 3.284   13.141  -3.258  1.00 48.63  ? 232 PHE A CE2 1 
ATOM   1515 C CZ  . PHE A 1 232 ? 2.972   14.378  -3.779  1.00 50.04  ? 232 PHE A CZ  1 
ATOM   1516 N N   . LEU A 1 233 ? 0.202   10.941  -1.754  1.00 46.40  ? 233 LEU A N   1 
ATOM   1517 C CA  . LEU A 1 233 ? 0.092   10.315  -3.070  1.00 48.17  ? 233 LEU A CA  1 
ATOM   1518 C C   . LEU A 1 233 ? -1.355  10.049  -3.399  1.00 49.82  ? 233 LEU A C   1 
ATOM   1519 O O   . LEU A 1 233 ? -1.769  10.119  -4.567  1.00 49.17  ? 233 LEU A O   1 
ATOM   1520 C CB  . LEU A 1 233 ? 0.840   8.984   -3.123  1.00 47.87  ? 233 LEU A CB  1 
ATOM   1521 C CG  . LEU A 1 233 ? 2.367   8.966   -3.091  1.00 47.58  ? 233 LEU A CG  1 
ATOM   1522 C CD1 . LEU A 1 233 ? 2.828   7.561   -2.845  1.00 47.84  ? 233 LEU A CD1 1 
ATOM   1523 C CD2 . LEU A 1 233 ? 2.989   9.509   -4.351  1.00 46.37  ? 233 LEU A CD2 1 
ATOM   1524 N N   . PHE A 1 234 ? -2.116  9.727   -2.353  1.00 51.94  ? 234 PHE A N   1 
ATOM   1525 C CA  . PHE A 1 234 ? -3.532  9.452   -2.499  1.00 52.87  ? 234 PHE A CA  1 
ATOM   1526 C C   . PHE A 1 234 ? -4.344  10.733  -2.535  1.00 53.98  ? 234 PHE A C   1 
ATOM   1527 O O   . PHE A 1 234 ? -5.434  10.727  -3.087  1.00 54.66  ? 234 PHE A O   1 
ATOM   1528 C CB  . PHE A 1 234 ? -4.014  8.520   -1.389  1.00 51.64  ? 234 PHE A CB  1 
ATOM   1529 C CG  . PHE A 1 234 ? -3.671  7.071   -1.623  1.00 51.24  ? 234 PHE A CG  1 
ATOM   1530 C CD1 . PHE A 1 234 ? -2.963  6.346   -0.669  1.00 49.07  ? 234 PHE A CD1 1 
ATOM   1531 C CD2 . PHE A 1 234 ? -4.058  6.425   -2.805  1.00 52.21  ? 234 PHE A CD2 1 
ATOM   1532 C CE1 . PHE A 1 234 ? -2.651  5.006   -0.865  1.00 48.57  ? 234 PHE A CE1 1 
ATOM   1533 C CE2 . PHE A 1 234 ? -3.749  5.072   -3.010  1.00 51.05  ? 234 PHE A CE2 1 
ATOM   1534 C CZ  . PHE A 1 234 ? -3.041  4.369   -2.025  1.00 50.68  ? 234 PHE A CZ  1 
ATOM   1535 N N   . SER A 1 235 ? -3.803  11.820  -1.975  1.00 55.38  ? 235 SER A N   1 
ATOM   1536 C CA  . SER A 1 235 ? -4.528  13.088  -1.840  1.00 58.05  ? 235 SER A CA  1 
ATOM   1537 C C   . SER A 1 235 ? -4.721  13.835  -3.168  1.00 60.71  ? 235 SER A C   1 
ATOM   1538 O O   . SER A 1 235 ? -4.502  13.291  -4.249  1.00 59.72  ? 235 SER A O   1 
ATOM   1539 C CB  . SER A 1 235 ? -3.849  13.998  -0.817  1.00 57.20  ? 235 SER A CB  1 
ATOM   1540 O OG  . SER A 1 235 ? -2.675  14.566  -1.354  1.00 58.22  ? 235 SER A OG  1 
ATOM   1541 N N   . ASP A 1 236 ? -5.153  15.086  -3.083  1.00 64.05  ? 236 ASP A N   1 
ATOM   1542 C CA  . ASP A 1 236 ? -5.368  15.865  -4.287  1.00 65.66  ? 236 ASP A CA  1 
ATOM   1543 C C   . ASP A 1 236 ? -4.117  16.647  -4.648  1.00 65.16  ? 236 ASP A C   1 
ATOM   1544 O O   . ASP A 1 236 ? -4.022  17.222  -5.733  1.00 65.57  ? 236 ASP A O   1 
ATOM   1545 C CB  . ASP A 1 236 ? -6.557  16.802  -4.121  1.00 67.89  ? 236 ASP A CB  1 
ATOM   1546 C CG  . ASP A 1 236 ? -7.370  16.910  -5.384  1.00 70.11  ? 236 ASP A CG  1 
ATOM   1547 O OD1 . ASP A 1 236 ? -8.005  15.892  -5.756  1.00 70.05  ? 236 ASP A OD1 1 
ATOM   1548 O OD2 . ASP A 1 236 ? -7.359  18.001  -6.003  1.00 71.99  ? 236 ASP A OD2 1 
ATOM   1549 N N   . LEU A 1 237 ? -3.163  16.646  -3.724  1.00 64.01  ? 237 LEU A N   1 
ATOM   1550 C CA  . LEU A 1 237 ? -1.898  17.348  -3.881  1.00 63.65  ? 237 LEU A CA  1 
ATOM   1551 C C   . LEU A 1 237 ? -0.981  16.635  -4.873  1.00 63.83  ? 237 LEU A C   1 
ATOM   1552 O O   . LEU A 1 237 ? -0.157  17.262  -5.553  1.00 64.22  ? 237 LEU A O   1 
ATOM   1553 C CB  . LEU A 1 237 ? -1.188  17.430  -2.535  1.00 62.30  ? 237 LEU A CB  1 
ATOM   1554 C CG  . LEU A 1 237 ? -1.957  17.806  -1.278  1.00 61.59  ? 237 LEU A CG  1 
ATOM   1555 C CD1 . LEU A 1 237 ? -1.237  17.209  -0.082  1.00 60.85  ? 237 LEU A CD1 1 
ATOM   1556 C CD2 . LEU A 1 237 ? -2.095  19.337  -1.144  1.00 60.93  ? 237 LEU A CD2 1 
ATOM   1557 N N   . ALA A 1 238 ? -1.131  15.315  -4.933  1.00 62.79  ? 238 ALA A N   1 
ATOM   1558 C CA  . ALA A 1 238 ? -0.296  14.462  -5.762  1.00 60.77  ? 238 ALA A CA  1 
ATOM   1559 C C   . ALA A 1 238 ? -0.946  14.117  -7.119  1.00 59.68  ? 238 ALA A C   1 
ATOM   1560 O O   . ALA A 1 238 ? -0.730  13.038  -7.672  1.00 60.52  ? 238 ALA A O   1 
ATOM   1561 C CB  . ALA A 1 238 ? 0.038   13.208  -4.983  1.00 59.23  ? 238 ALA A CB  1 
ATOM   1562 N N   . ARG A 1 239 ? -1.727  15.047  -7.658  1.00 58.52  ? 239 ARG A N   1 
ATOM   1563 C CA  . ARG A 1 239 ? -2.499  14.796  -8.862  1.00 56.72  ? 239 ARG A CA  1 
ATOM   1564 C C   . ARG A 1 239 ? -1.659  14.830  -10.131 1.00 56.36  ? 239 ARG A C   1 
ATOM   1565 O O   . ARG A 1 239 ? -2.032  14.216  -11.133 1.00 57.21  ? 239 ARG A O   1 
ATOM   1566 C CB  . ARG A 1 239 ? -3.720  15.718  -8.940  1.00 56.25  ? 239 ARG A CB  1 
ATOM   1567 C CG  . ARG A 1 239 ? -3.425  17.148  -9.256  1.00 55.82  ? 239 ARG A CG  1 
ATOM   1568 C CD  . ARG A 1 239 ? -4.659  18.044  -9.179  1.00 55.18  ? 239 ARG A CD  1 
ATOM   1569 N NE  . ARG A 1 239 ? -4.255  19.456  -9.248  1.00 55.39  ? 239 ARG A NE  1 
ATOM   1570 C CZ  . ARG A 1 239 ? -3.977  20.212  -8.183  1.00 54.84  ? 239 ARG A CZ  1 
ATOM   1571 N NH1 . ARG A 1 239 ? -4.080  19.693  -6.962  1.00 54.73  ? 239 ARG A NH1 1 
ATOM   1572 N NH2 . ARG A 1 239 ? -3.600  21.482  -8.330  1.00 53.52  ? 239 ARG A NH2 1 
ATOM   1573 N N   . GLY A 1 240 ? -0.527  15.531  -10.088 1.00 54.31  ? 240 GLY A N   1 
ATOM   1574 C CA  . GLY A 1 240 ? 0.451   15.520  -11.197 1.00 51.91  ? 240 GLY A CA  1 
ATOM   1575 C C   . GLY A 1 240 ? 1.563   14.481  -11.042 1.00 50.11  ? 240 GLY A C   1 
ATOM   1576 O O   . GLY A 1 240 ? 2.286   14.155  -11.992 1.00 51.06  ? 240 GLY A O   1 
ATOM   1577 N N   . VAL A 1 241 ? 1.706   13.966  -9.830  1.00 48.59  ? 241 VAL A N   1 
ATOM   1578 C CA  . VAL A 1 241 ? 2.662   12.911  -9.566  1.00 45.99  ? 241 VAL A CA  1 
ATOM   1579 C C   . VAL A 1 241 ? 2.085   11.551  -9.958  1.00 45.93  ? 241 VAL A C   1 
ATOM   1580 O O   . VAL A 1 241 ? 1.247   10.971  -9.258  1.00 44.84  ? 241 VAL A O   1 
ATOM   1581 C CB  . VAL A 1 241 ? 3.111   12.886  -8.086  1.00 44.98  ? 241 VAL A CB  1 
ATOM   1582 C CG1 . VAL A 1 241 ? 4.207   11.855  -7.913  1.00 43.75  ? 241 VAL A CG1 1 
ATOM   1583 C CG2 . VAL A 1 241 ? 3.581   14.279  -7.646  1.00 42.14  ? 241 VAL A CG2 1 
ATOM   1584 N N   . THR A 1 242 ? 2.544   11.057  -11.092 1.00 46.29  ? 242 THR A N   1 
ATOM   1585 C CA  . THR A 1 242 ? 2.246   9.704   -11.505 1.00 46.96  ? 242 THR A CA  1 
ATOM   1586 C C   . THR A 1 242 ? 3.508   8.954   -11.967 1.00 47.82  ? 242 THR A C   1 
ATOM   1587 O O   . THR A 1 242 ? 4.381   9.515   -12.658 1.00 47.72  ? 242 THR A O   1 
ATOM   1588 C CB  . THR A 1 242 ? 1.191   9.667   -12.618 1.00 45.74  ? 242 THR A CB  1 
ATOM   1589 O OG1 . THR A 1 242 ? 0.653   8.341   -12.687 1.00 47.34  ? 242 THR A OG1 1 
ATOM   1590 C CG2 . THR A 1 242 ? 1.808   10.010  -13.977 1.00 45.78  ? 242 THR A CG2 1 
ATOM   1591 N N   . GLY A 1 243 ? 3.592   7.680   -11.592 1.00 49.18  ? 243 GLY A N   1 
ATOM   1592 C CA  . GLY A 1 243 ? 4.698   6.831   -12.017 1.00 49.21  ? 243 GLY A CA  1 
ATOM   1593 C C   . GLY A 1 243 ? 5.949   7.208   -11.276 1.00 49.75  ? 243 GLY A C   1 
ATOM   1594 O O   . GLY A 1 243 ? 7.058   6.823   -11.667 1.00 49.09  ? 243 GLY A O   1 
ATOM   1595 N N   . GLU A 1 244 ? 5.772   7.966   -10.196 1.00 50.01  ? 244 GLU A N   1 
ATOM   1596 C CA  . GLU A 1 244 ? 6.886   8.367   -9.356  1.00 49.42  ? 244 GLU A CA  1 
ATOM   1597 C C   . GLU A 1 244 ? 7.295   7.199   -8.483  1.00 48.40  ? 244 GLU A C   1 
ATOM   1598 O O   . GLU A 1 244 ? 6.599   6.199   -8.421  1.00 47.52  ? 244 GLU A O   1 
ATOM   1599 C CB  . GLU A 1 244 ? 6.503   9.561   -8.497  1.00 50.95  ? 244 GLU A CB  1 
ATOM   1600 C CG  . GLU A 1 244 ? 7.706   10.321  -8.015  1.00 53.93  ? 244 GLU A CG  1 
ATOM   1601 C CD  . GLU A 1 244 ? 8.799   10.390  -9.060  1.00 57.77  ? 244 GLU A CD  1 
ATOM   1602 O OE1 . GLU A 1 244 ? 8.715   11.292  -9.917  1.00 61.62  ? 244 GLU A OE1 1 
ATOM   1603 O OE2 . GLU A 1 244 ? 9.730   9.546   -9.019  1.00 58.48  ? 244 GLU A OE2 1 
ATOM   1604 N N   . ASN A 1 245 ? 8.435   7.296   -7.823  1.00 48.58  ? 245 ASN A N   1 
ATOM   1605 C CA  . ASN A 1 245 ? 8.682   6.366   -6.728  1.00 47.37  ? 245 ASN A CA  1 
ATOM   1606 C C   . ASN A 1 245 ? 9.471   7.015   -5.576  1.00 47.94  ? 245 ASN A C   1 
ATOM   1607 O O   . ASN A 1 245 ? 10.684  7.246   -5.677  1.00 48.52  ? 245 ASN A O   1 
ATOM   1608 C CB  . ASN A 1 245 ? 9.245   5.044   -7.255  1.00 46.73  ? 245 ASN A CB  1 
ATOM   1609 C CG  . ASN A 1 245 ? 10.205  4.401   -6.322  1.00 46.85  ? 245 ASN A CG  1 
ATOM   1610 O OD1 . ASN A 1 245 ? 10.146  4.593   -5.115  1.00 49.48  ? 245 ASN A OD1 1 
ATOM   1611 N ND2 . ASN A 1 245 ? 11.104  3.621   -6.870  1.00 47.97  ? 245 ASN A ND2 1 
ATOM   1612 N N   . ILE A 1 246 ? 8.740   7.319   -4.498  1.00 46.92  ? 246 ILE A N   1 
ATOM   1613 C CA  . ILE A 1 246 ? 9.230   8.114   -3.367  1.00 46.37  ? 246 ILE A CA  1 
ATOM   1614 C C   . ILE A 1 246 ? 9.850   7.223   -2.324  1.00 45.75  ? 246 ILE A C   1 
ATOM   1615 O O   . ILE A 1 246 ? 9.246   6.249   -1.877  1.00 45.43  ? 246 ILE A O   1 
ATOM   1616 C CB  . ILE A 1 246 ? 8.118   8.900   -2.672  1.00 47.43  ? 246 ILE A CB  1 
ATOM   1617 C CG1 . ILE A 1 246 ? 7.011   9.330   -3.653  1.00 49.65  ? 246 ILE A CG1 1 
ATOM   1618 C CG2 . ILE A 1 246 ? 8.689   10.077  -1.977  1.00 47.96  ? 246 ILE A CG2 1 
ATOM   1619 C CD1 . ILE A 1 246 ? 7.470   10.098  -4.897  1.00 51.61  ? 246 ILE A CD1 1 
ATOM   1620 N N   . HIS A 1 247 ? 11.072  7.558   -1.943  1.00 46.08  ? 247 HIS A N   1 
ATOM   1621 C CA  . HIS A 1 247 ? 11.813  6.717   -1.040  1.00 46.53  ? 247 HIS A CA  1 
ATOM   1622 C C   . HIS A 1 247 ? 11.574  7.243   0.344   1.00 46.32  ? 247 HIS A C   1 
ATOM   1623 O O   . HIS A 1 247 ? 11.868  8.418   0.628   1.00 47.70  ? 247 HIS A O   1 
ATOM   1624 C CB  . HIS A 1 247 ? 13.291  6.791   -1.364  1.00 47.00  ? 247 HIS A CB  1 
ATOM   1625 C CG  . HIS A 1 247 ? 13.626  6.313   -2.738  1.00 49.01  ? 247 HIS A CG  1 
ATOM   1626 N ND1 . HIS A 1 247 ? 14.268  5.118   -2.971  1.00 49.63  ? 247 HIS A ND1 1 
ATOM   1627 C CD2 . HIS A 1 247 ? 13.406  6.869   -3.954  1.00 49.49  ? 247 HIS A CD2 1 
ATOM   1628 C CE1 . HIS A 1 247 ? 14.432  4.958   -4.273  1.00 50.04  ? 247 HIS A CE1 1 
ATOM   1629 N NE2 . HIS A 1 247 ? 13.920  6.008   -4.893  1.00 50.00  ? 247 HIS A NE2 1 
ATOM   1630 N N   . VAL A 1 248 ? 11.028  6.404   1.209   1.00 46.66  ? 248 VAL A N   1 
ATOM   1631 C CA  . VAL A 1 248 ? 10.909  6.800   2.592   1.00 48.33  ? 248 VAL A CA  1 
ATOM   1632 C C   . VAL A 1 248 ? 11.988  6.049   3.338   1.00 50.21  ? 248 VAL A C   1 
ATOM   1633 O O   . VAL A 1 248 ? 11.695  5.066   4.029   1.00 51.80  ? 248 VAL A O   1 
ATOM   1634 C CB  . VAL A 1 248 ? 9.540   6.450   3.150   1.00 46.19  ? 248 VAL A CB  1 
ATOM   1635 C CG1 . VAL A 1 248 ? 9.368   7.043   4.547   1.00 42.86  ? 248 VAL A CG1 1 
ATOM   1636 C CG2 . VAL A 1 248 ? 8.427   6.927   2.188   1.00 43.83  ? 248 VAL A CG2 1 
ATOM   1637 N N   . ASP A 1 249 ? 13.239  6.493   3.175   1.00 51.82  ? 249 ASP A N   1 
ATOM   1638 C CA  . ASP A 1 249 ? 14.402  5.740   3.686   1.00 53.51  ? 249 ASP A CA  1 
ATOM   1639 C C   . ASP A 1 249 ? 15.484  6.604   4.347   1.00 54.82  ? 249 ASP A C   1 
ATOM   1640 O O   . ASP A 1 249 ? 16.658  6.225   4.336   1.00 55.50  ? 249 ASP A O   1 
ATOM   1641 C CB  . ASP A 1 249 ? 15.038  4.930   2.562   1.00 53.35  ? 249 ASP A CB  1 
ATOM   1642 C CG  . ASP A 1 249 ? 15.535  5.809   1.415   1.00 55.04  ? 249 ASP A CG  1 
ATOM   1643 O OD1 . ASP A 1 249 ? 15.498  7.057   1.523   1.00 54.87  ? 249 ASP A OD1 1 
ATOM   1644 O OD2 . ASP A 1 249 ? 15.974  5.252   0.389   1.00 56.20  ? 249 ASP A OD2 1 
ATOM   1645 N N   . SER A 1 250 ? 15.091  7.756   4.905   1.00 55.99  ? 250 SER A N   1 
ATOM   1646 C CA  . SER A 1 250 ? 16.023  8.696   5.567   1.00 56.55  ? 250 SER A CA  1 
ATOM   1647 C C   . SER A 1 250 ? 17.060  9.314   4.635   1.00 55.80  ? 250 SER A C   1 
ATOM   1648 O O   . SER A 1 250 ? 17.992  9.981   5.099   1.00 55.61  ? 250 SER A O   1 
ATOM   1649 C CB  . SER A 1 250 ? 16.739  8.034   6.749   1.00 57.55  ? 250 SER A CB  1 
ATOM   1650 O OG  . SER A 1 250 ? 15.840  7.792   7.812   1.00 61.21  ? 250 SER A OG  1 
ATOM   1651 N N   . GLY A 1 251 ? 16.887  9.090   3.329   1.00 55.18  ? 251 GLY A N   1 
ATOM   1652 C CA  . GLY A 1 251 ? 17.792  9.596   2.292   1.00 54.11  ? 251 GLY A CA  1 
ATOM   1653 C C   . GLY A 1 251 ? 18.830  8.568   1.873   1.00 53.56  ? 251 GLY A C   1 
ATOM   1654 O O   . GLY A 1 251 ? 19.801  8.898   1.167   1.00 53.15  ? 251 GLY A O   1 
ATOM   1655 N N   . TYR A 1 252 ? 18.619  7.320   2.295   1.00 54.34  ? 252 TYR A N   1 
ATOM   1656 C CA  . TYR A 1 252 ? 19.605  6.280   2.113   1.00 56.17  ? 252 TYR A CA  1 
ATOM   1657 C C   . TYR A 1 252 ? 19.877  6.013   0.634   1.00 57.49  ? 252 TYR A C   1 
ATOM   1658 O O   . TYR A 1 252 ? 21.033  5.793   0.242   1.00 56.29  ? 252 TYR A O   1 
ATOM   1659 C CB  . TYR A 1 252 ? 19.166  5.015   2.820   1.00 56.76  ? 252 TYR A CB  1 
ATOM   1660 C CG  . TYR A 1 252 ? 20.304  4.071   3.035   1.00 59.32  ? 252 TYR A CG  1 
ATOM   1661 C CD1 . TYR A 1 252 ? 20.993  4.051   4.245   1.00 61.18  ? 252 TYR A CD1 1 
ATOM   1662 C CD2 . TYR A 1 252 ? 20.719  3.206   2.017   1.00 59.42  ? 252 TYR A CD2 1 
ATOM   1663 C CE1 . TYR A 1 252 ? 22.065  3.192   4.438   1.00 61.92  ? 252 TYR A CE1 1 
ATOM   1664 C CE2 . TYR A 1 252 ? 21.780  2.340   2.200   1.00 60.90  ? 252 TYR A CE2 1 
ATOM   1665 C CZ  . TYR A 1 252 ? 22.446  2.335   3.412   1.00 61.54  ? 252 TYR A CZ  1 
ATOM   1666 O OH  . TYR A 1 252 ? 23.496  1.472   3.599   1.00 63.41  ? 252 TYR A OH  1 
ATOM   1667 N N   . HIS A 1 253 ? 18.818  6.061   -0.178  1.00 59.12  ? 253 HIS A N   1 
ATOM   1668 C CA  . HIS A 1 253 ? 18.880  5.817   -1.627  1.00 60.78  ? 253 HIS A CA  1 
ATOM   1669 C C   . HIS A 1 253 ? 19.982  6.565   -2.363  1.00 61.49  ? 253 HIS A C   1 
ATOM   1670 O O   . HIS A 1 253 ? 20.626  6.002   -3.256  1.00 62.23  ? 253 HIS A O   1 
ATOM   1671 C CB  . HIS A 1 253 ? 17.528  6.114   -2.293  1.00 62.07  ? 253 HIS A CB  1 
ATOM   1672 C CG  . HIS A 1 253 ? 17.026  7.518   -2.092  1.00 63.29  ? 253 HIS A CG  1 
ATOM   1673 N ND1 . HIS A 1 253 ? 16.496  7.958   -0.896  1.00 63.51  ? 253 HIS A ND1 1 
ATOM   1674 C CD2 . HIS A 1 253 ? 16.928  8.562   -2.952  1.00 63.64  ? 253 HIS A CD2 1 
ATOM   1675 C CE1 . HIS A 1 253 ? 16.116  9.218   -1.021  1.00 63.34  ? 253 HIS A CE1 1 
ATOM   1676 N NE2 . HIS A 1 253 ? 16.366  9.609   -2.259  1.00 63.82  ? 253 HIS A NE2 1 
ATOM   1677 N N   . ILE A 1 254 ? 20.192  7.827   -1.991  1.00 61.41  ? 254 ILE A N   1 
ATOM   1678 C CA  . ILE A 1 254 ? 21.233  8.670   -2.606  1.00 62.29  ? 254 ILE A CA  1 
ATOM   1679 C C   . ILE A 1 254 ? 22.666  8.089   -2.461  1.00 65.05  ? 254 ILE A C   1 
ATOM   1680 O O   . ILE A 1 254 ? 23.578  8.493   -3.182  1.00 66.36  ? 254 ILE A O   1 
ATOM   1681 C CB  . ILE A 1 254 ? 21.190  10.169  -2.097  1.00 59.73  ? 254 ILE A CB  1 
ATOM   1682 C CG1 . ILE A 1 254 ? 21.800  10.297  -0.714  1.00 57.00  ? 254 ILE A CG1 1 
ATOM   1683 C CG2 . ILE A 1 254 ? 19.754  10.737  -1.993  1.00 59.72  ? 254 ILE A CG2 1 
ATOM   1684 C CD1 . ILE A 1 254 ? 21.440  11.641  -0.066  1.00 54.81  ? 254 ILE A CD1 1 
ATOM   1685 N N   . LEU A 1 255 ? 22.872  7.143   -1.550  1.00 67.50  ? 255 LEU A N   1 
ATOM   1686 C CA  . LEU A 1 255 ? 24.204  6.555   -1.386  1.00 70.05  ? 255 LEU A CA  1 
ATOM   1687 C C   . LEU A 1 255 ? 24.451  5.398   -2.390  1.00 72.11  ? 255 LEU A C   1 
ATOM   1688 O O   . LEU A 1 255 ? 23.680  5.214   -3.340  1.00 72.43  ? 255 LEU A O   1 
ATOM   1689 C CB  . LEU A 1 255 ? 24.442  6.140   0.082   1.00 69.07  ? 255 LEU A CB  1 
ATOM   1690 C CG  . LEU A 1 255 ? 24.159  7.120   1.244   1.00 69.06  ? 255 LEU A CG  1 
ATOM   1691 C CD1 . LEU A 1 255 ? 24.251  6.427   2.576   1.00 68.52  ? 255 LEU A CD1 1 
ATOM   1692 C CD2 . LEU A 1 255 ? 25.056  8.360   1.272   1.00 68.67  ? 255 LEU A CD2 1 
ATOM   1693 N N   . GLY A 1 256 ? 25.533  4.642   -2.196  1.00 73.94  ? 256 GLY A N   1 
ATOM   1694 C CA  . GLY A 1 256 ? 25.863  3.515   -3.078  1.00 75.21  ? 256 GLY A CA  1 
ATOM   1695 C C   . GLY A 1 256 ? 25.986  2.166   -2.373  1.00 76.73  ? 256 GLY A C   1 
ATOM   1696 O O   . GLY A 1 256 ? 26.430  1.185   -2.983  1.00 76.81  ? 256 GLY A O   1 
ATOM   1697 O OXT . GLY A 1 256 ? 25.651  2.006   -1.188  1.00 76.79  ? 256 GLY A OXT 1 
HETATM 1698 O O   . HOH B 2 .   ? -4.721  -19.319 5.346   1.00 64.65  ? 258 HOH A O   1 
HETATM 1699 O O   . HOH B 2 .   ? -4.898  18.335  8.348   1.00 52.53  ? 259 HOH A O   1 
HETATM 1700 O O   . HOH B 2 .   ? -6.936  21.340  2.580   1.00 66.99  ? 260 HOH A O   1 
HETATM 1701 O O   . HOH B 2 .   ? 2.035   -6.976  18.138  1.00 44.10  ? 261 HOH A O   1 
HETATM 1702 O O   . HOH B 2 .   ? -4.802  0.566   21.736  1.00 67.02  ? 262 HOH A O   1 
HETATM 1703 O O   . HOH B 2 .   ? -3.891  3.492   19.848  1.00 38.95  ? 263 HOH A O   1 
HETATM 1704 O O   . HOH B 2 .   ? -8.779  -17.994 -5.140  1.00 61.28  ? 264 HOH A O   1 
HETATM 1705 O O   . HOH B 2 .   ? 16.760  0.894   16.152  1.00 46.22  ? 265 HOH A O   1 
HETATM 1706 O O   . HOH B 2 .   ? -13.532 17.350  14.219  1.00 69.56  ? 266 HOH A O   1 
# 
